data_6OFA
#
_entry.id   6OFA
#
_entity_poly.entity_id   1
_entity_poly.type   'polypeptide(L)'
_entity_poly.pdbx_seq_one_letter_code
;ASPQQAKYCYEQCNVNKVPFDQCYQMCSPLERS
;
_entity_poly.pdbx_strand_id   A
#
# COMPACT_ATOMS: atom_id res chain seq x y z
N ALA A 1 5.38 12.73 -7.78
CA ALA A 1 5.34 11.34 -7.30
C ALA A 1 5.72 11.28 -5.84
N SER A 2 5.56 10.12 -5.22
CA SER A 2 5.81 9.97 -3.79
C SER A 2 5.98 8.50 -3.43
N PRO A 3 7.15 7.91 -3.74
CA PRO A 3 7.46 6.52 -3.35
C PRO A 3 7.34 6.30 -1.85
N GLN A 4 7.51 7.37 -1.09
CA GLN A 4 7.42 7.32 0.37
C GLN A 4 6.00 7.00 0.81
N GLN A 5 5.03 7.64 0.17
CA GLN A 5 3.63 7.41 0.49
C GLN A 5 3.23 5.99 0.12
N ALA A 6 3.78 5.49 -0.97
CA ALA A 6 3.57 4.12 -1.38
C ALA A 6 4.10 3.16 -0.33
N LYS A 7 5.33 3.40 0.12
CA LYS A 7 5.97 2.55 1.11
C LYS A 7 5.19 2.60 2.42
N TYR A 8 4.64 3.77 2.73
CA TYR A 8 3.83 3.96 3.91
C TYR A 8 2.56 3.10 3.83
N CYS A 9 1.94 3.11 2.65
CA CYS A 9 0.71 2.35 2.43
C CYS A 9 0.98 0.86 2.57
N TYR A 10 2.02 0.38 1.88
CA TYR A 10 2.37 -1.04 1.91
C TYR A 10 2.87 -1.47 3.28
N GLU A 11 3.37 -0.53 4.06
CA GLU A 11 3.81 -0.83 5.41
C GLU A 11 2.63 -0.85 6.38
N GLN A 12 1.84 0.23 6.41
CA GLN A 12 0.80 0.36 7.40
C GLN A 12 -0.35 -0.61 7.15
N CYS A 13 -0.49 -1.06 5.91
CA CYS A 13 -1.58 -1.96 5.56
C CYS A 13 -1.51 -3.24 6.39
N ASN A 14 -0.34 -3.88 6.39
CA ASN A 14 -0.17 -5.11 7.16
C ASN A 14 0.07 -4.81 8.64
N VAL A 15 0.65 -3.65 8.94
CA VAL A 15 0.86 -3.23 10.32
C VAL A 15 -0.48 -3.10 11.04
N ASN A 16 -1.48 -2.53 10.36
CA ASN A 16 -2.80 -2.43 10.95
C ASN A 16 -3.42 -3.83 10.99
N LYS A 17 -3.91 -4.30 9.84
CA LYS A 17 -4.26 -5.71 9.64
C LYS A 17 -4.95 -5.90 8.28
N VAL A 18 -4.19 -6.12 7.21
CA VAL A 18 -4.80 -6.47 5.93
C VAL A 18 -3.94 -7.51 5.22
N PRO A 19 -4.56 -8.45 4.49
CA PRO A 19 -3.86 -9.41 3.64
C PRO A 19 -3.04 -8.72 2.54
N PHE A 20 -1.96 -9.35 2.08
CA PHE A 20 -1.08 -8.74 1.08
C PHE A 20 -1.86 -8.35 -0.18
N ASP A 21 -2.72 -9.24 -0.64
CA ASP A 21 -3.52 -8.99 -1.85
C ASP A 21 -4.43 -7.78 -1.65
N GLN A 22 -4.99 -7.63 -0.45
CA GLN A 22 -5.80 -6.46 -0.13
C GLN A 22 -4.92 -5.22 -0.07
N CYS A 23 -3.70 -5.38 0.43
CA CYS A 23 -2.75 -4.27 0.49
C CYS A 23 -2.44 -3.78 -0.91
N TYR A 24 -2.17 -4.71 -1.81
CA TYR A 24 -1.92 -4.38 -3.21
C TYR A 24 -3.14 -3.71 -3.81
N GLN A 25 -4.32 -4.14 -3.39
CA GLN A 25 -5.57 -3.63 -3.95
C GLN A 25 -5.76 -2.16 -3.62
N MET A 26 -5.37 -1.78 -2.40
CA MET A 26 -5.54 -0.41 -1.94
C MET A 26 -4.38 0.48 -2.36
N CYS A 27 -3.15 -0.03 -2.24
CA CYS A 27 -1.96 0.80 -2.46
C CYS A 27 -1.60 0.93 -3.94
N SER A 28 -2.08 0.00 -4.78
CA SER A 28 -1.73 0.03 -6.19
C SER A 28 -2.14 1.34 -6.90
N PRO A 29 -3.37 1.86 -6.71
CA PRO A 29 -3.79 3.15 -7.31
C PRO A 29 -2.83 4.29 -6.97
N LEU A 30 -2.32 4.27 -5.74
CA LEU A 30 -1.36 5.26 -5.27
C LEU A 30 -0.04 5.05 -5.98
N GLU A 31 0.50 3.85 -5.85
CA GLU A 31 1.83 3.53 -6.35
C GLU A 31 1.89 3.61 -7.88
N ARG A 32 1.12 2.78 -8.55
CA ARG A 32 1.12 2.75 -10.01
C ARG A 32 -0.21 2.30 -10.57
N SER A 33 -0.96 3.24 -11.11
CA SER A 33 -2.19 2.95 -11.84
C SER A 33 -2.43 4.04 -12.89
N ALA A 1 7.18 11.36 -8.69
CA ALA A 1 7.88 10.20 -8.11
C ALA A 1 7.96 10.34 -6.59
N SER A 2 7.42 9.37 -5.88
CA SER A 2 7.42 9.40 -4.41
C SER A 2 7.20 7.99 -3.86
N PRO A 3 8.19 7.09 -4.05
CA PRO A 3 8.07 5.69 -3.59
C PRO A 3 7.81 5.57 -2.09
N GLN A 4 8.23 6.56 -1.31
CA GLN A 4 8.06 6.53 0.13
C GLN A 4 6.59 6.54 0.52
N GLN A 5 5.77 7.28 -0.23
CA GLN A 5 4.34 7.36 0.05
C GLN A 5 3.69 6.00 -0.16
N ALA A 6 4.08 5.34 -1.23
CA ALA A 6 3.60 3.99 -1.51
C ALA A 6 4.09 3.02 -0.45
N LYS A 7 5.35 3.20 -0.04
CA LYS A 7 5.94 2.34 0.98
C LYS A 7 5.20 2.50 2.31
N TYR A 8 4.75 3.73 2.58
CA TYR A 8 3.95 4.01 3.76
C TYR A 8 2.64 3.23 3.73
N CYS A 9 2.04 3.16 2.55
CA CYS A 9 0.78 2.44 2.36
C CYS A 9 0.97 0.95 2.64
N TYR A 10 2.02 0.38 2.07
CA TYR A 10 2.34 -1.04 2.27
C TYR A 10 2.80 -1.31 3.70
N GLU A 11 3.33 -0.29 4.37
CA GLU A 11 3.74 -0.41 5.74
C GLU A 11 2.53 -0.58 6.65
N GLN A 12 1.69 0.45 6.68
CA GLN A 12 0.61 0.53 7.66
C GLN A 12 -0.50 -0.46 7.37
N CYS A 13 -0.62 -0.89 6.12
CA CYS A 13 -1.67 -1.84 5.75
C CYS A 13 -1.50 -3.14 6.52
N ASN A 14 -0.30 -3.70 6.46
CA ASN A 14 0.00 -4.96 7.16
C ASN A 14 0.11 -4.72 8.67
N VAL A 15 0.49 -3.50 9.06
CA VAL A 15 0.61 -3.17 10.47
C VAL A 15 -0.76 -3.17 11.14
N ASN A 16 -1.78 -2.71 10.44
CA ASN A 16 -3.13 -2.70 11.00
C ASN A 16 -3.69 -4.12 11.02
N LYS A 17 -4.11 -4.58 9.84
CA LYS A 17 -4.52 -5.97 9.64
C LYS A 17 -5.08 -6.16 8.22
N VAL A 18 -4.21 -6.41 7.24
CA VAL A 18 -4.68 -6.69 5.89
C VAL A 18 -3.75 -7.70 5.22
N PRO A 19 -4.31 -8.61 4.41
CA PRO A 19 -3.53 -9.49 3.54
C PRO A 19 -2.77 -8.69 2.48
N PHE A 20 -1.65 -9.23 1.99
CA PHE A 20 -0.83 -8.50 1.02
C PHE A 20 -1.65 -8.12 -0.22
N ASP A 21 -2.48 -9.04 -0.70
CA ASP A 21 -3.30 -8.79 -1.87
C ASP A 21 -4.24 -7.60 -1.62
N GLN A 22 -4.80 -7.53 -0.42
CA GLN A 22 -5.63 -6.41 -0.03
C GLN A 22 -4.82 -5.12 0.00
N CYS A 23 -3.59 -5.22 0.49
CA CYS A 23 -2.70 -4.07 0.53
C CYS A 23 -2.42 -3.59 -0.88
N TYR A 24 -2.16 -4.53 -1.78
CA TYR A 24 -1.95 -4.22 -3.18
C TYR A 24 -3.17 -3.51 -3.75
N GLN A 25 -4.36 -3.94 -3.33
CA GLN A 25 -5.60 -3.42 -3.89
C GLN A 25 -5.80 -1.97 -3.50
N MET A 26 -5.39 -1.62 -2.29
CA MET A 26 -5.56 -0.26 -1.80
C MET A 26 -4.39 0.65 -2.23
N CYS A 27 -3.19 0.10 -2.25
CA CYS A 27 -2.01 0.90 -2.59
C CYS A 27 -1.78 1.01 -4.10
N SER A 28 -2.34 0.09 -4.89
CA SER A 28 -2.16 0.14 -6.34
C SER A 28 -2.72 1.42 -6.98
N PRO A 29 -3.95 1.89 -6.62
CA PRO A 29 -4.46 3.18 -7.13
C PRO A 29 -3.54 4.36 -6.79
N LEU A 30 -2.74 4.18 -5.74
CA LEU A 30 -1.82 5.21 -5.29
C LEU A 30 -0.53 5.14 -6.10
N GLU A 31 0.15 4.02 -5.97
CA GLU A 31 1.46 3.82 -6.60
C GLU A 31 1.33 3.79 -8.13
N ARG A 32 0.31 3.09 -8.61
CA ARG A 32 0.02 2.99 -10.04
C ARG A 32 1.18 2.39 -10.81
N SER A 33 1.23 1.08 -10.83
CA SER A 33 2.22 0.35 -11.60
C SER A 33 1.52 -0.40 -12.73
N ALA A 1 6.38 12.62 -8.06
CA ALA A 1 6.42 11.25 -7.51
C ALA A 1 6.81 11.28 -6.03
N SER A 2 6.29 10.32 -5.29
CA SER A 2 6.56 10.24 -3.85
C SER A 2 6.45 8.78 -3.40
N PRO A 3 7.41 7.92 -3.81
CA PRO A 3 7.39 6.49 -3.49
C PRO A 3 7.26 6.18 -2.00
N GLN A 4 7.63 7.14 -1.15
CA GLN A 4 7.54 6.95 0.29
C GLN A 4 6.09 6.82 0.74
N GLN A 5 5.19 7.44 -0.01
CA GLN A 5 3.76 7.35 0.28
C GLN A 5 3.27 5.93 0.02
N ALA A 6 3.79 5.34 -1.04
CA ALA A 6 3.47 3.95 -1.36
C ALA A 6 4.05 3.03 -0.30
N LYS A 7 5.28 3.30 0.10
CA LYS A 7 5.96 2.52 1.12
C LYS A 7 5.21 2.61 2.45
N TYR A 8 4.65 3.79 2.71
CA TYR A 8 3.83 4.01 3.91
C TYR A 8 2.54 3.21 3.82
N CYS A 9 1.93 3.23 2.64
CA CYS A 9 0.68 2.51 2.41
C CYS A 9 0.85 1.03 2.68
N TYR A 10 1.89 0.44 2.09
CA TYR A 10 2.17 -0.98 2.27
C TYR A 10 2.56 -1.30 3.71
N GLU A 11 3.28 -0.39 4.36
CA GLU A 11 3.72 -0.60 5.73
C GLU A 11 2.54 -0.67 6.68
N GLN A 12 1.65 0.32 6.58
CA GLN A 12 0.50 0.39 7.47
C GLN A 12 -0.45 -0.79 7.27
N CYS A 13 -0.36 -1.42 6.10
CA CYS A 13 -1.16 -2.60 5.82
C CYS A 13 -0.90 -3.71 6.84
N ASN A 14 0.36 -4.04 7.06
CA ASN A 14 0.72 -5.09 8.01
C ASN A 14 0.69 -4.56 9.43
N VAL A 15 0.95 -3.27 9.59
CA VAL A 15 0.86 -2.63 10.90
C VAL A 15 -0.52 -2.81 11.49
N ASN A 16 -1.56 -2.53 10.70
CA ASN A 16 -2.92 -2.66 11.21
C ASN A 16 -3.35 -4.13 11.18
N LYS A 17 -3.76 -4.59 9.99
CA LYS A 17 -3.98 -6.02 9.72
C LYS A 17 -4.67 -6.21 8.37
N VAL A 18 -3.94 -6.29 7.27
CA VAL A 18 -4.59 -6.58 5.99
C VAL A 18 -3.78 -7.60 5.20
N PRO A 19 -4.45 -8.49 4.45
CA PRO A 19 -3.79 -9.39 3.52
C PRO A 19 -3.08 -8.63 2.40
N PHE A 20 -1.99 -9.19 1.87
CA PHE A 20 -1.21 -8.49 0.84
C PHE A 20 -2.05 -8.16 -0.39
N ASP A 21 -2.91 -9.08 -0.80
CA ASP A 21 -3.75 -8.87 -1.98
C ASP A 21 -4.69 -7.68 -1.77
N GLN A 22 -5.18 -7.54 -0.54
CA GLN A 22 -5.99 -6.39 -0.15
C GLN A 22 -5.15 -5.12 -0.22
N CYS A 23 -3.92 -5.21 0.29
CA CYS A 23 -3.02 -4.06 0.30
C CYS A 23 -2.71 -3.63 -1.12
N TYR A 24 -2.45 -4.61 -1.98
CA TYR A 24 -2.16 -4.35 -3.37
C TYR A 24 -3.33 -3.64 -4.04
N GLN A 25 -4.55 -3.94 -3.60
CA GLN A 25 -5.74 -3.37 -4.20
C GLN A 25 -5.86 -1.89 -3.86
N MET A 26 -5.37 -1.52 -2.69
CA MET A 26 -5.43 -0.14 -2.25
C MET A 26 -4.20 0.67 -2.68
N CYS A 27 -3.01 0.11 -2.44
CA CYS A 27 -1.78 0.86 -2.64
C CYS A 27 -1.31 0.86 -4.10
N SER A 28 -1.73 -0.12 -4.91
CA SER A 28 -1.31 -0.17 -6.30
C SER A 28 -1.81 1.05 -7.10
N PRO A 29 -3.12 1.41 -7.03
CA PRO A 29 -3.64 2.62 -7.70
C PRO A 29 -2.92 3.91 -7.26
N LEU A 30 -2.19 3.82 -6.16
CA LEU A 30 -1.39 4.94 -5.66
C LEU A 30 -0.05 4.92 -6.37
N GLU A 31 0.66 3.80 -6.22
CA GLU A 31 2.02 3.66 -6.74
C GLU A 31 2.02 3.63 -8.27
N ARG A 32 0.95 3.12 -8.85
CA ARG A 32 0.88 2.97 -10.30
C ARG A 32 -0.23 3.87 -10.83
N SER A 33 -0.10 4.28 -12.08
CA SER A 33 -1.10 5.13 -12.71
C SER A 33 -1.77 4.38 -13.86
N ALA A 1 5.03 9.70 -8.74
CA ALA A 1 3.79 10.33 -8.23
C ALA A 1 3.82 10.47 -6.71
N SER A 2 3.89 9.34 -6.01
CA SER A 2 3.89 9.36 -4.55
C SER A 2 4.63 8.13 -3.97
N PRO A 3 5.92 7.96 -4.33
CA PRO A 3 6.70 6.78 -3.91
C PRO A 3 6.80 6.64 -2.39
N GLN A 4 7.29 7.69 -1.74
CA GLN A 4 7.50 7.69 -0.30
C GLN A 4 6.23 7.38 0.47
N GLN A 5 5.11 7.87 -0.05
CA GLN A 5 3.82 7.66 0.60
C GLN A 5 3.32 6.24 0.36
N ALA A 6 3.62 5.71 -0.82
CA ALA A 6 3.26 4.36 -1.18
C ALA A 6 3.96 3.36 -0.28
N LYS A 7 5.22 3.64 0.04
CA LYS A 7 5.99 2.78 0.93
C LYS A 7 5.33 2.73 2.31
N TYR A 8 4.75 3.86 2.70
CA TYR A 8 3.99 3.94 3.96
C TYR A 8 2.73 3.08 3.87
N CYS A 9 2.06 3.12 2.71
CA CYS A 9 0.85 2.34 2.49
C CYS A 9 1.15 0.85 2.65
N TYR A 10 2.24 0.40 2.02
CA TYR A 10 2.63 -1.01 2.07
C TYR A 10 3.15 -1.40 3.44
N GLU A 11 3.75 -0.47 4.17
CA GLU A 11 4.25 -0.75 5.50
C GLU A 11 3.09 -0.94 6.47
N GLN A 12 2.18 0.03 6.52
CA GLN A 12 1.15 0.06 7.56
C GLN A 12 -0.01 -0.87 7.26
N CYS A 13 -0.17 -1.26 6.01
CA CYS A 13 -1.32 -2.06 5.61
C CYS A 13 -1.40 -3.36 6.42
N ASN A 14 -0.33 -4.15 6.40
CA ASN A 14 -0.27 -5.40 7.18
C ASN A 14 -0.21 -5.09 8.68
N VAL A 15 0.37 -3.95 9.03
CA VAL A 15 0.51 -3.58 10.44
C VAL A 15 -0.86 -3.26 11.04
N ASN A 16 -1.72 -2.61 10.27
CA ASN A 16 -3.07 -2.33 10.74
C ASN A 16 -3.84 -3.64 10.86
N LYS A 17 -4.26 -4.17 9.70
CA LYS A 17 -4.84 -5.51 9.59
C LYS A 17 -5.33 -5.74 8.16
N VAL A 18 -4.45 -6.18 7.26
CA VAL A 18 -4.90 -6.49 5.90
C VAL A 18 -4.03 -7.62 5.32
N PRO A 19 -4.65 -8.52 4.54
CA PRO A 19 -3.92 -9.51 3.72
C PRO A 19 -3.11 -8.82 2.61
N PHE A 20 -2.05 -9.46 2.13
CA PHE A 20 -1.17 -8.82 1.14
C PHE A 20 -1.96 -8.35 -0.09
N ASP A 21 -2.85 -9.19 -0.59
CA ASP A 21 -3.65 -8.84 -1.76
C ASP A 21 -4.50 -7.60 -1.51
N GLN A 22 -5.02 -7.48 -0.30
CA GLN A 22 -5.74 -6.28 0.13
C GLN A 22 -4.78 -5.09 0.15
N CYS A 23 -3.56 -5.32 0.62
CA CYS A 23 -2.54 -4.26 0.63
C CYS A 23 -2.26 -3.81 -0.79
N TYR A 24 -2.08 -4.77 -1.69
CA TYR A 24 -1.81 -4.48 -3.07
C TYR A 24 -2.98 -3.75 -3.71
N GLN A 25 -4.19 -4.17 -3.38
CA GLN A 25 -5.38 -3.64 -4.06
C GLN A 25 -5.67 -2.21 -3.62
N MET A 26 -5.20 -1.85 -2.43
CA MET A 26 -5.41 -0.51 -1.92
C MET A 26 -4.29 0.43 -2.38
N CYS A 27 -3.05 -0.04 -2.29
CA CYS A 27 -1.89 0.83 -2.56
C CYS A 27 -1.58 0.94 -4.05
N SER A 28 -1.95 -0.06 -4.86
CA SER A 28 -1.63 -0.03 -6.29
C SER A 28 -2.26 1.15 -7.04
N PRO A 29 -3.58 1.46 -6.85
CA PRO A 29 -4.22 2.62 -7.49
C PRO A 29 -3.57 3.95 -7.07
N LEU A 30 -2.78 3.91 -6.02
CA LEU A 30 -2.05 5.07 -5.55
C LEU A 30 -0.72 5.19 -6.27
N GLU A 31 0.09 4.15 -6.15
CA GLU A 31 1.44 4.16 -6.70
C GLU A 31 1.42 4.04 -8.22
N ARG A 32 0.68 3.07 -8.72
CA ARG A 32 0.76 2.74 -10.14
C ARG A 32 -0.38 3.40 -10.91
N SER A 33 -0.37 4.72 -10.93
CA SER A 33 -1.34 5.49 -11.68
C SER A 33 -0.67 6.73 -12.24
N ALA A 1 2.88 11.73 -7.70
CA ALA A 1 4.09 10.88 -7.85
C ALA A 1 4.85 10.78 -6.54
N SER A 2 4.84 9.61 -5.93
CA SER A 2 5.50 9.40 -4.65
C SER A 2 5.55 7.92 -4.29
N PRO A 3 6.54 7.17 -4.82
CA PRO A 3 6.79 5.79 -4.40
C PRO A 3 7.05 5.68 -2.89
N GLN A 4 7.40 6.82 -2.29
CA GLN A 4 7.70 6.86 -0.86
C GLN A 4 6.44 6.68 -0.03
N GLN A 5 5.40 7.45 -0.34
CA GLN A 5 4.14 7.35 0.41
C GLN A 5 3.52 5.97 0.23
N ALA A 6 3.83 5.34 -0.89
CA ALA A 6 3.34 4.00 -1.17
C ALA A 6 3.94 2.99 -0.20
N LYS A 7 5.21 3.19 0.14
CA LYS A 7 5.90 2.33 1.09
C LYS A 7 5.19 2.39 2.44
N TYR A 8 4.71 3.58 2.79
CA TYR A 8 3.95 3.77 4.02
C TYR A 8 2.62 3.04 3.93
N CYS A 9 1.96 3.16 2.78
CA CYS A 9 0.67 2.51 2.56
C CYS A 9 0.80 1.01 2.79
N TYR A 10 1.81 0.40 2.17
CA TYR A 10 2.05 -1.04 2.29
C TYR A 10 2.50 -1.43 3.69
N GLU A 11 3.41 -0.64 4.26
CA GLU A 11 4.00 -0.98 5.55
C GLU A 11 2.92 -0.97 6.64
N GLN A 12 1.99 -0.02 6.58
CA GLN A 12 0.98 0.08 7.63
C GLN A 12 -0.12 -0.95 7.45
N CYS A 13 -0.24 -1.51 6.25
CA CYS A 13 -1.28 -2.50 5.99
C CYS A 13 -1.23 -3.66 6.99
N ASN A 14 -0.11 -4.38 7.03
CA ASN A 14 -0.01 -5.53 7.94
C ASN A 14 0.08 -5.06 9.40
N VAL A 15 0.59 -3.85 9.59
CA VAL A 15 0.65 -3.25 10.92
C VAL A 15 -0.75 -3.08 11.49
N ASN A 16 -1.67 -2.57 10.68
CA ASN A 16 -3.05 -2.37 11.14
C ASN A 16 -3.80 -3.70 11.11
N LYS A 17 -4.21 -4.14 9.92
CA LYS A 17 -4.76 -5.46 9.68
C LYS A 17 -5.23 -5.61 8.22
N VAL A 18 -4.30 -5.94 7.32
CA VAL A 18 -4.66 -6.19 5.92
C VAL A 18 -3.55 -6.97 5.22
N PRO A 19 -3.93 -8.10 4.56
CA PRO A 19 -2.99 -8.92 3.77
C PRO A 19 -2.36 -8.14 2.61
N PHE A 20 -1.16 -8.53 2.20
CA PHE A 20 -0.44 -7.83 1.14
C PHE A 20 -1.28 -7.75 -0.15
N ASP A 21 -1.94 -8.85 -0.50
CA ASP A 21 -2.73 -8.92 -1.73
C ASP A 21 -3.87 -7.90 -1.70
N GLN A 22 -4.54 -7.79 -0.56
CA GLN A 22 -5.59 -6.79 -0.39
C GLN A 22 -4.99 -5.39 -0.35
N CYS A 23 -3.80 -5.28 0.22
CA CYS A 23 -3.09 -3.99 0.26
C CYS A 23 -2.75 -3.54 -1.15
N TYR A 24 -2.39 -4.51 -1.99
CA TYR A 24 -2.11 -4.25 -3.39
C TYR A 24 -3.32 -3.61 -4.07
N GLN A 25 -4.50 -4.02 -3.65
CA GLN A 25 -5.74 -3.54 -4.27
C GLN A 25 -5.97 -2.07 -3.95
N MET A 26 -5.50 -1.63 -2.78
CA MET A 26 -5.66 -0.26 -2.36
C MET A 26 -4.48 0.62 -2.77
N CYS A 27 -3.27 0.21 -2.41
CA CYS A 27 -2.10 1.07 -2.57
C CYS A 27 -1.57 1.12 -4.01
N SER A 28 -1.83 0.08 -4.80
CA SER A 28 -1.36 0.06 -6.19
C SER A 28 -1.97 1.18 -7.04
N PRO A 29 -3.31 1.36 -7.06
CA PRO A 29 -3.94 2.49 -7.76
C PRO A 29 -3.32 3.84 -7.37
N LEU A 30 -3.02 3.98 -6.08
CA LEU A 30 -2.33 5.15 -5.55
C LEU A 30 -0.99 5.37 -6.27
N GLU A 31 -0.15 4.36 -6.24
CA GLU A 31 1.20 4.45 -6.76
C GLU A 31 1.21 4.40 -8.29
N ARG A 32 0.61 3.36 -8.85
CA ARG A 32 0.56 3.19 -10.30
C ARG A 32 -0.78 3.66 -10.84
N SER A 33 -0.88 4.96 -11.03
CA SER A 33 -2.07 5.56 -11.61
C SER A 33 -2.09 5.30 -13.12
N ALA A 1 4.65 12.59 -7.74
CA ALA A 1 4.87 11.25 -7.14
C ALA A 1 5.56 11.38 -5.79
N SER A 2 5.42 10.36 -4.96
CA SER A 2 6.00 10.37 -3.62
C SER A 2 6.16 8.95 -3.11
N PRO A 3 7.30 8.29 -3.43
CA PRO A 3 7.58 6.90 -3.00
C PRO A 3 7.31 6.65 -1.52
N GLN A 4 7.60 7.64 -0.68
CA GLN A 4 7.37 7.52 0.76
C GLN A 4 5.90 7.25 1.08
N GLN A 5 5.01 7.67 0.19
CA GLN A 5 3.59 7.45 0.37
C GLN A 5 3.24 6.00 0.07
N ALA A 6 3.82 5.48 -1.00
CA ALA A 6 3.62 4.09 -1.39
C ALA A 6 4.20 3.17 -0.33
N LYS A 7 5.41 3.48 0.12
CA LYS A 7 6.07 2.67 1.14
C LYS A 7 5.24 2.70 2.43
N TYR A 8 4.65 3.85 2.71
CA TYR A 8 3.82 4.01 3.91
C TYR A 8 2.57 3.15 3.81
N CYS A 9 1.95 3.15 2.65
CA CYS A 9 0.70 2.40 2.44
C CYS A 9 0.96 0.90 2.62
N TYR A 10 1.97 0.39 1.94
CA TYR A 10 2.30 -1.04 2.02
C TYR A 10 2.83 -1.40 3.40
N GLU A 11 3.49 -0.46 4.04
CA GLU A 11 4.05 -0.70 5.36
C GLU A 11 2.95 -0.78 6.41
N GLN A 12 2.04 0.19 6.40
CA GLN A 12 1.03 0.28 7.44
C GLN A 12 -0.15 -0.65 7.20
N CYS A 13 -0.37 -1.04 5.94
CA CYS A 13 -1.53 -1.85 5.60
C CYS A 13 -1.52 -3.17 6.37
N ASN A 14 -0.44 -3.94 6.23
CA ASN A 14 -0.32 -5.21 6.95
C ASN A 14 -0.08 -4.98 8.45
N VAL A 15 0.51 -3.85 8.80
CA VAL A 15 0.74 -3.51 10.21
C VAL A 15 -0.58 -3.27 10.93
N ASN A 16 -1.53 -2.62 10.25
CA ASN A 16 -2.86 -2.42 10.84
C ASN A 16 -3.55 -3.76 10.96
N LYS A 17 -4.03 -4.27 9.81
CA LYS A 17 -4.48 -5.64 9.69
C LYS A 17 -5.09 -5.88 8.30
N VAL A 18 -4.27 -6.18 7.30
CA VAL A 18 -4.80 -6.53 5.99
C VAL A 18 -3.88 -7.55 5.32
N PRO A 19 -4.46 -8.49 4.55
CA PRO A 19 -3.70 -9.39 3.69
C PRO A 19 -2.94 -8.63 2.60
N PHE A 20 -1.79 -9.15 2.19
CA PHE A 20 -0.96 -8.46 1.19
C PHE A 20 -1.74 -8.26 -0.12
N ASP A 21 -2.52 -9.27 -0.51
CA ASP A 21 -3.32 -9.19 -1.73
C ASP A 21 -4.33 -8.03 -1.63
N GLN A 22 -4.84 -7.79 -0.43
CA GLN A 22 -5.73 -6.66 -0.19
C GLN A 22 -4.94 -5.36 -0.19
N CYS A 23 -3.73 -5.39 0.35
CA CYS A 23 -2.87 -4.21 0.36
C CYS A 23 -2.60 -3.76 -1.08
N TYR A 24 -2.40 -4.75 -1.95
CA TYR A 24 -2.20 -4.49 -3.37
C TYR A 24 -3.46 -3.90 -4.03
N GLN A 25 -4.59 -4.04 -3.38
CA GLN A 25 -5.84 -3.52 -3.93
C GLN A 25 -5.95 -2.02 -3.64
N MET A 26 -5.56 -1.63 -2.44
CA MET A 26 -5.69 -0.24 -2.00
C MET A 26 -4.48 0.60 -2.38
N CYS A 27 -3.28 0.06 -2.21
CA CYS A 27 -2.06 0.84 -2.42
C CYS A 27 -1.64 0.90 -3.90
N SER A 28 -2.18 0.02 -4.74
CA SER A 28 -1.76 -0.01 -6.14
C SER A 28 -2.06 1.30 -6.89
N PRO A 29 -3.28 1.90 -6.78
CA PRO A 29 -3.57 3.18 -7.46
C PRO A 29 -2.62 4.31 -7.02
N LEU A 30 -2.01 4.14 -5.87
CA LEU A 30 -1.05 5.10 -5.34
C LEU A 30 0.30 4.87 -6.01
N GLU A 31 0.80 3.65 -5.87
CA GLU A 31 2.12 3.28 -6.38
C GLU A 31 2.15 3.29 -7.91
N ARG A 32 1.05 2.91 -8.53
CA ARG A 32 0.93 2.94 -9.99
C ARG A 32 -0.42 3.53 -10.37
N SER A 33 -0.44 4.84 -10.54
CA SER A 33 -1.68 5.54 -10.87
C SER A 33 -1.97 5.43 -12.36
N ALA A 1 6.51 11.13 -8.70
CA ALA A 1 6.83 9.85 -8.04
C ALA A 1 6.09 9.73 -6.72
N SER A 2 6.13 8.55 -6.11
CA SER A 2 5.43 8.33 -4.85
C SER A 2 5.95 7.09 -4.12
N PRO A 3 7.28 6.99 -3.91
CA PRO A 3 7.88 5.80 -3.29
C PRO A 3 7.54 5.65 -1.80
N GLN A 4 7.76 6.72 -1.04
CA GLN A 4 7.55 6.68 0.41
C GLN A 4 6.07 6.54 0.74
N GLN A 5 5.25 7.22 -0.03
CA GLN A 5 3.80 7.15 0.17
C GLN A 5 3.30 5.71 -0.04
N ALA A 6 3.81 5.08 -1.10
CA ALA A 6 3.44 3.71 -1.39
C ALA A 6 3.98 2.77 -0.31
N LYS A 7 5.20 3.02 0.12
CA LYS A 7 5.84 2.18 1.14
C LYS A 7 5.08 2.31 2.46
N TYR A 8 4.62 3.53 2.75
CA TYR A 8 3.82 3.78 3.95
C TYR A 8 2.48 3.04 3.86
N CYS A 9 1.88 3.08 2.67
CA CYS A 9 0.60 2.41 2.45
C CYS A 9 0.73 0.93 2.73
N TYR A 10 1.79 0.32 2.19
CA TYR A 10 2.03 -1.10 2.35
C TYR A 10 2.47 -1.46 3.77
N GLU A 11 3.29 -0.61 4.38
CA GLU A 11 3.77 -0.87 5.73
C GLU A 11 2.61 -0.86 6.72
N GLN A 12 1.74 0.16 6.61
CA GLN A 12 0.64 0.30 7.55
C GLN A 12 -0.37 -0.83 7.39
N CYS A 13 -0.37 -1.46 6.23
CA CYS A 13 -1.27 -2.58 6.00
C CYS A 13 -1.03 -3.70 7.01
N ASN A 14 0.21 -4.15 7.15
CA ASN A 14 0.51 -5.23 8.08
C ASN A 14 0.54 -4.71 9.52
N VAL A 15 0.88 -3.44 9.69
CA VAL A 15 0.87 -2.83 11.01
C VAL A 15 -0.54 -2.82 11.58
N ASN A 16 -1.52 -2.44 10.76
CA ASN A 16 -2.89 -2.39 11.22
C ASN A 16 -3.53 -3.78 11.18
N LYS A 17 -3.92 -4.22 9.97
CA LYS A 17 -4.34 -5.60 9.74
C LYS A 17 -4.90 -5.77 8.32
N VAL A 18 -4.04 -6.03 7.34
CA VAL A 18 -4.52 -6.29 5.97
C VAL A 18 -3.47 -7.05 5.16
N PRO A 19 -3.90 -8.13 4.49
CA PRO A 19 -3.03 -8.93 3.60
C PRO A 19 -2.44 -8.13 2.46
N PHE A 20 -1.26 -8.56 1.98
CA PHE A 20 -0.53 -7.86 0.92
C PHE A 20 -1.36 -7.75 -0.35
N ASP A 21 -2.08 -8.82 -0.70
CA ASP A 21 -2.88 -8.84 -1.92
C ASP A 21 -4.00 -7.80 -1.87
N GLN A 22 -4.67 -7.70 -0.73
CA GLN A 22 -5.68 -6.66 -0.52
C GLN A 22 -5.02 -5.28 -0.42
N CYS A 23 -3.85 -5.24 0.19
CA CYS A 23 -3.09 -3.98 0.27
C CYS A 23 -2.78 -3.48 -1.13
N TYR A 24 -2.38 -4.40 -2.00
CA TYR A 24 -2.13 -4.08 -3.40
C TYR A 24 -3.38 -3.48 -4.03
N GLN A 25 -4.55 -3.97 -3.62
CA GLN A 25 -5.81 -3.54 -4.23
C GLN A 25 -6.06 -2.07 -3.92
N MET A 26 -5.67 -1.65 -2.74
CA MET A 26 -5.89 -0.27 -2.30
C MET A 26 -4.72 0.64 -2.68
N CYS A 27 -3.49 0.18 -2.48
CA CYS A 27 -2.32 1.01 -2.68
C CYS A 27 -1.89 1.09 -4.16
N SER A 28 -2.38 0.18 -5.00
CA SER A 28 -1.99 0.17 -6.41
C SER A 28 -2.30 1.50 -7.13
N PRO A 29 -3.55 2.05 -7.03
CA PRO A 29 -3.89 3.34 -7.67
C PRO A 29 -2.94 4.47 -7.26
N LEU A 30 -2.41 4.37 -6.06
CA LEU A 30 -1.47 5.34 -5.53
C LEU A 30 -0.14 5.20 -6.27
N GLU A 31 0.38 3.99 -6.27
CA GLU A 31 1.70 3.70 -6.82
C GLU A 31 1.69 3.81 -8.34
N ARG A 32 0.72 3.20 -8.99
CA ARG A 32 0.65 3.19 -10.44
C ARG A 32 -0.80 3.23 -10.91
N SER A 33 -1.11 4.18 -11.76
CA SER A 33 -2.47 4.34 -12.26
C SER A 33 -2.43 4.85 -13.70
N ALA A 1 5.24 11.37 -7.51
CA ALA A 1 6.59 11.77 -7.07
C ALA A 1 6.73 11.70 -5.55
N SER A 2 6.45 10.53 -5.01
CA SER A 2 6.53 10.32 -3.56
C SER A 2 6.52 8.82 -3.26
N PRO A 3 7.60 8.11 -3.62
CA PRO A 3 7.70 6.66 -3.37
C PRO A 3 7.52 6.29 -1.90
N GLN A 4 7.85 7.23 -1.01
CA GLN A 4 7.75 6.99 0.42
C GLN A 4 6.30 6.87 0.86
N GLN A 5 5.43 7.69 0.28
CA GLN A 5 4.01 7.65 0.64
C GLN A 5 3.41 6.32 0.21
N ALA A 6 3.92 5.78 -0.88
CA ALA A 6 3.52 4.46 -1.34
C ALA A 6 4.01 3.39 -0.38
N LYS A 7 5.27 3.51 0.04
CA LYS A 7 5.85 2.57 0.98
C LYS A 7 5.08 2.59 2.30
N TYR A 8 4.66 3.78 2.71
CA TYR A 8 3.87 3.93 3.93
C TYR A 8 2.56 3.17 3.82
N CYS A 9 1.96 3.20 2.63
CA CYS A 9 0.72 2.49 2.36
C CYS A 9 0.93 0.98 2.51
N TYR A 10 1.98 0.47 1.88
CA TYR A 10 2.30 -0.95 1.90
C TYR A 10 2.82 -1.40 3.26
N GLU A 11 3.37 -0.47 4.03
CA GLU A 11 3.93 -0.78 5.33
C GLU A 11 2.83 -0.85 6.39
N GLN A 12 1.98 0.18 6.46
CA GLN A 12 1.00 0.28 7.53
C GLN A 12 -0.21 -0.62 7.29
N CYS A 13 -0.41 -1.02 6.04
CA CYS A 13 -1.58 -1.83 5.68
C CYS A 13 -1.60 -3.14 6.47
N ASN A 14 -0.50 -3.88 6.40
CA ASN A 14 -0.39 -5.14 7.12
C ASN A 14 -0.22 -4.91 8.62
N VAL A 15 0.39 -3.77 8.97
CA VAL A 15 0.60 -3.42 10.38
C VAL A 15 -0.74 -3.25 11.08
N ASN A 16 -1.70 -2.62 10.41
CA ASN A 16 -3.03 -2.51 10.98
C ASN A 16 -3.68 -3.89 11.03
N LYS A 17 -4.11 -4.38 9.86
CA LYS A 17 -4.51 -5.77 9.69
C LYS A 17 -5.08 -5.98 8.29
N VAL A 18 -4.24 -6.24 7.30
CA VAL A 18 -4.75 -6.59 5.97
C VAL A 18 -3.82 -7.59 5.31
N PRO A 19 -4.38 -8.53 4.52
CA PRO A 19 -3.59 -9.44 3.69
C PRO A 19 -2.83 -8.69 2.60
N PHE A 20 -1.73 -9.26 2.12
CA PHE A 20 -0.91 -8.60 1.10
C PHE A 20 -1.74 -8.24 -0.13
N ASP A 21 -2.57 -9.18 -0.58
CA ASP A 21 -3.41 -8.96 -1.76
C ASP A 21 -4.33 -7.75 -1.55
N GLN A 22 -4.87 -7.63 -0.34
CA GLN A 22 -5.71 -6.49 0.02
C GLN A 22 -4.90 -5.21 0.01
N CYS A 23 -3.67 -5.29 0.53
CA CYS A 23 -2.77 -4.14 0.53
C CYS A 23 -2.50 -3.69 -0.89
N TYR A 24 -2.27 -4.67 -1.76
CA TYR A 24 -2.02 -4.40 -3.16
C TYR A 24 -3.25 -3.75 -3.81
N GLN A 25 -4.44 -4.05 -3.29
CA GLN A 25 -5.67 -3.55 -3.91
C GLN A 25 -5.84 -2.06 -3.65
N MET A 26 -5.45 -1.61 -2.47
CA MET A 26 -5.62 -0.21 -2.10
C MET A 26 -4.45 0.64 -2.57
N CYS A 27 -3.23 0.14 -2.42
CA CYS A 27 -2.05 0.94 -2.72
C CYS A 27 -1.68 0.91 -4.21
N SER A 28 -2.28 0.01 -4.99
CA SER A 28 -1.96 -0.07 -6.42
C SER A 28 -2.32 1.22 -7.20
N PRO A 29 -3.55 1.78 -7.07
CA PRO A 29 -3.89 3.04 -7.75
C PRO A 29 -2.98 4.19 -7.34
N LEU A 30 -2.35 4.04 -6.19
CA LEU A 30 -1.43 5.04 -5.67
C LEU A 30 -0.07 4.86 -6.34
N GLU A 31 0.53 3.71 -6.09
CA GLU A 31 1.90 3.44 -6.54
C GLU A 31 1.96 3.27 -8.05
N ARG A 32 0.93 2.66 -8.63
CA ARG A 32 0.92 2.33 -10.07
C ARG A 32 2.11 1.42 -10.38
N SER A 33 1.99 0.17 -9.99
CA SER A 33 3.04 -0.82 -10.19
C SER A 33 3.21 -1.11 -11.68
N ALA A 1 8.81 12.21 -7.91
CA ALA A 1 8.54 10.86 -7.35
C ALA A 1 8.40 10.93 -5.84
N SER A 2 7.77 9.92 -5.25
CA SER A 2 7.54 9.91 -3.81
C SER A 2 7.44 8.48 -3.29
N PRO A 3 8.53 7.69 -3.35
CA PRO A 3 8.51 6.28 -2.95
C PRO A 3 8.05 6.06 -1.50
N GLN A 4 8.28 7.06 -0.64
CA GLN A 4 7.98 6.92 0.78
C GLN A 4 6.47 6.84 1.02
N GLN A 5 5.70 7.54 0.20
CA GLN A 5 4.25 7.54 0.36
C GLN A 5 3.68 6.17 -0.01
N ALA A 6 4.24 5.57 -1.03
CA ALA A 6 3.85 4.21 -1.42
C ALA A 6 4.27 3.21 -0.37
N LYS A 7 5.51 3.38 0.13
CA LYS A 7 6.04 2.51 1.15
C LYS A 7 5.20 2.63 2.42
N TYR A 8 4.66 3.82 2.65
CA TYR A 8 3.80 4.08 3.80
C TYR A 8 2.49 3.30 3.67
N CYS A 9 1.94 3.27 2.46
CA CYS A 9 0.70 2.54 2.20
C CYS A 9 0.91 1.05 2.48
N TYR A 10 2.00 0.51 1.98
CA TYR A 10 2.30 -0.91 2.14
C TYR A 10 2.78 -1.22 3.56
N GLU A 11 3.30 -0.24 4.27
CA GLU A 11 3.77 -0.49 5.62
C GLU A 11 2.59 -0.57 6.60
N GLN A 12 1.67 0.39 6.52
CA GLN A 12 0.60 0.48 7.50
C GLN A 12 -0.46 -0.58 7.26
N CYS A 13 -0.59 -1.04 6.02
CA CYS A 13 -1.64 -1.98 5.67
C CYS A 13 -1.50 -3.27 6.48
N ASN A 14 -0.33 -3.90 6.43
CA ASN A 14 -0.10 -5.13 7.19
C ASN A 14 0.05 -4.85 8.68
N VAL A 15 0.51 -3.64 9.02
CA VAL A 15 0.62 -3.24 10.41
C VAL A 15 -0.75 -3.23 11.08
N ASN A 16 -1.76 -2.72 10.36
CA ASN A 16 -3.10 -2.68 10.91
C ASN A 16 -3.68 -4.08 10.97
N LYS A 17 -4.09 -4.60 9.80
CA LYS A 17 -4.45 -6.01 9.64
C LYS A 17 -5.00 -6.26 8.22
N VAL A 18 -4.13 -6.49 7.24
CA VAL A 18 -4.60 -6.81 5.90
C VAL A 18 -3.67 -7.82 5.23
N PRO A 19 -4.24 -8.77 4.47
CA PRO A 19 -3.48 -9.65 3.59
C PRO A 19 -2.82 -8.87 2.45
N PHE A 20 -1.73 -9.39 1.89
CA PHE A 20 -0.99 -8.65 0.84
C PHE A 20 -1.93 -8.24 -0.30
N ASP A 21 -2.81 -9.13 -0.72
CA ASP A 21 -3.73 -8.85 -1.82
C ASP A 21 -4.58 -7.64 -1.51
N GLN A 22 -5.04 -7.52 -0.26
CA GLN A 22 -5.80 -6.36 0.18
C GLN A 22 -4.93 -5.11 0.16
N CYS A 23 -3.68 -5.26 0.58
CA CYS A 23 -2.74 -4.14 0.57
C CYS A 23 -2.53 -3.67 -0.85
N TYR A 24 -2.37 -4.63 -1.76
CA TYR A 24 -2.21 -4.34 -3.18
C TYR A 24 -3.45 -3.64 -3.73
N GLN A 25 -4.61 -3.93 -3.17
CA GLN A 25 -5.86 -3.36 -3.68
C GLN A 25 -5.93 -1.87 -3.38
N MET A 26 -5.47 -1.49 -2.20
CA MET A 26 -5.52 -0.11 -1.76
C MET A 26 -4.36 0.72 -2.32
N CYS A 27 -3.18 0.12 -2.36
CA CYS A 27 -1.98 0.85 -2.77
C CYS A 27 -1.78 0.85 -4.29
N SER A 28 -2.48 -0.02 -5.01
CA SER A 28 -2.31 -0.08 -6.47
C SER A 28 -2.64 1.25 -7.18
N PRO A 29 -3.80 1.89 -6.93
CA PRO A 29 -4.14 3.19 -7.55
C PRO A 29 -3.16 4.30 -7.17
N LEU A 30 -2.35 4.04 -6.17
CA LEU A 30 -1.35 4.99 -5.71
C LEU A 30 -0.04 4.75 -6.43
N GLU A 31 0.56 3.59 -6.17
CA GLU A 31 1.91 3.29 -6.63
C GLU A 31 1.96 3.03 -8.13
N ARG A 32 1.16 2.10 -8.60
CA ARG A 32 1.20 1.70 -10.01
C ARG A 32 -0.19 1.74 -10.63
N SER A 33 -0.55 2.89 -11.15
CA SER A 33 -1.82 3.06 -11.83
C SER A 33 -1.58 3.51 -13.27
N ALA A 1 5.22 8.13 -8.42
CA ALA A 1 6.19 9.22 -8.16
C ALA A 1 6.05 9.71 -6.71
N SER A 2 5.97 8.76 -5.78
CA SER A 2 5.79 9.07 -4.37
C SER A 2 6.26 7.90 -3.51
N PRO A 3 7.57 7.54 -3.60
CA PRO A 3 8.12 6.35 -2.92
C PRO A 3 7.83 6.32 -1.42
N GLN A 4 8.21 7.38 -0.71
CA GLN A 4 8.05 7.42 0.75
C GLN A 4 6.59 7.22 1.17
N GLN A 5 5.69 7.91 0.50
CA GLN A 5 4.28 7.84 0.84
C GLN A 5 3.69 6.49 0.44
N ALA A 6 4.09 5.99 -0.72
CA ALA A 6 3.64 4.68 -1.16
C ALA A 6 4.19 3.60 -0.23
N LYS A 7 5.41 3.78 0.23
CA LYS A 7 6.04 2.86 1.15
C LYS A 7 5.24 2.80 2.46
N TYR A 8 4.77 3.97 2.90
CA TYR A 8 4.00 4.06 4.13
C TYR A 8 2.66 3.34 3.96
N CYS A 9 2.09 3.45 2.78
CA CYS A 9 0.82 2.79 2.44
C CYS A 9 0.95 1.29 2.61
N TYR A 10 1.99 0.72 2.02
CA TYR A 10 2.19 -0.73 2.03
C TYR A 10 2.75 -1.23 3.35
N GLU A 11 3.47 -0.40 4.07
CA GLU A 11 4.08 -0.83 5.32
C GLU A 11 3.01 -0.96 6.42
N GLN A 12 2.15 0.05 6.55
CA GLN A 12 1.20 0.09 7.65
C GLN A 12 -0.01 -0.80 7.41
N CYS A 13 -0.33 -1.07 6.14
CA CYS A 13 -1.54 -1.81 5.82
C CYS A 13 -1.55 -3.19 6.49
N ASN A 14 -0.50 -3.98 6.29
CA ASN A 14 -0.41 -5.29 6.92
C ASN A 14 -0.12 -5.18 8.40
N VAL A 15 0.57 -4.12 8.81
CA VAL A 15 0.88 -3.92 10.22
C VAL A 15 -0.39 -3.67 11.02
N ASN A 16 -1.30 -2.88 10.45
CA ASN A 16 -2.57 -2.62 11.10
C ASN A 16 -3.43 -3.88 11.09
N LYS A 17 -3.96 -4.23 9.92
CA LYS A 17 -4.59 -5.53 9.72
C LYS A 17 -5.18 -5.64 8.30
N VAL A 18 -4.37 -6.01 7.32
CA VAL A 18 -4.89 -6.33 5.99
C VAL A 18 -3.97 -7.36 5.34
N PRO A 19 -4.54 -8.32 4.59
CA PRO A 19 -3.76 -9.26 3.78
C PRO A 19 -3.02 -8.52 2.66
N PHE A 20 -1.84 -9.01 2.26
CA PHE A 20 -1.03 -8.30 1.26
C PHE A 20 -1.83 -8.07 -0.02
N ASP A 21 -2.58 -9.08 -0.45
CA ASP A 21 -3.40 -8.97 -1.64
C ASP A 21 -4.37 -7.81 -1.54
N GLN A 22 -5.01 -7.66 -0.37
CA GLN A 22 -5.92 -6.56 -0.12
C GLN A 22 -5.16 -5.24 -0.16
N CYS A 23 -3.94 -5.24 0.37
CA CYS A 23 -3.10 -4.05 0.36
C CYS A 23 -2.79 -3.66 -1.08
N TYR A 24 -2.42 -4.65 -1.88
CA TYR A 24 -2.14 -4.41 -3.29
C TYR A 24 -3.38 -3.95 -4.02
N GLN A 25 -4.52 -4.55 -3.72
CA GLN A 25 -5.75 -4.24 -4.44
C GLN A 25 -6.18 -2.80 -4.19
N MET A 26 -5.90 -2.30 -3.00
CA MET A 26 -6.28 -0.96 -2.62
C MET A 26 -5.21 0.07 -2.98
N CYS A 27 -3.94 -0.26 -2.74
CA CYS A 27 -2.87 0.72 -2.91
C CYS A 27 -2.24 0.69 -4.32
N SER A 28 -2.60 -0.31 -5.13
CA SER A 28 -2.04 -0.39 -6.49
C SER A 28 -2.35 0.86 -7.34
N PRO A 29 -3.59 1.40 -7.32
CA PRO A 29 -3.90 2.65 -8.05
C PRO A 29 -3.05 3.84 -7.61
N LEU A 30 -2.34 3.69 -6.50
CA LEU A 30 -1.46 4.73 -5.98
C LEU A 30 -0.07 4.57 -6.60
N GLU A 31 0.58 3.47 -6.26
CA GLU A 31 1.96 3.22 -6.68
C GLU A 31 2.02 2.87 -8.17
N ARG A 32 0.97 2.23 -8.67
CA ARG A 32 0.92 1.79 -10.06
C ARG A 32 -0.28 2.42 -10.76
N SER A 33 -0.35 3.74 -10.74
CA SER A 33 -1.45 4.45 -11.38
C SER A 33 -1.40 4.24 -12.89
N ALA A 1 3.83 11.77 -6.77
CA ALA A 1 5.14 12.45 -6.71
C ALA A 1 5.75 12.32 -5.31
N SER A 2 5.59 11.15 -4.72
CA SER A 2 6.07 10.90 -3.36
C SER A 2 6.18 9.40 -3.12
N PRO A 3 7.18 8.73 -3.72
CA PRO A 3 7.35 7.28 -3.60
C PRO A 3 7.36 6.78 -2.15
N GLN A 4 7.80 7.64 -1.24
CA GLN A 4 7.84 7.31 0.17
C GLN A 4 6.44 7.01 0.72
N GLN A 5 5.42 7.65 0.16
CA GLN A 5 4.06 7.45 0.65
C GLN A 5 3.53 6.09 0.24
N ALA A 6 4.06 5.57 -0.86
CA ALA A 6 3.71 4.22 -1.31
C ALA A 6 4.21 3.21 -0.30
N LYS A 7 5.42 3.43 0.21
CA LYS A 7 5.99 2.55 1.21
C LYS A 7 5.17 2.60 2.50
N TYR A 8 4.59 3.77 2.77
CA TYR A 8 3.71 3.95 3.93
C TYR A 8 2.48 3.08 3.79
N CYS A 9 1.88 3.09 2.59
CA CYS A 9 0.68 2.32 2.33
C CYS A 9 0.93 0.84 2.53
N TYR A 10 2.00 0.34 1.92
CA TYR A 10 2.34 -1.08 2.01
C TYR A 10 2.83 -1.47 3.41
N GLU A 11 3.43 -0.53 4.13
CA GLU A 11 3.90 -0.83 5.46
C GLU A 11 2.74 -0.89 6.45
N GLN A 12 1.92 0.16 6.49
CA GLN A 12 0.90 0.29 7.51
C GLN A 12 -0.30 -0.61 7.24
N CYS A 13 -0.48 -1.03 5.99
CA CYS A 13 -1.62 -1.88 5.63
C CYS A 13 -1.56 -3.19 6.41
N ASN A 14 -0.44 -3.89 6.31
CA ASN A 14 -0.26 -5.15 7.02
C ASN A 14 -0.11 -4.90 8.52
N VAL A 15 0.42 -3.74 8.90
CA VAL A 15 0.60 -3.39 10.30
C VAL A 15 -0.75 -3.24 11.00
N ASN A 16 -1.69 -2.55 10.35
CA ASN A 16 -3.03 -2.42 10.90
C ASN A 16 -3.69 -3.80 10.95
N LYS A 17 -4.11 -4.28 9.78
CA LYS A 17 -4.49 -5.68 9.59
C LYS A 17 -5.03 -5.91 8.19
N VAL A 18 -4.16 -6.15 7.22
CA VAL A 18 -4.61 -6.53 5.88
C VAL A 18 -3.62 -7.52 5.28
N PRO A 19 -4.12 -8.51 4.55
CA PRO A 19 -3.29 -9.41 3.73
C PRO A 19 -2.67 -8.69 2.54
N PHE A 20 -1.54 -9.18 2.02
CA PHE A 20 -0.83 -8.50 0.94
C PHE A 20 -1.76 -8.17 -0.24
N ASP A 21 -2.62 -9.12 -0.61
CA ASP A 21 -3.53 -8.94 -1.73
C ASP A 21 -4.47 -7.75 -1.52
N GLN A 22 -4.94 -7.58 -0.30
CA GLN A 22 -5.77 -6.43 0.03
C GLN A 22 -4.91 -5.16 0.02
N CYS A 23 -3.67 -5.28 0.45
CA CYS A 23 -2.76 -4.14 0.45
C CYS A 23 -2.53 -3.68 -0.98
N TYR A 24 -2.34 -4.64 -1.88
CA TYR A 24 -2.17 -4.33 -3.29
C TYR A 24 -3.43 -3.63 -3.82
N GLN A 25 -4.59 -4.02 -3.33
CA GLN A 25 -5.84 -3.45 -3.79
C GLN A 25 -5.94 -1.97 -3.43
N MET A 26 -5.41 -1.61 -2.28
CA MET A 26 -5.48 -0.23 -1.82
C MET A 26 -4.31 0.60 -2.34
N CYS A 27 -3.12 0.02 -2.33
CA CYS A 27 -1.91 0.77 -2.66
C CYS A 27 -1.65 0.83 -4.17
N SER A 28 -2.26 -0.07 -4.96
CA SER A 28 -2.04 -0.06 -6.40
C SER A 28 -2.51 1.25 -7.07
N PRO A 29 -3.71 1.79 -6.74
CA PRO A 29 -4.15 3.09 -7.26
C PRO A 29 -3.16 4.21 -6.96
N LEU A 30 -2.32 3.98 -5.97
CA LEU A 30 -1.31 4.96 -5.55
C LEU A 30 -0.01 4.70 -6.31
N GLU A 31 0.57 3.53 -6.09
CA GLU A 31 1.91 3.23 -6.57
C GLU A 31 1.95 3.05 -8.10
N ARG A 32 1.18 2.10 -8.61
CA ARG A 32 1.20 1.81 -10.05
C ARG A 32 -0.20 1.75 -10.63
N SER A 33 -0.55 2.78 -11.39
CA SER A 33 -1.82 2.82 -12.10
C SER A 33 -1.62 3.35 -13.51
N ALA A 1 4.69 8.68 -9.02
CA ALA A 1 3.54 9.32 -8.34
C ALA A 1 3.91 9.71 -6.92
N SER A 2 4.31 8.73 -6.11
CA SER A 2 4.67 8.97 -4.72
C SER A 2 5.23 7.70 -4.09
N PRO A 3 6.48 7.32 -4.44
CA PRO A 3 7.10 6.07 -3.96
C PRO A 3 7.20 5.99 -2.44
N GLN A 4 7.36 7.13 -1.78
CA GLN A 4 7.54 7.13 -0.33
C GLN A 4 6.22 6.89 0.39
N GLN A 5 5.18 7.61 -0.03
CA GLN A 5 3.86 7.44 0.57
C GLN A 5 3.33 6.05 0.29
N ALA A 6 3.71 5.51 -0.87
CA ALA A 6 3.34 4.15 -1.24
C ALA A 6 3.94 3.16 -0.27
N LYS A 7 5.20 3.37 0.09
CA LYS A 7 5.88 2.48 1.02
C LYS A 7 5.23 2.55 2.39
N TYR A 8 4.75 3.75 2.74
CA TYR A 8 4.04 3.94 4.00
C TYR A 8 2.74 3.16 4.00
N CYS A 9 2.00 3.24 2.89
CA CYS A 9 0.76 2.49 2.75
C CYS A 9 1.00 1.01 2.93
N TYR A 10 1.97 0.48 2.19
CA TYR A 10 2.26 -0.95 2.21
C TYR A 10 2.89 -1.38 3.52
N GLU A 11 3.46 -0.43 4.26
CA GLU A 11 4.00 -0.74 5.57
C GLU A 11 2.88 -0.83 6.61
N GLN A 12 2.02 0.19 6.66
CA GLN A 12 1.04 0.30 7.73
C GLN A 12 -0.18 -0.60 7.50
N CYS A 13 -0.43 -0.98 6.26
CA CYS A 13 -1.62 -1.75 5.92
C CYS A 13 -1.64 -3.08 6.67
N ASN A 14 -0.57 -3.86 6.53
CA ASN A 14 -0.47 -5.15 7.22
C ASN A 14 -0.25 -4.95 8.73
N VAL A 15 0.39 -3.84 9.09
CA VAL A 15 0.59 -3.51 10.50
C VAL A 15 -0.76 -3.28 11.18
N ASN A 16 -1.71 -2.70 10.46
CA ASN A 16 -3.05 -2.52 10.99
C ASN A 16 -3.78 -3.86 10.97
N LYS A 17 -4.19 -4.30 9.78
CA LYS A 17 -4.71 -5.65 9.57
C LYS A 17 -5.18 -5.82 8.12
N VAL A 18 -4.26 -6.15 7.21
CA VAL A 18 -4.65 -6.49 5.84
C VAL A 18 -3.60 -7.43 5.24
N PRO A 19 -4.03 -8.42 4.43
CA PRO A 19 -3.13 -9.26 3.65
C PRO A 19 -2.45 -8.47 2.53
N PHE A 20 -1.27 -8.91 2.09
CA PHE A 20 -0.53 -8.21 1.04
C PHE A 20 -1.41 -7.92 -0.18
N ASP A 21 -2.17 -8.93 -0.61
CA ASP A 21 -3.03 -8.78 -1.79
C ASP A 21 -4.05 -7.67 -1.59
N GLN A 22 -4.62 -7.60 -0.40
CA GLN A 22 -5.57 -6.53 -0.08
C GLN A 22 -4.86 -5.19 -0.03
N CYS A 23 -3.62 -5.18 0.44
CA CYS A 23 -2.83 -3.95 0.49
C CYS A 23 -2.61 -3.44 -0.93
N TYR A 24 -2.33 -4.37 -1.85
CA TYR A 24 -2.21 -4.03 -3.26
C TYR A 24 -3.54 -3.52 -3.81
N GLN A 25 -4.64 -4.03 -3.29
CA GLN A 25 -5.96 -3.68 -3.82
C GLN A 25 -6.24 -2.19 -3.58
N MET A 26 -5.79 -1.69 -2.44
CA MET A 26 -6.04 -0.31 -2.05
C MET A 26 -5.06 0.66 -2.70
N CYS A 27 -3.77 0.36 -2.63
CA CYS A 27 -2.75 1.31 -3.06
C CYS A 27 -2.17 0.99 -4.45
N SER A 28 -2.73 0.01 -5.16
CA SER A 28 -2.33 -0.23 -6.54
C SER A 28 -2.44 1.04 -7.42
N PRO A 29 -3.56 1.81 -7.36
CA PRO A 29 -3.67 3.08 -8.11
C PRO A 29 -2.62 4.11 -7.70
N LEU A 30 -1.97 3.86 -6.56
CA LEU A 30 -0.94 4.74 -6.05
C LEU A 30 0.43 4.30 -6.57
N GLU A 31 0.79 3.06 -6.24
CA GLU A 31 2.12 2.52 -6.55
C GLU A 31 2.18 2.10 -8.02
N ARG A 32 1.19 1.30 -8.44
CA ARG A 32 1.06 0.87 -9.84
C ARG A 32 2.25 0.01 -10.29
N SER A 33 2.10 -1.30 -10.21
CA SER A 33 3.12 -2.23 -10.67
C SER A 33 2.47 -3.47 -11.27
N ALA A 1 6.84 12.37 -7.63
CA ALA A 1 7.72 11.27 -7.18
C ALA A 1 7.82 11.26 -5.67
N SER A 2 7.45 10.15 -5.05
CA SER A 2 7.49 10.03 -3.60
C SER A 2 7.33 8.57 -3.20
N PRO A 3 8.35 7.73 -3.44
CA PRO A 3 8.28 6.29 -3.17
C PRO A 3 7.98 5.97 -1.70
N GLN A 4 8.20 6.94 -0.82
CA GLN A 4 7.96 6.74 0.60
C GLN A 4 6.46 6.66 0.90
N GLN A 5 5.67 7.47 0.20
CA GLN A 5 4.23 7.48 0.42
C GLN A 5 3.60 6.14 0.04
N ALA A 6 4.16 5.52 -0.99
CA ALA A 6 3.74 4.19 -1.40
C ALA A 6 4.19 3.16 -0.38
N LYS A 7 5.44 3.29 0.05
CA LYS A 7 6.02 2.39 1.04
C LYS A 7 5.20 2.42 2.34
N TYR A 8 4.76 3.62 2.70
CA TYR A 8 3.96 3.82 3.91
C TYR A 8 2.60 3.15 3.78
N CYS A 9 2.02 3.21 2.58
CA CYS A 9 0.70 2.64 2.33
C CYS A 9 0.72 1.13 2.57
N TYR A 10 1.76 0.48 2.06
CA TYR A 10 1.89 -0.97 2.15
C TYR A 10 2.26 -1.44 3.56
N GLU A 11 3.16 -0.72 4.22
CA GLU A 11 3.62 -1.14 5.53
C GLU A 11 2.54 -0.94 6.59
N GLN A 12 1.75 0.12 6.48
CA GLN A 12 0.66 0.35 7.40
C GLN A 12 -0.42 -0.70 7.26
N CYS A 13 -0.49 -1.33 6.09
CA CYS A 13 -1.46 -2.40 5.88
C CYS A 13 -1.27 -3.52 6.90
N ASN A 14 -0.04 -4.05 7.00
CA ASN A 14 0.22 -5.14 7.93
C ASN A 14 0.24 -4.64 9.37
N VAL A 15 0.59 -3.37 9.54
CA VAL A 15 0.56 -2.75 10.86
C VAL A 15 -0.87 -2.67 11.39
N ASN A 16 -1.82 -2.38 10.52
CA ASN A 16 -3.21 -2.32 10.94
C ASN A 16 -3.80 -3.72 11.01
N LYS A 17 -4.13 -4.28 9.84
CA LYS A 17 -4.50 -5.69 9.67
C LYS A 17 -4.99 -5.95 8.24
N VAL A 18 -4.09 -6.21 7.30
CA VAL A 18 -4.50 -6.51 5.92
C VAL A 18 -3.37 -7.25 5.17
N PRO A 19 -3.71 -8.37 4.52
CA PRO A 19 -2.78 -9.15 3.68
C PRO A 19 -2.28 -8.35 2.47
N PHE A 20 -1.07 -8.65 1.99
CA PHE A 20 -0.45 -7.87 0.92
C PHE A 20 -1.36 -7.77 -0.31
N ASP A 21 -1.95 -8.88 -0.71
CA ASP A 21 -2.78 -8.92 -1.92
C ASP A 21 -3.98 -7.99 -1.81
N GLN A 22 -4.56 -7.92 -0.61
CA GLN A 22 -5.65 -6.98 -0.36
C GLN A 22 -5.11 -5.55 -0.29
N CYS A 23 -3.91 -5.39 0.26
CA CYS A 23 -3.27 -4.07 0.33
C CYS A 23 -3.03 -3.55 -1.08
N TYR A 24 -2.61 -4.45 -1.96
CA TYR A 24 -2.38 -4.13 -3.35
C TYR A 24 -3.64 -3.56 -3.99
N GLN A 25 -4.80 -3.97 -3.49
CA GLN A 25 -6.06 -3.53 -4.07
C GLN A 25 -6.36 -2.09 -3.67
N MET A 26 -5.84 -1.69 -2.50
CA MET A 26 -6.06 -0.34 -2.01
C MET A 26 -4.94 0.61 -2.47
N CYS A 27 -3.69 0.19 -2.34
CA CYS A 27 -2.56 1.07 -2.67
C CYS A 27 -2.23 1.06 -4.17
N SER A 28 -2.94 0.26 -4.96
CA SER A 28 -2.67 0.18 -6.40
C SER A 28 -2.82 1.53 -7.12
N PRO A 29 -3.93 2.30 -6.93
CA PRO A 29 -4.09 3.62 -7.57
C PRO A 29 -2.97 4.60 -7.19
N LEU A 30 -2.26 4.26 -6.12
CA LEU A 30 -1.15 5.08 -5.65
C LEU A 30 0.15 4.64 -6.31
N GLU A 31 0.56 3.41 -6.02
CA GLU A 31 1.87 2.92 -6.45
C GLU A 31 1.91 2.60 -7.94
N ARG A 32 0.76 2.29 -8.51
CA ARG A 32 0.70 1.87 -9.91
C ARG A 32 -0.06 2.89 -10.72
N SER A 33 0.62 3.51 -11.67
CA SER A 33 0.00 4.49 -12.56
C SER A 33 0.71 4.49 -13.90
N ALA A 1 2.57 10.41 -8.30
CA ALA A 1 4.00 10.16 -8.03
C ALA A 1 4.35 10.58 -6.60
N SER A 2 4.39 9.61 -5.70
CA SER A 2 4.74 9.85 -4.31
C SER A 2 5.25 8.56 -3.65
N PRO A 3 6.42 8.06 -4.09
CA PRO A 3 6.99 6.79 -3.58
C PRO A 3 7.03 6.69 -2.06
N GLN A 4 7.31 7.81 -1.39
CA GLN A 4 7.49 7.80 0.06
C GLN A 4 6.19 7.47 0.79
N GLN A 5 5.08 8.01 0.32
CA GLN A 5 3.79 7.74 0.95
C GLN A 5 3.28 6.37 0.56
N ALA A 6 3.67 5.93 -0.63
CA ALA A 6 3.32 4.59 -1.10
C ALA A 6 3.99 3.53 -0.24
N LYS A 7 5.24 3.79 0.12
CA LYS A 7 5.99 2.88 0.98
C LYS A 7 5.30 2.76 2.33
N TYR A 8 4.72 3.87 2.78
CA TYR A 8 3.98 3.90 4.03
C TYR A 8 2.71 3.05 3.91
N CYS A 9 2.05 3.16 2.77
CA CYS A 9 0.83 2.40 2.52
C CYS A 9 1.12 0.90 2.56
N TYR A 10 2.17 0.48 1.85
CA TYR A 10 2.54 -0.92 1.76
C TYR A 10 3.13 -1.46 3.06
N GLU A 11 3.65 -0.58 3.90
CA GLU A 11 4.23 -1.01 5.16
C GLU A 11 3.18 -1.07 6.27
N GLN A 12 2.31 -0.06 6.33
CA GLN A 12 1.33 0.03 7.42
C GLN A 12 0.10 -0.84 7.15
N CYS A 13 -0.11 -1.23 5.89
CA CYS A 13 -1.30 -1.98 5.51
C CYS A 13 -1.45 -3.26 6.34
N ASN A 14 -0.43 -4.10 6.35
CA ASN A 14 -0.47 -5.34 7.14
C ASN A 14 -0.38 -5.03 8.63
N VAL A 15 0.26 -3.91 8.96
CA VAL A 15 0.41 -3.50 10.35
C VAL A 15 -0.95 -3.16 10.96
N ASN A 16 -1.79 -2.49 10.19
CA ASN A 16 -3.13 -2.17 10.66
C ASN A 16 -3.96 -3.45 10.75
N LYS A 17 -4.35 -3.96 9.59
CA LYS A 17 -4.97 -5.29 9.47
C LYS A 17 -5.41 -5.54 8.02
N VAL A 18 -4.50 -6.02 7.18
CA VAL A 18 -4.88 -6.42 5.81
C VAL A 18 -3.98 -7.56 5.34
N PRO A 19 -4.53 -8.51 4.57
CA PRO A 19 -3.74 -9.48 3.83
C PRO A 19 -2.94 -8.84 2.70
N PHE A 20 -1.84 -9.46 2.28
CA PHE A 20 -0.98 -8.89 1.24
C PHE A 20 -1.80 -8.51 0.00
N ASP A 21 -2.67 -9.40 -0.43
CA ASP A 21 -3.49 -9.17 -1.62
C ASP A 21 -4.35 -7.92 -1.45
N GLN A 22 -4.89 -7.73 -0.26
CA GLN A 22 -5.66 -6.53 0.06
C GLN A 22 -4.76 -5.30 0.05
N CYS A 23 -3.53 -5.47 0.54
CA CYS A 23 -2.56 -4.36 0.57
C CYS A 23 -2.32 -3.87 -0.85
N TYR A 24 -2.13 -4.81 -1.76
CA TYR A 24 -1.97 -4.48 -3.16
C TYR A 24 -3.22 -3.76 -3.68
N GLN A 25 -4.39 -4.24 -3.27
CA GLN A 25 -5.65 -3.70 -3.81
C GLN A 25 -5.80 -2.23 -3.45
N MET A 26 -5.40 -1.85 -2.25
CA MET A 26 -5.56 -0.49 -1.79
C MET A 26 -4.42 0.41 -2.28
N CYS A 27 -3.20 -0.05 -2.16
CA CYS A 27 -2.04 0.81 -2.44
C CYS A 27 -1.65 0.82 -3.93
N SER A 28 -2.14 -0.13 -4.73
CA SER A 28 -1.77 -0.16 -6.15
C SER A 28 -2.27 1.09 -6.91
N PRO A 29 -3.55 1.54 -6.76
CA PRO A 29 -4.03 2.76 -7.43
C PRO A 29 -3.25 4.01 -7.02
N LEU A 30 -2.50 3.89 -5.93
CA LEU A 30 -1.68 4.97 -5.43
C LEU A 30 -0.33 4.95 -6.12
N GLU A 31 0.35 3.83 -5.97
CA GLU A 31 1.72 3.67 -6.46
C GLU A 31 1.75 3.60 -7.98
N ARG A 32 0.83 2.84 -8.56
CA ARG A 32 0.88 2.56 -9.98
C ARG A 32 -0.50 2.68 -10.61
N SER A 33 -0.78 3.83 -11.19
CA SER A 33 -2.05 4.05 -11.86
C SER A 33 -1.83 4.98 -13.05
N ALA A 1 2.26 10.20 -8.75
CA ALA A 1 3.67 10.29 -8.31
C ALA A 1 3.76 10.39 -6.79
N SER A 2 3.95 9.25 -6.13
CA SER A 2 4.13 9.22 -4.68
C SER A 2 4.75 7.89 -4.23
N PRO A 3 5.91 7.49 -4.80
CA PRO A 3 6.55 6.20 -4.50
C PRO A 3 6.85 6.00 -3.02
N GLN A 4 7.55 6.97 -2.42
CA GLN A 4 7.98 6.85 -1.03
C GLN A 4 6.80 6.80 -0.07
N GLN A 5 5.84 7.67 -0.30
CA GLN A 5 4.64 7.72 0.55
C GLN A 5 3.81 6.45 0.38
N ALA A 6 3.89 5.85 -0.80
CA ALA A 6 3.19 4.59 -1.04
C ALA A 6 3.77 3.48 -0.19
N LYS A 7 5.07 3.56 0.09
CA LYS A 7 5.73 2.60 0.95
C LYS A 7 5.11 2.63 2.35
N TYR A 8 4.67 3.82 2.75
CA TYR A 8 4.02 3.99 4.05
C TYR A 8 2.67 3.27 4.08
N CYS A 9 1.98 3.27 2.95
CA CYS A 9 0.74 2.51 2.82
C CYS A 9 1.04 1.02 2.97
N TYR A 10 2.01 0.54 2.22
CA TYR A 10 2.37 -0.86 2.20
C TYR A 10 2.91 -1.34 3.54
N GLU A 11 3.50 -0.43 4.32
CA GLU A 11 4.00 -0.80 5.62
C GLU A 11 2.85 -0.87 6.64
N GLN A 12 2.03 0.18 6.69
CA GLN A 12 0.97 0.27 7.69
C GLN A 12 -0.19 -0.68 7.40
N CYS A 13 -0.38 -1.04 6.14
CA CYS A 13 -1.49 -1.91 5.77
C CYS A 13 -1.37 -3.25 6.50
N ASN A 14 -0.18 -3.83 6.47
CA ASN A 14 0.07 -5.10 7.17
C ASN A 14 0.16 -4.88 8.67
N VAL A 15 0.60 -3.70 9.08
CA VAL A 15 0.72 -3.37 10.50
C VAL A 15 -0.65 -3.28 11.16
N ASN A 16 -1.62 -2.69 10.45
CA ASN A 16 -2.95 -2.56 11.00
C ASN A 16 -3.61 -3.93 11.04
N LYS A 17 -4.06 -4.41 9.86
CA LYS A 17 -4.49 -5.78 9.64
C LYS A 17 -5.09 -5.94 8.25
N VAL A 18 -4.27 -6.19 7.24
CA VAL A 18 -4.81 -6.50 5.91
C VAL A 18 -3.93 -7.56 5.25
N PRO A 19 -4.52 -8.48 4.48
CA PRO A 19 -3.79 -9.42 3.65
C PRO A 19 -2.98 -8.69 2.57
N PHE A 20 -1.89 -9.28 2.10
CA PHE A 20 -1.04 -8.64 1.11
C PHE A 20 -1.83 -8.27 -0.13
N ASP A 21 -2.69 -9.19 -0.59
CA ASP A 21 -3.52 -8.94 -1.76
C ASP A 21 -4.40 -7.70 -1.57
N GLN A 22 -4.94 -7.56 -0.36
CA GLN A 22 -5.74 -6.39 -0.02
C GLN A 22 -4.87 -5.13 -0.03
N CYS A 23 -3.67 -5.24 0.51
CA CYS A 23 -2.75 -4.11 0.53
C CYS A 23 -2.44 -3.66 -0.89
N TYR A 24 -2.21 -4.64 -1.76
CA TYR A 24 -1.97 -4.37 -3.17
C TYR A 24 -3.19 -3.71 -3.79
N GLN A 25 -4.37 -4.23 -3.51
CA GLN A 25 -5.58 -3.75 -4.18
C GLN A 25 -5.88 -2.30 -3.81
N MET A 26 -5.51 -1.90 -2.61
CA MET A 26 -5.79 -0.56 -2.14
C MET A 26 -4.80 0.45 -2.73
N CYS A 27 -3.51 0.17 -2.63
CA CYS A 27 -2.52 1.19 -3.00
C CYS A 27 -1.79 0.90 -4.32
N SER A 28 -2.19 -0.13 -5.06
CA SER A 28 -1.66 -0.30 -6.41
C SER A 28 -2.00 0.92 -7.30
N PRO A 29 -3.27 1.42 -7.31
CA PRO A 29 -3.61 2.65 -8.05
C PRO A 29 -2.88 3.89 -7.51
N LEU A 30 -2.33 3.77 -6.32
CA LEU A 30 -1.61 4.88 -5.68
C LEU A 30 -0.23 4.99 -6.32
N GLU A 31 0.50 3.90 -6.28
CA GLU A 31 1.89 3.89 -6.74
C GLU A 31 1.91 3.83 -8.27
N ARG A 32 1.55 2.68 -8.80
CA ARG A 32 1.51 2.45 -10.24
C ARG A 32 0.61 1.26 -10.54
N SER A 33 -0.36 1.47 -11.41
CA SER A 33 -1.31 0.41 -11.74
C SER A 33 -1.55 0.40 -13.24
N ALA A 1 5.93 11.28 -7.91
CA ALA A 1 7.38 11.41 -7.60
C ALA A 1 7.60 11.33 -6.09
N SER A 2 7.11 10.26 -5.48
CA SER A 2 7.24 10.08 -4.04
C SER A 2 6.94 8.62 -3.67
N PRO A 3 7.86 7.69 -4.03
CA PRO A 3 7.67 6.26 -3.76
C PRO A 3 7.50 5.96 -2.26
N GLN A 4 7.89 6.91 -1.42
CA GLN A 4 7.77 6.76 0.03
C GLN A 4 6.30 6.70 0.46
N GLN A 5 5.43 7.36 -0.28
CA GLN A 5 4.01 7.38 0.05
C GLN A 5 3.40 5.99 -0.14
N ALA A 6 3.83 5.33 -1.19
CA ALA A 6 3.40 3.97 -1.47
C ALA A 6 3.99 3.01 -0.45
N LYS A 7 5.25 3.25 -0.10
CA LYS A 7 5.94 2.42 0.89
C LYS A 7 5.27 2.55 2.25
N TYR A 8 4.79 3.76 2.57
CA TYR A 8 4.07 4.00 3.80
C TYR A 8 2.79 3.18 3.83
N CYS A 9 2.13 3.10 2.68
CA CYS A 9 0.89 2.33 2.55
C CYS A 9 1.17 0.85 2.77
N TYR A 10 2.17 0.31 2.07
CA TYR A 10 2.55 -1.09 2.20
C TYR A 10 3.06 -1.41 3.60
N GLU A 11 3.55 -0.40 4.30
CA GLU A 11 3.99 -0.57 5.66
C GLU A 11 2.79 -0.73 6.59
N GLN A 12 1.97 0.31 6.66
CA GLN A 12 0.88 0.37 7.63
C GLN A 12 -0.27 -0.58 7.29
N CYS A 13 -0.37 -1.00 6.03
CA CYS A 13 -1.50 -1.82 5.60
C CYS A 13 -1.59 -3.12 6.40
N ASN A 14 -0.57 -3.96 6.33
CA ASN A 14 -0.56 -5.21 7.09
C ASN A 14 -0.40 -4.95 8.58
N VAL A 15 0.25 -3.84 8.93
CA VAL A 15 0.40 -3.46 10.33
C VAL A 15 -0.96 -3.29 10.99
N ASN A 16 -1.89 -2.65 10.29
CA ASN A 16 -3.23 -2.49 10.83
C ASN A 16 -3.94 -3.84 10.85
N LYS A 17 -4.35 -4.30 9.66
CA LYS A 17 -4.84 -5.66 9.47
C LYS A 17 -5.32 -5.87 8.03
N VAL A 18 -4.40 -6.19 7.12
CA VAL A 18 -4.80 -6.54 5.76
C VAL A 18 -3.85 -7.60 5.20
N PRO A 19 -4.40 -8.57 4.45
CA PRO A 19 -3.60 -9.51 3.67
C PRO A 19 -2.83 -8.81 2.56
N PHE A 20 -1.72 -9.39 2.11
CA PHE A 20 -0.88 -8.75 1.09
C PHE A 20 -1.69 -8.34 -0.14
N ASP A 21 -2.58 -9.22 -0.60
CA ASP A 21 -3.41 -8.93 -1.77
C ASP A 21 -4.27 -7.70 -1.54
N GLN A 22 -4.80 -7.57 -0.33
CA GLN A 22 -5.57 -6.39 0.03
C GLN A 22 -4.69 -5.15 0.05
N CYS A 23 -3.48 -5.32 0.55
CA CYS A 23 -2.51 -4.21 0.58
C CYS A 23 -2.24 -3.72 -0.83
N TYR A 24 -2.03 -4.66 -1.74
CA TYR A 24 -1.84 -4.33 -3.14
C TYR A 24 -3.06 -3.59 -3.69
N GLN A 25 -4.24 -4.05 -3.31
CA GLN A 25 -5.48 -3.51 -3.88
C GLN A 25 -5.72 -2.07 -3.43
N MET A 26 -5.20 -1.71 -2.27
CA MET A 26 -5.34 -0.35 -1.78
C MET A 26 -4.17 0.52 -2.24
N CYS A 27 -2.96 0.02 -2.07
CA CYS A 27 -1.76 0.81 -2.33
C CYS A 27 -1.46 0.95 -3.83
N SER A 28 -1.88 -0.03 -4.63
CA SER A 28 -1.61 0.05 -6.08
C SER A 28 -2.34 1.24 -6.72
N PRO A 29 -3.68 1.39 -6.57
CA PRO A 29 -4.41 2.57 -7.08
C PRO A 29 -3.88 3.89 -6.52
N LEU A 30 -3.20 3.81 -5.38
CA LEU A 30 -2.57 4.98 -4.78
C LEU A 30 -1.39 5.39 -5.67
N GLU A 31 -0.48 4.45 -5.85
CA GLU A 31 0.74 4.70 -6.62
C GLU A 31 0.40 4.93 -8.09
N ARG A 32 -0.38 4.03 -8.65
CA ARG A 32 -0.71 4.09 -10.07
C ARG A 32 -2.20 3.84 -10.28
N SER A 33 -2.90 4.83 -10.80
CA SER A 33 -4.35 4.73 -10.95
C SER A 33 -4.77 5.25 -12.31
N ALA A 1 3.96 9.93 -8.18
CA ALA A 1 4.12 11.27 -7.58
C ALA A 1 4.87 11.21 -6.25
N SER A 2 4.90 10.03 -5.64
CA SER A 2 5.49 9.89 -4.32
C SER A 2 5.67 8.41 -3.98
N PRO A 3 6.74 7.76 -4.51
CA PRO A 3 7.03 6.35 -4.21
C PRO A 3 7.17 6.09 -2.71
N GLN A 4 7.58 7.11 -1.96
CA GLN A 4 7.77 6.97 -0.52
C GLN A 4 6.43 6.81 0.21
N GLN A 5 5.44 7.60 -0.21
CA GLN A 5 4.13 7.55 0.44
C GLN A 5 3.48 6.19 0.22
N ALA A 6 3.78 5.59 -0.93
CA ALA A 6 3.28 4.27 -1.25
C ALA A 6 3.88 3.22 -0.32
N LYS A 7 5.15 3.39 0.00
CA LYS A 7 5.84 2.46 0.89
C LYS A 7 5.22 2.55 2.29
N TYR A 8 4.76 3.75 2.65
CA TYR A 8 4.06 3.97 3.90
C TYR A 8 2.74 3.18 3.90
N CYS A 9 2.05 3.20 2.76
CA CYS A 9 0.79 2.48 2.61
C CYS A 9 1.02 0.98 2.82
N TYR A 10 2.04 0.45 2.15
CA TYR A 10 2.37 -0.96 2.23
C TYR A 10 2.90 -1.34 3.60
N GLU A 11 3.55 -0.40 4.29
CA GLU A 11 4.05 -0.69 5.62
C GLU A 11 2.91 -0.78 6.63
N GLN A 12 2.01 0.20 6.62
CA GLN A 12 0.99 0.30 7.65
C GLN A 12 -0.18 -0.64 7.39
N CYS A 13 -0.42 -0.99 6.13
CA CYS A 13 -1.58 -1.80 5.78
C CYS A 13 -1.59 -3.12 6.56
N ASN A 14 -0.52 -3.89 6.45
CA ASN A 14 -0.42 -5.16 7.15
C ASN A 14 -0.22 -4.97 8.65
N VAL A 15 0.36 -3.84 9.04
CA VAL A 15 0.58 -3.54 10.45
C VAL A 15 -0.75 -3.34 11.17
N ASN A 16 -1.71 -2.72 10.48
CA ASN A 16 -3.04 -2.57 11.05
C ASN A 16 -3.73 -3.93 11.06
N LYS A 17 -4.19 -4.37 9.87
CA LYS A 17 -4.66 -5.74 9.66
C LYS A 17 -5.19 -5.90 8.22
N VAL A 18 -4.32 -6.17 7.26
CA VAL A 18 -4.78 -6.48 5.91
C VAL A 18 -3.84 -7.49 5.25
N PRO A 19 -4.39 -8.45 4.50
CA PRO A 19 -3.61 -9.37 3.68
C PRO A 19 -2.87 -8.66 2.55
N PHE A 20 -1.75 -9.21 2.08
CA PHE A 20 -0.94 -8.54 1.08
C PHE A 20 -1.76 -8.19 -0.17
N ASP A 21 -2.56 -9.15 -0.64
CA ASP A 21 -3.36 -8.96 -1.84
C ASP A 21 -4.33 -7.79 -1.68
N GLN A 22 -4.86 -7.62 -0.47
CA GLN A 22 -5.71 -6.48 -0.17
C GLN A 22 -4.89 -5.19 -0.13
N CYS A 23 -3.69 -5.28 0.44
CA CYS A 23 -2.78 -4.13 0.49
C CYS A 23 -2.44 -3.68 -0.92
N TYR A 24 -2.16 -4.67 -1.77
CA TYR A 24 -1.87 -4.41 -3.17
C TYR A 24 -3.06 -3.73 -3.84
N GLN A 25 -4.26 -4.12 -3.47
CA GLN A 25 -5.46 -3.63 -4.12
C GLN A 25 -5.73 -2.18 -3.75
N MET A 26 -5.29 -1.78 -2.56
CA MET A 26 -5.49 -0.42 -2.09
C MET A 26 -4.32 0.49 -2.48
N CYS A 27 -3.10 0.05 -2.24
CA CYS A 27 -1.93 0.91 -2.43
C CYS A 27 -1.46 0.94 -3.90
N SER A 28 -1.83 -0.05 -4.70
CA SER A 28 -1.44 -0.05 -6.12
C SER A 28 -2.02 1.15 -6.87
N PRO A 29 -3.37 1.40 -6.83
CA PRO A 29 -3.97 2.59 -7.45
C PRO A 29 -3.35 3.91 -6.97
N LEU A 30 -2.74 3.87 -5.81
CA LEU A 30 -2.05 5.02 -5.25
C LEU A 30 -0.73 5.23 -5.99
N GLU A 31 0.04 4.16 -6.11
CA GLU A 31 1.37 4.23 -6.67
C GLU A 31 1.32 4.26 -8.20
N ARG A 32 0.85 3.17 -8.79
CA ARG A 32 0.69 3.07 -10.26
C ARG A 32 2.01 3.29 -11.00
N SER A 33 2.80 2.23 -11.13
CA SER A 33 4.02 2.30 -11.92
C SER A 33 3.65 2.30 -13.41
N ALA A 1 5.14 9.57 -8.24
CA ALA A 1 6.59 9.31 -8.09
C ALA A 1 7.00 9.48 -6.63
N SER A 2 6.65 8.52 -5.81
CA SER A 2 6.96 8.56 -4.39
C SER A 2 6.97 7.14 -3.82
N PRO A 3 8.03 6.36 -4.11
CA PRO A 3 8.15 4.98 -3.61
C PRO A 3 8.17 4.91 -2.09
N GLN A 4 8.37 6.06 -1.44
CA GLN A 4 8.42 6.13 0.01
C GLN A 4 7.00 6.24 0.59
N GLN A 5 6.20 7.15 0.04
CA GLN A 5 4.85 7.35 0.57
C GLN A 5 3.99 6.14 0.27
N ALA A 6 4.25 5.50 -0.87
CA ALA A 6 3.55 4.28 -1.21
C ALA A 6 3.93 3.16 -0.26
N LYS A 7 5.20 3.15 0.14
CA LYS A 7 5.70 2.14 1.06
C LYS A 7 5.04 2.33 2.43
N TYR A 8 4.70 3.59 2.74
CA TYR A 8 4.00 3.89 3.98
C TYR A 8 2.60 3.29 3.97
N CYS A 9 1.92 3.41 2.83
CA CYS A 9 0.60 2.80 2.66
C CYS A 9 0.65 1.31 2.98
N TYR A 10 1.59 0.63 2.33
CA TYR A 10 1.74 -0.80 2.49
C TYR A 10 2.18 -1.16 3.91
N GLU A 11 2.99 -0.29 4.51
CA GLU A 11 3.44 -0.48 5.89
C GLU A 11 2.24 -0.53 6.82
N GLN A 12 1.36 0.47 6.71
CA GLN A 12 0.22 0.58 7.60
C GLN A 12 -0.69 -0.64 7.47
N CYS A 13 -0.66 -1.27 6.30
CA CYS A 13 -1.48 -2.45 6.07
C CYS A 13 -1.07 -3.59 7.03
N ASN A 14 0.22 -3.91 7.08
CA ASN A 14 0.68 -4.97 7.96
C ASN A 14 0.73 -4.51 9.40
N VAL A 15 0.91 -3.21 9.60
CA VAL A 15 0.87 -2.63 10.93
C VAL A 15 -0.50 -2.83 11.57
N ASN A 16 -1.56 -2.62 10.80
CA ASN A 16 -2.90 -2.79 11.36
C ASN A 16 -3.35 -4.24 11.26
N LYS A 17 -3.77 -4.65 10.07
CA LYS A 17 -4.12 -6.04 9.78
C LYS A 17 -4.73 -6.14 8.37
N VAL A 18 -3.90 -6.28 7.34
CA VAL A 18 -4.42 -6.49 5.99
C VAL A 18 -3.39 -7.23 5.13
N PRO A 19 -3.83 -8.29 4.42
CA PRO A 19 -2.97 -9.05 3.53
C PRO A 19 -2.43 -8.19 2.39
N PHE A 20 -1.24 -8.54 1.88
CA PHE A 20 -0.63 -7.78 0.80
C PHE A 20 -1.55 -7.72 -0.43
N ASP A 21 -2.19 -8.85 -0.74
CA ASP A 21 -3.08 -8.92 -1.90
C ASP A 21 -4.21 -7.91 -1.79
N GLN A 22 -4.72 -7.71 -0.58
CA GLN A 22 -5.76 -6.73 -0.34
C GLN A 22 -5.17 -5.32 -0.34
N CYS A 23 -4.00 -5.16 0.27
CA CYS A 23 -3.34 -3.85 0.31
C CYS A 23 -3.01 -3.40 -1.10
N TYR A 24 -2.63 -4.36 -1.94
CA TYR A 24 -2.32 -4.08 -3.33
C TYR A 24 -3.53 -3.50 -4.03
N GLN A 25 -4.73 -3.92 -3.64
CA GLN A 25 -5.94 -3.47 -4.31
C GLN A 25 -6.28 -2.04 -3.90
N MET A 26 -5.71 -1.59 -2.79
CA MET A 26 -5.97 -0.25 -2.30
C MET A 26 -4.97 0.77 -2.87
N CYS A 27 -3.69 0.42 -2.87
CA CYS A 27 -2.66 1.38 -3.29
C CYS A 27 -2.05 1.08 -4.66
N SER A 28 -2.58 0.09 -5.37
CA SER A 28 -2.22 -0.09 -6.78
C SER A 28 -2.55 1.16 -7.63
N PRO A 29 -3.75 1.78 -7.46
CA PRO A 29 -4.07 3.05 -8.14
C PRO A 29 -3.12 4.18 -7.76
N LEU A 30 -2.32 3.95 -6.73
CA LEU A 30 -1.34 4.91 -6.26
C LEU A 30 -0.02 4.68 -7.01
N GLU A 31 0.64 3.58 -6.68
CA GLU A 31 1.96 3.28 -7.23
C GLU A 31 1.82 2.67 -8.63
N ARG A 32 1.40 1.42 -8.67
CA ARG A 32 1.27 0.67 -9.92
C ARG A 32 0.27 -0.46 -9.76
N SER A 33 -0.41 -0.80 -10.84
CA SER A 33 -1.40 -1.88 -10.82
C SER A 33 -0.92 -3.04 -11.66
N ALA A 1 6.01 8.57 -8.47
CA ALA A 1 5.08 9.65 -8.07
C ALA A 1 5.28 10.02 -6.60
N SER A 2 5.26 9.02 -5.72
CA SER A 2 5.33 9.28 -4.28
C SER A 2 5.83 8.01 -3.56
N PRO A 3 7.13 7.67 -3.73
CA PRO A 3 7.72 6.45 -3.16
C PRO A 3 7.50 6.31 -1.65
N GLN A 4 7.88 7.32 -0.88
CA GLN A 4 7.83 7.24 0.58
C GLN A 4 6.39 7.08 1.07
N GLN A 5 5.49 7.84 0.48
CA GLN A 5 4.09 7.81 0.90
C GLN A 5 3.44 6.49 0.49
N ALA A 6 3.81 5.97 -0.67
CA ALA A 6 3.32 4.68 -1.11
C ALA A 6 3.90 3.57 -0.25
N LYS A 7 5.17 3.72 0.13
CA LYS A 7 5.83 2.74 0.99
C LYS A 7 5.15 2.71 2.35
N TYR A 8 4.70 3.87 2.80
CA TYR A 8 3.96 3.99 4.06
C TYR A 8 2.66 3.19 3.98
N CYS A 9 2.00 3.25 2.82
CA CYS A 9 0.76 2.51 2.60
C CYS A 9 1.04 1.01 2.65
N TYR A 10 2.04 0.57 1.91
CA TYR A 10 2.43 -0.84 1.86
C TYR A 10 2.95 -1.33 3.21
N GLU A 11 3.48 -0.42 4.00
CA GLU A 11 4.00 -0.79 5.30
C GLU A 11 2.87 -0.92 6.32
N GLN A 12 2.02 0.11 6.42
CA GLN A 12 1.02 0.17 7.46
C GLN A 12 -0.19 -0.71 7.14
N CYS A 13 -0.37 -1.06 5.88
CA CYS A 13 -1.52 -1.87 5.47
C CYS A 13 -1.56 -3.18 6.25
N ASN A 14 -0.48 -3.94 6.19
CA ASN A 14 -0.40 -5.22 6.90
C ASN A 14 -0.21 -5.01 8.40
N VAL A 15 0.47 -3.94 8.77
CA VAL A 15 0.71 -3.64 10.18
C VAL A 15 -0.62 -3.40 10.89
N ASN A 16 -1.50 -2.64 10.27
CA ASN A 16 -2.81 -2.40 10.85
C ASN A 16 -3.60 -3.69 10.88
N LYS A 17 -4.07 -4.14 9.72
CA LYS A 17 -4.63 -5.48 9.56
C LYS A 17 -5.18 -5.67 8.14
N VAL A 18 -4.33 -6.04 7.19
CA VAL A 18 -4.82 -6.43 5.87
C VAL A 18 -3.90 -7.51 5.28
N PRO A 19 -4.49 -8.48 4.56
CA PRO A 19 -3.72 -9.44 3.76
C PRO A 19 -3.00 -8.76 2.59
N PHE A 20 -1.91 -9.35 2.11
CA PHE A 20 -1.14 -8.72 1.03
C PHE A 20 -2.03 -8.35 -0.16
N ASP A 21 -2.93 -9.26 -0.54
CA ASP A 21 -3.80 -9.02 -1.68
C ASP A 21 -4.62 -7.75 -1.49
N GLN A 22 -5.04 -7.50 -0.25
CA GLN A 22 -5.78 -6.29 0.07
C GLN A 22 -4.86 -5.07 0.01
N CYS A 23 -3.61 -5.25 0.41
CA CYS A 23 -2.63 -4.16 0.36
C CYS A 23 -2.37 -3.80 -1.11
N TYR A 24 -2.23 -4.82 -1.93
CA TYR A 24 -2.06 -4.64 -3.37
C TYR A 24 -3.32 -4.03 -3.99
N GLN A 25 -4.45 -4.27 -3.36
CA GLN A 25 -5.72 -3.77 -3.86
C GLN A 25 -5.84 -2.28 -3.61
N MET A 26 -5.38 -1.84 -2.44
CA MET A 26 -5.51 -0.44 -2.04
C MET A 26 -4.29 0.39 -2.44
N CYS A 27 -3.09 -0.05 -2.06
CA CYS A 27 -1.89 0.79 -2.19
C CYS A 27 -1.33 0.80 -3.61
N SER A 28 -1.49 -0.30 -4.34
CA SER A 28 -0.92 -0.39 -5.68
C SER A 28 -1.51 0.64 -6.65
N PRO A 29 -2.86 0.82 -6.73
CA PRO A 29 -3.47 1.89 -7.54
C PRO A 29 -2.90 3.28 -7.21
N LEU A 30 -2.52 3.47 -5.97
CA LEU A 30 -1.89 4.70 -5.51
C LEU A 30 -0.54 4.86 -6.22
N GLU A 31 0.24 3.80 -6.14
CA GLU A 31 1.62 3.80 -6.63
C GLU A 31 1.65 3.82 -8.17
N ARG A 32 0.86 2.95 -8.79
CA ARG A 32 0.72 2.93 -10.26
C ARG A 32 -0.75 2.78 -10.63
N SER A 33 -1.17 3.46 -11.69
CA SER A 33 -2.55 3.39 -12.14
C SER A 33 -2.63 3.76 -13.61
N ALA A 1 4.86 9.56 -9.19
CA ALA A 1 5.98 9.62 -8.23
C ALA A 1 5.46 9.88 -6.81
N SER A 2 5.36 8.82 -6.03
CA SER A 2 4.90 8.90 -4.65
C SER A 2 5.60 7.83 -3.81
N PRO A 3 6.95 7.85 -3.77
CA PRO A 3 7.76 6.76 -3.20
C PRO A 3 7.46 6.48 -1.73
N GLN A 4 7.78 7.43 -0.86
CA GLN A 4 7.64 7.24 0.58
C GLN A 4 6.19 6.99 0.96
N GLN A 5 5.28 7.69 0.30
CA GLN A 5 3.86 7.54 0.57
C GLN A 5 3.39 6.13 0.23
N ALA A 6 3.86 5.61 -0.89
CA ALA A 6 3.56 4.24 -1.28
C ALA A 6 4.14 3.26 -0.28
N LYS A 7 5.36 3.54 0.17
CA LYS A 7 6.03 2.67 1.14
C LYS A 7 5.29 2.70 2.47
N TYR A 8 4.76 3.86 2.82
CA TYR A 8 3.97 4.03 4.03
C TYR A 8 2.68 3.21 3.94
N CYS A 9 2.06 3.24 2.76
CA CYS A 9 0.83 2.50 2.53
C CYS A 9 1.08 1.00 2.68
N TYR A 10 2.11 0.50 1.99
CA TYR A 10 2.44 -0.93 2.04
C TYR A 10 2.93 -1.33 3.42
N GLU A 11 3.45 -0.37 4.18
CA GLU A 11 3.86 -0.64 5.54
C GLU A 11 2.65 -0.76 6.45
N GLN A 12 1.82 0.29 6.49
CA GLN A 12 0.75 0.37 7.47
C GLN A 12 -0.39 -0.59 7.15
N CYS A 13 -0.51 -1.00 5.90
CA CYS A 13 -1.59 -1.90 5.50
C CYS A 13 -1.53 -3.19 6.31
N ASN A 14 -0.37 -3.84 6.31
CA ASN A 14 -0.22 -5.09 7.05
C ASN A 14 0.00 -4.83 8.55
N VAL A 15 0.57 -3.67 8.89
CA VAL A 15 0.78 -3.30 10.28
C VAL A 15 -0.57 -3.14 11.00
N ASN A 16 -1.57 -2.65 10.28
CA ASN A 16 -2.89 -2.51 10.87
C ASN A 16 -3.57 -3.87 10.94
N LYS A 17 -4.04 -4.36 9.79
CA LYS A 17 -4.51 -5.73 9.63
C LYS A 17 -5.09 -5.95 8.24
N VAL A 18 -4.25 -6.29 7.26
CA VAL A 18 -4.76 -6.64 5.94
C VAL A 18 -3.86 -7.70 5.30
N PRO A 19 -4.45 -8.63 4.53
CA PRO A 19 -3.71 -9.57 3.70
C PRO A 19 -2.97 -8.84 2.56
N PHE A 20 -1.89 -9.42 2.05
CA PHE A 20 -1.12 -8.78 0.99
C PHE A 20 -2.01 -8.38 -0.20
N ASP A 21 -2.91 -9.28 -0.58
CA ASP A 21 -3.82 -9.03 -1.70
C ASP A 21 -4.65 -7.76 -1.46
N GLN A 22 -5.05 -7.55 -0.21
CA GLN A 22 -5.78 -6.35 0.16
C GLN A 22 -4.88 -5.12 0.07
N CYS A 23 -3.62 -5.29 0.48
CA CYS A 23 -2.67 -4.18 0.43
C CYS A 23 -2.43 -3.78 -1.02
N TYR A 24 -2.32 -4.79 -1.89
CA TYR A 24 -2.15 -4.56 -3.32
C TYR A 24 -3.35 -3.79 -3.90
N GLN A 25 -4.52 -4.01 -3.33
CA GLN A 25 -5.74 -3.41 -3.87
C GLN A 25 -5.78 -1.91 -3.58
N MET A 26 -5.26 -1.50 -2.45
CA MET A 26 -5.27 -0.08 -2.09
C MET A 26 -4.01 0.65 -2.56
N CYS A 27 -2.85 0.11 -2.20
CA CYS A 27 -1.60 0.84 -2.37
C CYS A 27 -1.08 0.82 -3.81
N SER A 28 -1.35 -0.26 -4.54
CA SER A 28 -0.84 -0.36 -5.91
C SER A 28 -1.49 0.67 -6.85
N PRO A 29 -2.84 0.81 -6.89
CA PRO A 29 -3.49 1.86 -7.66
C PRO A 29 -3.03 3.26 -7.26
N LEU A 30 -2.63 3.40 -6.00
CA LEU A 30 -2.07 4.65 -5.47
C LEU A 30 -0.77 4.93 -6.21
N GLU A 31 0.17 4.01 -6.09
CA GLU A 31 1.50 4.16 -6.65
C GLU A 31 1.43 4.32 -8.17
N ARG A 32 0.77 3.36 -8.82
CA ARG A 32 0.67 3.38 -10.27
C ARG A 32 -0.54 2.57 -10.72
N SER A 33 -1.49 3.24 -11.37
CA SER A 33 -2.67 2.58 -11.90
C SER A 33 -2.84 2.95 -13.36
N ALA A 1 5.52 8.37 -8.65
CA ALA A 1 4.24 9.05 -8.36
C ALA A 1 4.15 9.46 -6.88
N SER A 2 4.33 8.50 -5.99
CA SER A 2 4.24 8.77 -4.56
C SER A 2 5.04 7.74 -3.76
N PRO A 3 6.37 7.65 -3.98
CA PRO A 3 7.22 6.65 -3.32
C PRO A 3 7.09 6.62 -1.80
N GLN A 4 7.05 7.80 -1.17
CA GLN A 4 7.02 7.87 0.30
C GLN A 4 5.68 7.39 0.84
N GLN A 5 4.60 7.89 0.25
CA GLN A 5 3.26 7.51 0.70
C GLN A 5 2.95 6.07 0.34
N ALA A 6 3.46 5.62 -0.80
CA ALA A 6 3.31 4.24 -1.21
C ALA A 6 4.01 3.32 -0.22
N LYS A 7 5.21 3.71 0.21
CA LYS A 7 5.97 2.93 1.15
C LYS A 7 5.24 2.88 2.49
N TYR A 8 4.60 3.98 2.86
CA TYR A 8 3.81 4.03 4.08
C TYR A 8 2.60 3.12 3.96
N CYS A 9 2.00 3.11 2.77
CA CYS A 9 0.81 2.29 2.52
C CYS A 9 1.15 0.81 2.64
N TYR A 10 2.17 0.36 1.91
CA TYR A 10 2.55 -1.05 1.93
C TYR A 10 3.09 -1.44 3.31
N GLU A 11 3.70 -0.49 4.00
CA GLU A 11 4.22 -0.75 5.32
C GLU A 11 3.08 -0.96 6.31
N GLN A 12 2.25 0.06 6.46
CA GLN A 12 1.23 0.05 7.49
C GLN A 12 0.04 -0.83 7.14
N CYS A 13 -0.17 -1.13 5.87
CA CYS A 13 -1.35 -1.89 5.44
C CYS A 13 -1.46 -3.20 6.21
N ASN A 14 -0.44 -4.05 6.12
CA ASN A 14 -0.46 -5.33 6.84
C ASN A 14 -0.26 -5.13 8.34
N VAL A 15 0.44 -4.06 8.71
CA VAL A 15 0.67 -3.76 10.12
C VAL A 15 -0.64 -3.41 10.82
N ASN A 16 -1.47 -2.60 10.16
CA ASN A 16 -2.77 -2.25 10.71
C ASN A 16 -3.62 -3.51 10.81
N LYS A 17 -4.08 -4.01 9.66
CA LYS A 17 -4.63 -5.35 9.52
C LYS A 17 -5.17 -5.56 8.11
N VAL A 18 -4.32 -5.95 7.17
CA VAL A 18 -4.80 -6.33 5.85
C VAL A 18 -3.92 -7.45 5.29
N PRO A 19 -4.52 -8.41 4.57
CA PRO A 19 -3.78 -9.40 3.80
C PRO A 19 -3.05 -8.75 2.62
N PHE A 20 -1.97 -9.37 2.13
CA PHE A 20 -1.17 -8.74 1.08
C PHE A 20 -2.01 -8.36 -0.13
N ASP A 21 -2.91 -9.25 -0.54
CA ASP A 21 -3.76 -9.00 -1.70
C ASP A 21 -4.60 -7.74 -1.50
N GLN A 22 -5.09 -7.56 -0.27
CA GLN A 22 -5.83 -6.35 0.08
C GLN A 22 -4.93 -5.13 0.01
N CYS A 23 -3.68 -5.30 0.45
CA CYS A 23 -2.69 -4.21 0.40
C CYS A 23 -2.44 -3.83 -1.05
N TYR A 24 -2.33 -4.83 -1.91
CA TYR A 24 -2.14 -4.63 -3.34
C TYR A 24 -3.37 -3.94 -3.95
N GLN A 25 -4.53 -4.14 -3.35
CA GLN A 25 -5.77 -3.55 -3.86
C GLN A 25 -5.76 -2.04 -3.66
N MET A 26 -5.28 -1.62 -2.50
CA MET A 26 -5.30 -0.22 -2.13
C MET A 26 -4.03 0.51 -2.55
N CYS A 27 -2.88 -0.03 -2.20
CA CYS A 27 -1.62 0.69 -2.35
C CYS A 27 -1.11 0.70 -3.79
N SER A 28 -1.42 -0.33 -4.57
CA SER A 28 -0.92 -0.40 -5.94
C SER A 28 -1.45 0.74 -6.82
N PRO A 29 -2.79 1.03 -6.83
CA PRO A 29 -3.32 2.21 -7.54
C PRO A 29 -2.67 3.52 -7.08
N LEU A 30 -2.36 3.59 -5.80
CA LEU A 30 -1.66 4.75 -5.24
C LEU A 30 -0.27 4.87 -5.86
N GLU A 31 0.41 3.74 -5.95
CA GLU A 31 1.79 3.71 -6.39
C GLU A 31 1.91 3.86 -7.91
N ARG A 32 0.99 3.26 -8.65
CA ARG A 32 1.05 3.31 -10.11
C ARG A 32 -0.36 3.26 -10.72
N SER A 33 -0.67 4.26 -11.54
CA SER A 33 -1.92 4.28 -12.30
C SER A 33 -1.76 5.16 -13.53
N ALA A 1 4.85 12.04 -8.25
CA ALA A 1 5.03 10.75 -7.59
C ALA A 1 5.32 10.95 -6.12
N SER A 2 5.34 9.86 -5.36
CA SER A 2 5.59 9.93 -3.93
C SER A 2 5.92 8.53 -3.40
N PRO A 3 7.12 8.00 -3.73
CA PRO A 3 7.55 6.67 -3.29
C PRO A 3 7.43 6.45 -1.78
N GLN A 4 7.54 7.54 -1.02
CA GLN A 4 7.46 7.45 0.44
C GLN A 4 6.05 7.16 0.89
N GLN A 5 5.07 7.85 0.32
CA GLN A 5 3.68 7.64 0.71
C GLN A 5 3.21 6.27 0.30
N ALA A 6 3.76 5.77 -0.80
CA ALA A 6 3.49 4.43 -1.25
C ALA A 6 4.05 3.41 -0.27
N LYS A 7 5.28 3.64 0.16
CA LYS A 7 5.93 2.75 1.11
C LYS A 7 5.18 2.77 2.44
N TYR A 8 4.66 3.94 2.81
CA TYR A 8 3.85 4.08 4.02
C TYR A 8 2.59 3.23 3.90
N CYS A 9 1.98 3.25 2.72
CA CYS A 9 0.77 2.48 2.47
C CYS A 9 1.05 0.98 2.62
N TYR A 10 2.10 0.51 1.95
CA TYR A 10 2.47 -0.89 2.01
C TYR A 10 2.99 -1.29 3.39
N GLU A 11 3.64 -0.35 4.08
CA GLU A 11 4.12 -0.62 5.43
C GLU A 11 2.95 -0.78 6.39
N GLN A 12 2.06 0.21 6.41
CA GLN A 12 1.00 0.26 7.41
C GLN A 12 -0.12 -0.74 7.13
N CYS A 13 -0.25 -1.18 5.89
CA CYS A 13 -1.37 -2.04 5.51
C CYS A 13 -1.37 -3.32 6.35
N ASN A 14 -0.28 -4.06 6.33
CA ASN A 14 -0.18 -5.29 7.12
C ASN A 14 0.04 -4.98 8.60
N VAL A 15 0.65 -3.83 8.90
CA VAL A 15 0.85 -3.42 10.29
C VAL A 15 -0.50 -3.25 10.99
N ASN A 16 -1.45 -2.66 10.28
CA ASN A 16 -2.78 -2.48 10.85
C ASN A 16 -3.51 -3.81 10.89
N LYS A 17 -3.98 -4.27 9.74
CA LYS A 17 -4.60 -5.58 9.60
C LYS A 17 -5.15 -5.75 8.18
N VAL A 18 -4.32 -6.19 7.23
CA VAL A 18 -4.82 -6.49 5.88
C VAL A 18 -3.96 -7.59 5.25
N PRO A 19 -4.60 -8.49 4.47
CA PRO A 19 -3.88 -9.47 3.65
C PRO A 19 -3.14 -8.82 2.50
N PHE A 20 -2.08 -9.46 1.99
CA PHE A 20 -1.28 -8.88 0.91
C PHE A 20 -2.16 -8.44 -0.26
N ASP A 21 -3.13 -9.28 -0.63
CA ASP A 21 -4.01 -8.97 -1.77
C ASP A 21 -4.76 -7.66 -1.54
N GLN A 22 -5.20 -7.44 -0.30
CA GLN A 22 -5.87 -6.19 0.04
C GLN A 22 -4.88 -5.03 0.05
N CYS A 23 -3.66 -5.31 0.51
CA CYS A 23 -2.61 -4.28 0.50
C CYS A 23 -2.35 -3.83 -0.93
N TYR A 24 -2.24 -4.81 -1.82
CA TYR A 24 -2.02 -4.53 -3.23
C TYR A 24 -3.21 -3.79 -3.82
N GLN A 25 -4.42 -4.19 -3.43
CA GLN A 25 -5.63 -3.62 -4.04
C GLN A 25 -5.81 -2.15 -3.67
N MET A 26 -5.29 -1.79 -2.50
CA MET A 26 -5.39 -0.41 -2.03
C MET A 26 -4.18 0.42 -2.46
N CYS A 27 -2.98 -0.08 -2.21
CA CYS A 27 -1.77 0.71 -2.42
C CYS A 27 -1.29 0.72 -3.87
N SER A 28 -1.60 -0.32 -4.65
CA SER A 28 -1.14 -0.37 -6.04
C SER A 28 -1.74 0.77 -6.88
N PRO A 29 -3.08 1.03 -6.84
CA PRO A 29 -3.69 2.17 -7.53
C PRO A 29 -3.01 3.50 -7.19
N LEU A 30 -2.44 3.57 -5.99
CA LEU A 30 -1.70 4.74 -5.55
C LEU A 30 -0.34 4.75 -6.23
N GLU A 31 0.43 3.71 -5.94
CA GLU A 31 1.81 3.60 -6.39
C GLU A 31 1.89 3.62 -7.92
N ARG A 32 0.95 2.97 -8.57
CA ARG A 32 0.93 2.91 -10.02
C ARG A 32 -0.14 3.84 -10.57
N SER A 33 0.28 4.98 -11.09
CA SER A 33 -0.64 5.95 -11.69
C SER A 33 -0.06 6.49 -12.99
N ALA A 1 6.38 10.74 -8.03
CA ALA A 1 7.03 11.88 -7.35
C ALA A 1 7.17 11.61 -5.86
N SER A 2 6.73 10.44 -5.41
CA SER A 2 6.78 10.09 -3.98
C SER A 2 6.61 8.60 -3.78
N PRO A 3 7.61 7.77 -4.15
CA PRO A 3 7.55 6.32 -3.94
C PRO A 3 7.52 5.95 -2.45
N GLN A 4 7.89 6.90 -1.61
CA GLN A 4 7.97 6.65 -0.18
C GLN A 4 6.58 6.52 0.44
N GLN A 5 5.65 7.34 -0.04
CA GLN A 5 4.28 7.30 0.48
C GLN A 5 3.62 5.96 0.15
N ALA A 6 4.03 5.37 -0.97
CA ALA A 6 3.54 4.05 -1.34
C ALA A 6 4.04 3.01 -0.35
N LYS A 7 5.29 3.16 0.08
CA LYS A 7 5.87 2.25 1.06
C LYS A 7 5.12 2.36 2.38
N TYR A 8 4.72 3.58 2.72
CA TYR A 8 3.94 3.84 3.92
C TYR A 8 2.59 3.12 3.85
N CYS A 9 1.96 3.19 2.68
CA CYS A 9 0.67 2.54 2.46
C CYS A 9 0.79 1.04 2.69
N TYR A 10 1.79 0.43 2.06
CA TYR A 10 2.02 -1.01 2.17
C TYR A 10 2.46 -1.42 3.56
N GLU A 11 3.30 -0.59 4.19
CA GLU A 11 3.87 -0.92 5.49
C GLU A 11 2.79 -0.86 6.57
N GLN A 12 1.89 0.11 6.48
CA GLN A 12 0.85 0.26 7.48
C GLN A 12 -0.23 -0.79 7.32
N CYS A 13 -0.30 -1.39 6.13
CA CYS A 13 -1.29 -2.43 5.85
C CYS A 13 -1.23 -3.57 6.88
N ASN A 14 -0.05 -4.14 7.07
CA ASN A 14 0.11 -5.26 8.00
C ASN A 14 0.18 -4.75 9.44
N VAL A 15 0.65 -3.52 9.61
CA VAL A 15 0.68 -2.89 10.91
C VAL A 15 -0.74 -2.72 11.46
N ASN A 16 -1.68 -2.42 10.56
CA ASN A 16 -3.08 -2.33 10.99
C ASN A 16 -3.67 -3.73 11.07
N LYS A 17 -4.06 -4.28 9.91
CA LYS A 17 -4.42 -5.69 9.79
C LYS A 17 -5.03 -5.95 8.40
N VAL A 18 -4.21 -6.22 7.37
CA VAL A 18 -4.75 -6.55 6.05
C VAL A 18 -3.81 -7.51 5.32
N PRO A 19 -4.36 -8.42 4.50
CA PRO A 19 -3.57 -9.28 3.61
C PRO A 19 -2.83 -8.45 2.56
N PHE A 20 -1.61 -8.89 2.22
CA PHE A 20 -0.74 -8.14 1.31
C PHE A 20 -1.40 -7.95 -0.05
N ASP A 21 -2.12 -8.96 -0.52
CA ASP A 21 -2.82 -8.87 -1.81
C ASP A 21 -3.92 -7.81 -1.75
N GLN A 22 -4.59 -7.72 -0.61
CA GLN A 22 -5.57 -6.66 -0.40
C GLN A 22 -4.88 -5.30 -0.34
N CYS A 23 -3.67 -5.29 0.22
CA CYS A 23 -2.89 -4.05 0.26
C CYS A 23 -2.55 -3.60 -1.15
N TYR A 24 -2.18 -4.55 -1.99
CA TYR A 24 -1.94 -4.27 -3.40
C TYR A 24 -3.20 -3.68 -4.02
N GLN A 25 -4.35 -4.16 -3.58
CA GLN A 25 -5.64 -3.70 -4.11
C GLN A 25 -5.86 -2.22 -3.80
N MET A 26 -5.53 -1.83 -2.57
CA MET A 26 -5.81 -0.48 -2.10
C MET A 26 -4.70 0.49 -2.49
N CYS A 27 -3.44 0.09 -2.34
CA CYS A 27 -2.32 1.01 -2.55
C CYS A 27 -1.92 1.13 -4.03
N SER A 28 -2.40 0.24 -4.88
CA SER A 28 -2.02 0.27 -6.29
C SER A 28 -2.46 1.56 -7.01
N PRO A 29 -3.74 2.00 -6.91
CA PRO A 29 -4.19 3.25 -7.56
C PRO A 29 -3.36 4.47 -7.14
N LEU A 30 -2.87 4.43 -5.91
CA LEU A 30 -1.97 5.46 -5.40
C LEU A 30 -0.66 5.41 -6.18
N GLU A 31 -0.02 4.26 -6.12
CA GLU A 31 1.31 4.08 -6.71
C GLU A 31 1.25 4.27 -8.23
N ARG A 32 0.25 3.68 -8.86
CA ARG A 32 0.10 3.76 -10.30
C ARG A 32 -1.33 4.12 -10.66
N SER A 33 -1.50 5.23 -11.38
CA SER A 33 -2.84 5.71 -11.71
C SER A 33 -3.07 5.61 -13.21
N ALA A 1 3.94 10.36 -9.37
CA ALA A 1 4.65 9.31 -8.60
C ALA A 1 4.82 9.73 -7.15
N SER A 2 4.76 8.76 -6.25
CA SER A 2 4.94 9.02 -4.83
C SER A 2 5.39 7.75 -4.11
N PRO A 3 6.60 7.25 -4.42
CA PRO A 3 7.13 5.99 -3.87
C PRO A 3 7.05 5.90 -2.35
N GLN A 4 7.36 7.01 -1.67
CA GLN A 4 7.39 7.02 -0.21
C GLN A 4 6.01 6.79 0.37
N GLN A 5 5.00 7.39 -0.24
CA GLN A 5 3.62 7.21 0.21
C GLN A 5 3.18 5.78 0.01
N ALA A 6 3.59 5.20 -1.11
CA ALA A 6 3.28 3.81 -1.40
C ALA A 6 3.91 2.88 -0.37
N LYS A 7 5.17 3.17 -0.02
CA LYS A 7 5.88 2.36 0.95
C LYS A 7 5.22 2.46 2.31
N TYR A 8 4.73 3.66 2.62
CA TYR A 8 4.01 3.90 3.87
C TYR A 8 2.70 3.12 3.89
N CYS A 9 2.01 3.12 2.75
CA CYS A 9 0.74 2.40 2.61
C CYS A 9 0.95 0.90 2.87
N TYR A 10 1.95 0.32 2.20
CA TYR A 10 2.25 -1.10 2.35
C TYR A 10 2.71 -1.44 3.76
N GLU A 11 3.51 -0.55 4.35
CA GLU A 11 4.04 -0.80 5.69
C GLU A 11 2.91 -0.85 6.72
N GLN A 12 1.97 0.09 6.62
CA GLN A 12 0.90 0.19 7.59
C GLN A 12 -0.11 -0.94 7.41
N CYS A 13 -0.10 -1.56 6.24
CA CYS A 13 -1.05 -2.62 5.94
C CYS A 13 -0.99 -3.76 6.97
N ASN A 14 0.19 -4.36 7.16
CA ASN A 14 0.31 -5.45 8.11
C ASN A 14 0.27 -4.93 9.54
N VAL A 15 0.70 -3.69 9.72
CA VAL A 15 0.68 -3.05 11.03
C VAL A 15 -0.75 -2.85 11.52
N ASN A 16 -1.65 -2.52 10.60
CA ASN A 16 -3.05 -2.31 10.97
C ASN A 16 -3.81 -3.62 10.93
N LYS A 17 -4.18 -4.06 9.73
CA LYS A 17 -4.78 -5.38 9.52
C LYS A 17 -5.23 -5.53 8.06
N VAL A 18 -4.35 -5.93 7.15
CA VAL A 18 -4.76 -6.18 5.78
C VAL A 18 -3.71 -7.02 5.04
N PRO A 19 -4.16 -8.17 4.46
CA PRO A 19 -3.28 -9.06 3.69
C PRO A 19 -2.59 -8.37 2.52
N PHE A 20 -1.38 -8.82 2.17
CA PHE A 20 -0.58 -8.13 1.17
C PHE A 20 -1.34 -7.93 -0.15
N ASP A 21 -2.00 -8.98 -0.63
CA ASP A 21 -2.69 -8.92 -1.92
C ASP A 21 -3.84 -7.91 -1.88
N GLN A 22 -4.58 -7.90 -0.80
CA GLN A 22 -5.65 -6.92 -0.63
C GLN A 22 -5.05 -5.52 -0.44
N CYS A 23 -3.90 -5.47 0.24
CA CYS A 23 -3.15 -4.21 0.39
C CYS A 23 -2.77 -3.67 -0.98
N TYR A 24 -2.35 -4.56 -1.86
CA TYR A 24 -2.03 -4.20 -3.23
C TYR A 24 -3.20 -3.49 -3.89
N GLN A 25 -4.42 -3.92 -3.55
CA GLN A 25 -5.61 -3.39 -4.20
C GLN A 25 -5.88 -1.96 -3.74
N MET A 26 -5.42 -1.62 -2.56
CA MET A 26 -5.58 -0.27 -2.04
C MET A 26 -4.39 0.62 -2.43
N CYS A 27 -3.18 0.13 -2.19
CA CYS A 27 -1.98 0.94 -2.39
C CYS A 27 -1.59 1.06 -3.86
N SER A 28 -1.96 0.10 -4.70
CA SER A 28 -1.60 0.16 -6.12
C SER A 28 -2.20 1.40 -6.81
N PRO A 29 -3.51 1.70 -6.65
CA PRO A 29 -4.11 2.93 -7.18
C PRO A 29 -3.37 4.20 -6.75
N LEU A 30 -2.79 4.16 -5.56
CA LEU A 30 -1.98 5.26 -5.05
C LEU A 30 -0.70 5.36 -5.88
N GLU A 31 -0.07 4.23 -6.07
CA GLU A 31 1.24 4.15 -6.74
C GLU A 31 1.07 4.33 -8.24
N ARG A 32 0.50 3.32 -8.90
CA ARG A 32 0.29 3.36 -10.35
C ARG A 32 -0.83 2.41 -10.76
N SER A 33 -1.97 2.98 -11.16
CA SER A 33 -3.07 2.19 -11.71
C SER A 33 -3.93 3.06 -12.61
N ALA A 1 4.60 13.43 -7.55
CA ALA A 1 4.94 12.03 -7.24
C ALA A 1 5.46 11.90 -5.82
N SER A 2 5.25 10.74 -5.22
CA SER A 2 5.68 10.49 -3.87
C SER A 2 5.67 8.98 -3.59
N PRO A 3 6.63 8.23 -4.17
CA PRO A 3 6.75 6.78 -3.97
C PRO A 3 6.82 6.38 -2.50
N GLN A 4 7.21 7.32 -1.65
CA GLN A 4 7.28 7.07 -0.21
C GLN A 4 5.90 6.81 0.37
N GLN A 5 4.88 7.42 -0.24
CA GLN A 5 3.51 7.21 0.18
C GLN A 5 3.11 5.75 -0.05
N ALA A 6 3.59 5.20 -1.15
CA ALA A 6 3.34 3.81 -1.48
C ALA A 6 3.96 2.91 -0.43
N LYS A 7 5.18 3.21 -0.03
CA LYS A 7 5.89 2.40 0.94
C LYS A 7 5.21 2.51 2.31
N TYR A 8 4.69 3.69 2.62
CA TYR A 8 3.94 3.91 3.85
C TYR A 8 2.65 3.09 3.83
N CYS A 9 1.99 3.08 2.68
CA CYS A 9 0.77 2.31 2.51
C CYS A 9 1.07 0.82 2.71
N TYR A 10 2.12 0.34 2.07
CA TYR A 10 2.52 -1.06 2.17
C TYR A 10 3.09 -1.39 3.55
N GLU A 11 3.54 -0.40 4.28
CA GLU A 11 4.10 -0.66 5.59
C GLU A 11 2.98 -0.75 6.64
N GLN A 12 2.03 0.19 6.60
CA GLN A 12 1.00 0.25 7.61
C GLN A 12 -0.11 -0.76 7.36
N CYS A 13 -0.31 -1.15 6.11
CA CYS A 13 -1.42 -2.04 5.75
C CYS A 13 -1.37 -3.33 6.57
N ASN A 14 -0.22 -3.98 6.60
CA ASN A 14 -0.05 -5.21 7.37
C ASN A 14 -0.02 -4.92 8.87
N VAL A 15 0.46 -3.74 9.24
CA VAL A 15 0.55 -3.34 10.62
C VAL A 15 -0.85 -3.14 11.20
N ASN A 16 -1.76 -2.60 10.39
CA ASN A 16 -3.13 -2.40 10.84
C ASN A 16 -3.84 -3.74 10.91
N LYS A 17 -4.24 -4.26 9.74
CA LYS A 17 -4.78 -5.61 9.61
C LYS A 17 -5.27 -5.86 8.17
N VAL A 18 -4.37 -6.26 7.26
CA VAL A 18 -4.79 -6.59 5.91
C VAL A 18 -3.86 -7.66 5.30
N PRO A 19 -4.41 -8.51 4.43
CA PRO A 19 -3.61 -9.45 3.64
C PRO A 19 -2.84 -8.74 2.54
N PHE A 20 -1.72 -9.29 2.09
CA PHE A 20 -0.88 -8.62 1.08
C PHE A 20 -1.70 -8.25 -0.16
N ASP A 21 -2.55 -9.17 -0.60
CA ASP A 21 -3.38 -8.93 -1.78
C ASP A 21 -4.26 -7.70 -1.58
N GLN A 22 -4.85 -7.55 -0.39
CA GLN A 22 -5.63 -6.37 -0.07
C GLN A 22 -4.74 -5.13 -0.03
N CYS A 23 -3.53 -5.30 0.49
CA CYS A 23 -2.57 -4.20 0.55
C CYS A 23 -2.27 -3.73 -0.87
N TYR A 24 -2.07 -4.69 -1.78
CA TYR A 24 -1.84 -4.36 -3.17
C TYR A 24 -3.04 -3.64 -3.76
N GLN A 25 -4.25 -4.05 -3.34
CA GLN A 25 -5.47 -3.48 -3.90
C GLN A 25 -5.61 -2.01 -3.53
N MET A 26 -5.27 -1.68 -2.29
CA MET A 26 -5.43 -0.33 -1.79
C MET A 26 -4.28 0.58 -2.23
N CYS A 27 -3.07 0.05 -2.19
CA CYS A 27 -1.89 0.88 -2.47
C CYS A 27 -1.59 1.00 -3.96
N SER A 28 -2.16 0.13 -4.80
CA SER A 28 -1.87 0.16 -6.23
C SER A 28 -2.32 1.48 -6.91
N PRO A 29 -3.59 1.94 -6.75
CA PRO A 29 -4.05 3.20 -7.36
C PRO A 29 -3.24 4.41 -6.86
N LEU A 30 -2.60 4.24 -5.71
CA LEU A 30 -1.73 5.27 -5.15
C LEU A 30 -0.45 5.33 -5.96
N GLU A 31 0.21 4.19 -6.06
CA GLU A 31 1.50 4.09 -6.75
C GLU A 31 1.30 4.32 -8.25
N ARG A 32 0.28 3.72 -8.81
CA ARG A 32 0.03 3.80 -10.24
C ARG A 32 -1.46 4.00 -10.51
N SER A 33 -1.83 5.24 -10.83
CA SER A 33 -3.21 5.55 -11.16
C SER A 33 -3.36 5.79 -12.65
N ALA A 1 5.07 11.34 -8.84
CA ALA A 1 5.01 10.09 -8.04
C ALA A 1 5.29 10.38 -6.57
N SER A 2 5.28 9.33 -5.76
CA SER A 2 5.52 9.48 -4.32
C SER A 2 5.82 8.11 -3.72
N PRO A 3 7.04 7.59 -3.95
CA PRO A 3 7.46 6.28 -3.43
C PRO A 3 7.30 6.16 -1.91
N GLN A 4 7.44 7.27 -1.20
CA GLN A 4 7.40 7.25 0.25
C GLN A 4 5.99 7.00 0.77
N GLN A 5 5.00 7.63 0.14
CA GLN A 5 3.62 7.47 0.56
C GLN A 5 3.13 6.06 0.23
N ALA A 6 3.59 5.54 -0.90
CA ALA A 6 3.26 4.19 -1.31
C ALA A 6 3.89 3.19 -0.37
N LYS A 7 5.14 3.43 0.00
CA LYS A 7 5.86 2.56 0.92
C LYS A 7 5.19 2.55 2.28
N TYR A 8 4.66 3.70 2.67
CA TYR A 8 3.92 3.84 3.92
C TYR A 8 2.63 3.02 3.87
N CYS A 9 1.98 3.05 2.71
CA CYS A 9 0.74 2.31 2.50
C CYS A 9 0.98 0.81 2.66
N TYR A 10 2.02 0.31 2.00
CA TYR A 10 2.37 -1.11 2.09
C TYR A 10 2.90 -1.48 3.46
N GLU A 11 3.41 -0.49 4.18
CA GLU A 11 3.94 -0.72 5.51
C GLU A 11 2.80 -0.95 6.49
N GLN A 12 1.97 0.07 6.65
CA GLN A 12 0.96 0.08 7.70
C GLN A 12 -0.21 -0.83 7.37
N CYS A 13 -0.37 -1.20 6.11
CA CYS A 13 -1.52 -2.01 5.70
C CYS A 13 -1.59 -3.31 6.50
N ASN A 14 -0.53 -4.11 6.44
CA ASN A 14 -0.50 -5.37 7.18
C ASN A 14 -0.26 -5.13 8.67
N VAL A 15 0.43 -4.05 9.00
CA VAL A 15 0.70 -3.71 10.39
C VAL A 15 -0.60 -3.48 11.14
N ASN A 16 -1.52 -2.76 10.51
CA ASN A 16 -2.82 -2.51 11.13
C ASN A 16 -3.63 -3.80 11.13
N LYS A 17 -4.15 -4.19 9.95
CA LYS A 17 -4.70 -5.52 9.74
C LYS A 17 -5.28 -5.65 8.31
N VAL A 18 -4.43 -5.96 7.34
CA VAL A 18 -4.91 -6.31 5.99
C VAL A 18 -3.92 -7.28 5.35
N PRO A 19 -4.41 -8.25 4.57
CA PRO A 19 -3.56 -9.15 3.77
C PRO A 19 -2.80 -8.38 2.69
N PHE A 20 -1.64 -8.89 2.28
CA PHE A 20 -0.80 -8.21 1.28
C PHE A 20 -1.57 -8.03 -0.04
N ASP A 21 -2.36 -9.02 -0.42
CA ASP A 21 -3.15 -8.92 -1.64
C ASP A 21 -4.14 -7.77 -1.53
N GLN A 22 -4.60 -7.49 -0.32
CA GLN A 22 -5.46 -6.36 -0.05
C GLN A 22 -4.64 -5.07 -0.08
N CYS A 23 -3.41 -5.12 0.44
CA CYS A 23 -2.49 -3.99 0.35
C CYS A 23 -2.32 -3.60 -1.12
N TYR A 24 -2.18 -4.61 -1.96
CA TYR A 24 -1.99 -4.41 -3.39
C TYR A 24 -3.17 -3.63 -3.98
N GLN A 25 -4.38 -3.96 -3.55
CA GLN A 25 -5.58 -3.38 -4.16
C GLN A 25 -5.76 -1.92 -3.76
N MET A 26 -5.23 -1.56 -2.60
CA MET A 26 -5.31 -0.18 -2.16
C MET A 26 -4.08 0.63 -2.60
N CYS A 27 -2.90 0.08 -2.37
CA CYS A 27 -1.66 0.84 -2.55
C CYS A 27 -1.18 0.85 -4.00
N SER A 28 -1.43 -0.22 -4.76
CA SER A 28 -0.97 -0.27 -6.15
C SER A 28 -1.65 0.81 -7.02
N PRO A 29 -3.00 0.92 -7.03
CA PRO A 29 -3.68 2.02 -7.71
C PRO A 29 -3.15 3.39 -7.28
N LEU A 30 -2.95 3.54 -5.98
CA LEU A 30 -2.36 4.75 -5.41
C LEU A 30 -1.05 5.07 -6.15
N GLU A 31 -0.17 4.09 -6.16
CA GLU A 31 1.17 4.27 -6.69
C GLU A 31 1.16 4.46 -8.21
N ARG A 32 0.29 3.74 -8.90
CA ARG A 32 0.25 3.78 -10.36
C ARG A 32 -1.15 4.13 -10.87
N SER A 33 -1.47 5.41 -10.86
CA SER A 33 -2.71 5.90 -11.44
C SER A 33 -2.43 7.17 -12.24
N ALA A 1 7.08 8.12 -8.60
CA ALA A 1 6.25 9.31 -8.29
C ALA A 1 6.47 9.75 -6.84
N SER A 2 6.16 8.86 -5.90
CA SER A 2 6.28 9.16 -4.49
C SER A 2 6.52 7.87 -3.69
N PRO A 3 7.75 7.30 -3.78
CA PRO A 3 8.09 6.03 -3.12
C PRO A 3 7.72 5.99 -1.64
N GLN A 4 7.87 7.11 -0.96
CA GLN A 4 7.61 7.16 0.48
C GLN A 4 6.13 6.94 0.76
N GLN A 5 5.28 7.48 -0.10
CA GLN A 5 3.84 7.33 0.07
C GLN A 5 3.42 5.89 -0.17
N ALA A 6 3.96 5.30 -1.22
CA ALA A 6 3.68 3.91 -1.53
C ALA A 6 4.20 3.00 -0.43
N LYS A 7 5.41 3.28 0.04
CA LYS A 7 6.03 2.47 1.06
C LYS A 7 5.28 2.61 2.38
N TYR A 8 4.72 3.79 2.62
CA TYR A 8 3.93 4.04 3.82
C TYR A 8 2.61 3.27 3.76
N CYS A 9 1.99 3.28 2.58
CA CYS A 9 0.73 2.56 2.38
C CYS A 9 0.94 1.06 2.59
N TYR A 10 2.00 0.52 1.99
CA TYR A 10 2.33 -0.90 2.12
C TYR A 10 2.84 -1.23 3.52
N GLU A 11 3.27 -0.22 4.24
CA GLU A 11 3.74 -0.41 5.61
C GLU A 11 2.56 -0.64 6.54
N GLN A 12 1.72 0.39 6.65
CA GLN A 12 0.69 0.41 7.68
C GLN A 12 -0.43 -0.58 7.40
N CYS A 13 -0.53 -1.04 6.15
CA CYS A 13 -1.61 -1.95 5.76
C CYS A 13 -1.55 -3.25 6.56
N ASN A 14 -0.42 -3.94 6.49
CA ASN A 14 -0.23 -5.18 7.24
C ASN A 14 -0.03 -4.90 8.72
N VAL A 15 0.53 -3.74 9.04
CA VAL A 15 0.72 -3.35 10.43
C VAL A 15 -0.62 -3.23 11.16
N ASN A 16 -1.64 -2.77 10.45
CA ASN A 16 -2.97 -2.72 11.05
C ASN A 16 -3.57 -4.11 11.07
N LYS A 17 -4.05 -4.57 9.90
CA LYS A 17 -4.42 -5.96 9.67
C LYS A 17 -5.03 -6.14 8.27
N VAL A 18 -4.19 -6.34 7.24
CA VAL A 18 -4.73 -6.64 5.92
C VAL A 18 -3.83 -7.66 5.21
N PRO A 19 -4.45 -8.58 4.45
CA PRO A 19 -3.71 -9.51 3.58
C PRO A 19 -2.94 -8.76 2.49
N PHE A 20 -1.85 -9.35 1.99
CA PHE A 20 -1.01 -8.66 1.01
C PHE A 20 -1.81 -8.21 -0.21
N ASP A 21 -2.68 -9.09 -0.70
CA ASP A 21 -3.49 -8.77 -1.88
C ASP A 21 -4.38 -7.55 -1.64
N GLN A 22 -4.92 -7.45 -0.42
CA GLN A 22 -5.71 -6.29 -0.06
C GLN A 22 -4.83 -5.05 0.03
N CYS A 23 -3.61 -5.23 0.53
CA CYS A 23 -2.66 -4.13 0.60
C CYS A 23 -2.36 -3.64 -0.82
N TYR A 24 -2.17 -4.59 -1.73
CA TYR A 24 -1.93 -4.26 -3.12
C TYR A 24 -3.13 -3.55 -3.71
N GLN A 25 -4.33 -4.02 -3.37
CA GLN A 25 -5.55 -3.51 -4.01
C GLN A 25 -5.83 -2.07 -3.59
N MET A 26 -5.39 -1.70 -2.39
CA MET A 26 -5.60 -0.35 -1.90
C MET A 26 -4.49 0.59 -2.35
N CYS A 27 -3.26 0.13 -2.27
CA CYS A 27 -2.11 0.98 -2.62
C CYS A 27 -1.85 0.99 -4.12
N SER A 28 -2.54 0.13 -4.89
CA SER A 28 -2.34 0.07 -6.33
C SER A 28 -2.72 1.40 -7.03
N PRO A 29 -3.91 2.01 -6.78
CA PRO A 29 -4.29 3.29 -7.40
C PRO A 29 -3.31 4.42 -7.07
N LEU A 30 -2.44 4.17 -6.11
CA LEU A 30 -1.43 5.13 -5.71
C LEU A 30 -0.16 4.90 -6.54
N GLU A 31 0.44 3.74 -6.37
CA GLU A 31 1.75 3.47 -6.96
C GLU A 31 1.66 3.11 -8.44
N ARG A 32 1.01 2.00 -8.76
CA ARG A 32 0.98 1.53 -10.15
C ARG A 32 -0.43 1.48 -10.70
N SER A 33 -0.70 2.34 -11.67
CA SER A 33 -1.98 2.37 -12.37
C SER A 33 -1.76 2.82 -13.81
N ALA A 1 4.91 8.75 -8.05
CA ALA A 1 5.75 9.96 -7.95
C ALA A 1 6.15 10.25 -6.51
N SER A 2 6.30 9.19 -5.72
CA SER A 2 6.66 9.31 -4.31
C SER A 2 6.73 7.91 -3.69
N PRO A 3 7.80 7.14 -3.98
CA PRO A 3 7.92 5.75 -3.50
C PRO A 3 7.76 5.62 -1.98
N GLN A 4 8.16 6.64 -1.24
CA GLN A 4 8.10 6.62 0.21
C GLN A 4 6.66 6.54 0.69
N GLN A 5 5.79 7.36 0.12
CA GLN A 5 4.40 7.42 0.57
C GLN A 5 3.68 6.11 0.23
N ALA A 6 4.09 5.49 -0.87
CA ALA A 6 3.54 4.20 -1.25
C ALA A 6 3.98 3.12 -0.26
N LYS A 7 5.24 3.20 0.17
CA LYS A 7 5.75 2.26 1.14
C LYS A 7 5.00 2.39 2.46
N TYR A 8 4.62 3.62 2.79
CA TYR A 8 3.83 3.88 3.99
C TYR A 8 2.48 3.17 3.92
N CYS A 9 1.85 3.24 2.76
CA CYS A 9 0.54 2.61 2.56
C CYS A 9 0.67 1.09 2.73
N TYR A 10 1.70 0.52 2.11
CA TYR A 10 1.94 -0.92 2.18
C TYR A 10 2.37 -1.35 3.58
N GLU A 11 3.15 -0.52 4.25
CA GLU A 11 3.65 -0.84 5.57
C GLU A 11 2.53 -0.76 6.61
N GLN A 12 1.66 0.24 6.50
CA GLN A 12 0.52 0.36 7.40
C GLN A 12 -0.43 -0.82 7.24
N CYS A 13 -0.38 -1.44 6.07
CA CYS A 13 -1.21 -2.61 5.80
C CYS A 13 -0.93 -3.74 6.80
N ASN A 14 0.35 -4.08 6.98
CA ASN A 14 0.70 -5.14 7.90
C ASN A 14 0.71 -4.64 9.33
N VAL A 15 0.98 -3.35 9.51
CA VAL A 15 0.95 -2.74 10.83
C VAL A 15 -0.46 -2.82 11.41
N ASN A 16 -1.46 -2.39 10.64
CA ASN A 16 -2.82 -2.39 11.15
C ASN A 16 -3.38 -3.81 11.14
N LYS A 17 -3.80 -4.28 9.95
CA LYS A 17 -4.12 -5.69 9.73
C LYS A 17 -4.77 -5.89 8.36
N VAL A 18 -3.99 -6.07 7.30
CA VAL A 18 -4.59 -6.38 6.00
C VAL A 18 -3.67 -7.33 5.22
N PRO A 19 -4.25 -8.31 4.52
CA PRO A 19 -3.51 -9.21 3.62
C PRO A 19 -2.86 -8.42 2.49
N PHE A 20 -1.67 -8.85 2.08
CA PHE A 20 -0.89 -8.13 1.07
C PHE A 20 -1.65 -8.04 -0.26
N ASP A 21 -2.37 -9.09 -0.63
CA ASP A 21 -3.14 -9.08 -1.86
C ASP A 21 -4.22 -8.00 -1.80
N GLN A 22 -4.80 -7.82 -0.62
CA GLN A 22 -5.77 -6.75 -0.39
C GLN A 22 -5.06 -5.39 -0.40
N CYS A 23 -3.86 -5.35 0.15
CA CYS A 23 -3.08 -4.11 0.18
C CYS A 23 -2.74 -3.68 -1.25
N TYR A 24 -2.44 -4.66 -2.08
CA TYR A 24 -2.18 -4.41 -3.50
C TYR A 24 -3.41 -3.83 -4.17
N GLN A 25 -4.58 -4.10 -3.63
CA GLN A 25 -5.81 -3.60 -4.22
C GLN A 25 -6.04 -2.14 -3.84
N MET A 26 -5.58 -1.77 -2.65
CA MET A 26 -5.79 -0.41 -2.15
C MET A 26 -4.64 0.53 -2.54
N CYS A 27 -3.40 0.11 -2.31
CA CYS A 27 -2.27 1.02 -2.45
C CYS A 27 -1.71 1.07 -3.88
N SER A 28 -2.13 0.15 -4.75
CA SER A 28 -1.58 0.15 -6.12
C SER A 28 -1.97 1.41 -6.92
N PRO A 29 -3.25 1.87 -6.90
CA PRO A 29 -3.66 3.09 -7.61
C PRO A 29 -2.90 4.33 -7.12
N LEU A 30 -2.27 4.22 -5.97
CA LEU A 30 -1.44 5.28 -5.43
C LEU A 30 -0.13 5.34 -6.21
N GLU A 31 0.50 4.18 -6.35
CA GLU A 31 1.80 4.09 -6.99
C GLU A 31 1.65 4.13 -8.51
N ARG A 32 1.11 3.05 -9.08
CA ARG A 32 0.84 2.98 -10.52
C ARG A 32 -0.34 2.07 -10.79
N SER A 33 -1.31 2.56 -11.54
CA SER A 33 -2.46 1.78 -11.95
C SER A 33 -3.13 2.44 -13.15
N ALA A 1 2.68 12.31 -6.93
CA ALA A 1 4.15 12.48 -7.02
C ALA A 1 4.80 12.30 -5.66
N SER A 2 4.64 11.12 -5.08
CA SER A 2 5.16 10.84 -3.75
C SER A 2 5.39 9.33 -3.58
N PRO A 3 6.38 8.76 -4.30
CA PRO A 3 6.68 7.32 -4.23
C PRO A 3 7.01 6.83 -2.82
N GLN A 4 7.38 7.74 -1.93
CA GLN A 4 7.68 7.38 -0.55
C GLN A 4 6.41 7.05 0.23
N GLN A 5 5.34 7.78 -0.04
CA GLN A 5 4.06 7.55 0.65
C GLN A 5 3.55 6.15 0.33
N ALA A 6 3.92 5.64 -0.83
CA ALA A 6 3.56 4.30 -1.23
C ALA A 6 4.15 3.28 -0.27
N LYS A 7 5.38 3.53 0.17
CA LYS A 7 6.06 2.66 1.11
C LYS A 7 5.32 2.67 2.46
N TYR A 8 4.73 3.81 2.78
CA TYR A 8 3.95 3.96 4.00
C TYR A 8 2.66 3.14 3.89
N CYS A 9 2.03 3.18 2.73
CA CYS A 9 0.80 2.41 2.48
C CYS A 9 1.08 0.92 2.61
N TYR A 10 2.13 0.46 1.92
CA TYR A 10 2.49 -0.96 1.93
C TYR A 10 3.00 -1.40 3.30
N GLU A 11 3.41 -0.45 4.12
CA GLU A 11 3.84 -0.78 5.47
C GLU A 11 2.64 -0.88 6.39
N GLN A 12 1.91 0.22 6.54
CA GLN A 12 0.83 0.32 7.51
C GLN A 12 -0.32 -0.61 7.18
N CYS A 13 -0.42 -1.03 5.92
CA CYS A 13 -1.49 -1.94 5.51
C CYS A 13 -1.44 -3.22 6.35
N ASN A 14 -0.28 -3.87 6.40
CA ASN A 14 -0.11 -5.08 7.19
C ASN A 14 -0.04 -4.77 8.67
N VAL A 15 0.49 -3.59 9.00
CA VAL A 15 0.63 -3.18 10.40
C VAL A 15 -0.75 -3.04 11.04
N ASN A 16 -1.71 -2.53 10.28
CA ASN A 16 -3.07 -2.42 10.77
C ASN A 16 -3.70 -3.80 10.84
N LYS A 17 -4.10 -4.32 9.67
CA LYS A 17 -4.56 -5.70 9.53
C LYS A 17 -5.09 -5.95 8.13
N VAL A 18 -4.22 -6.29 7.17
CA VAL A 18 -4.69 -6.61 5.83
C VAL A 18 -3.81 -7.70 5.21
N PRO A 19 -4.42 -8.63 4.47
CA PRO A 19 -3.70 -9.60 3.63
C PRO A 19 -2.98 -8.90 2.47
N PHE A 20 -1.92 -9.51 1.94
CA PHE A 20 -1.16 -8.91 0.83
C PHE A 20 -2.09 -8.43 -0.29
N ASP A 21 -3.03 -9.28 -0.69
CA ASP A 21 -3.95 -8.96 -1.79
C ASP A 21 -4.71 -7.67 -1.48
N GLN A 22 -5.06 -7.47 -0.21
CA GLN A 22 -5.73 -6.26 0.21
C GLN A 22 -4.77 -5.08 0.17
N CYS A 23 -3.54 -5.32 0.62
CA CYS A 23 -2.52 -4.26 0.61
C CYS A 23 -2.27 -3.79 -0.81
N TYR A 24 -2.14 -4.75 -1.72
CA TYR A 24 -1.96 -4.42 -3.12
C TYR A 24 -3.17 -3.67 -3.65
N GLN A 25 -4.37 -4.14 -3.31
CA GLN A 25 -5.58 -3.62 -3.94
C GLN A 25 -5.85 -2.18 -3.50
N MET A 26 -5.32 -1.81 -2.34
CA MET A 26 -5.45 -0.44 -1.86
C MET A 26 -4.30 0.44 -2.33
N CYS A 27 -3.07 -0.04 -2.20
CA CYS A 27 -1.90 0.78 -2.47
C CYS A 27 -1.53 0.83 -3.96
N SER A 28 -1.97 -0.16 -4.75
CA SER A 28 -1.62 -0.17 -6.17
C SER A 28 -2.18 1.04 -6.95
N PRO A 29 -3.46 1.46 -6.73
CA PRO A 29 -3.99 2.68 -7.37
C PRO A 29 -3.17 3.92 -7.00
N LEU A 30 -2.48 3.85 -5.87
CA LEU A 30 -1.64 4.95 -5.40
C LEU A 30 -0.30 4.89 -6.13
N GLU A 31 0.39 3.77 -5.95
CA GLU A 31 1.74 3.59 -6.48
C GLU A 31 1.75 3.65 -8.00
N ARG A 32 0.80 2.96 -8.62
CA ARG A 32 0.74 2.91 -10.06
C ARG A 32 -0.57 3.51 -10.55
N SER A 33 -0.60 4.84 -10.61
CA SER A 33 -1.79 5.55 -11.02
C SER A 33 -1.69 5.98 -12.48
N ALA A 1 5.52 7.57 -9.40
CA ALA A 1 4.55 8.68 -9.25
C ALA A 1 4.39 9.07 -7.78
N SER A 2 4.28 8.08 -6.90
CA SER A 2 4.13 8.34 -5.47
C SER A 2 4.70 7.19 -4.63
N PRO A 3 6.00 6.84 -4.83
CA PRO A 3 6.62 5.69 -4.17
C PRO A 3 6.57 5.73 -2.64
N GLN A 4 7.00 6.83 -2.04
CA GLN A 4 7.14 6.90 -0.58
C GLN A 4 5.79 6.74 0.12
N GLN A 5 4.79 7.47 -0.34
CA GLN A 5 3.46 7.37 0.25
C GLN A 5 2.92 5.95 0.12
N ALA A 6 3.16 5.33 -1.02
CA ALA A 6 2.72 3.97 -1.24
C ALA A 6 3.45 3.01 -0.32
N LYS A 7 4.75 3.24 -0.15
CA LYS A 7 5.56 2.41 0.72
C LYS A 7 5.09 2.55 2.17
N TYR A 8 4.62 3.74 2.53
CA TYR A 8 4.09 3.97 3.86
C TYR A 8 2.82 3.16 4.06
N CYS A 9 1.96 3.16 3.04
CA CYS A 9 0.74 2.35 3.07
C CYS A 9 1.09 0.88 3.24
N TYR A 10 1.97 0.39 2.37
CA TYR A 10 2.38 -1.01 2.39
C TYR A 10 3.04 -1.37 3.72
N GLU A 11 3.64 -0.39 4.36
CA GLU A 11 4.25 -0.58 5.66
C GLU A 11 3.17 -0.84 6.71
N GLN A 12 2.26 0.13 6.86
CA GLN A 12 1.28 0.10 7.93
C GLN A 12 0.09 -0.81 7.63
N CYS A 13 -0.20 -1.08 6.36
CA CYS A 13 -1.40 -1.84 5.98
C CYS A 13 -1.41 -3.22 6.64
N ASN A 14 -0.35 -4.00 6.44
CA ASN A 14 -0.25 -5.32 7.06
C ASN A 14 -0.09 -5.20 8.57
N VAL A 15 0.48 -4.10 9.02
CA VAL A 15 0.68 -3.85 10.43
C VAL A 15 -0.65 -3.60 11.13
N ASN A 16 -1.53 -2.85 10.49
CA ASN A 16 -2.84 -2.57 11.06
C ASN A 16 -3.69 -3.83 11.03
N LYS A 17 -4.18 -4.18 9.84
CA LYS A 17 -4.85 -5.46 9.60
C LYS A 17 -5.36 -5.53 8.15
N VAL A 18 -4.49 -5.94 7.23
CA VAL A 18 -4.92 -6.22 5.85
C VAL A 18 -3.99 -7.28 5.25
N PRO A 19 -4.55 -8.21 4.48
CA PRO A 19 -3.76 -9.17 3.70
C PRO A 19 -2.93 -8.45 2.62
N PHE A 20 -1.78 -9.01 2.24
CA PHE A 20 -0.91 -8.37 1.26
C PHE A 20 -1.65 -8.08 -0.04
N ASP A 21 -2.45 -9.05 -0.50
CA ASP A 21 -3.19 -8.89 -1.76
C ASP A 21 -4.19 -7.75 -1.66
N GLN A 22 -4.72 -7.51 -0.46
CA GLN A 22 -5.60 -6.39 -0.24
C GLN A 22 -4.81 -5.08 -0.22
N CYS A 23 -3.61 -5.12 0.36
CA CYS A 23 -2.75 -3.93 0.39
C CYS A 23 -2.37 -3.54 -1.02
N TYR A 24 -2.07 -4.55 -1.84
CA TYR A 24 -1.77 -4.34 -3.25
C TYR A 24 -3.00 -3.77 -3.97
N GLN A 25 -4.17 -4.22 -3.55
CA GLN A 25 -5.42 -3.87 -4.22
C GLN A 25 -5.74 -2.40 -4.02
N MET A 26 -5.42 -1.88 -2.84
CA MET A 26 -5.75 -0.52 -2.48
C MET A 26 -4.64 0.47 -2.88
N CYS A 27 -3.41 0.18 -2.51
CA CYS A 27 -2.34 1.17 -2.62
C CYS A 27 -1.43 0.97 -3.83
N SER A 28 -1.72 -0.01 -4.68
CA SER A 28 -1.03 -0.08 -5.97
C SER A 28 -1.44 1.10 -6.86
N PRO A 29 -2.77 1.38 -7.04
CA PRO A 29 -3.22 2.56 -7.79
C PRO A 29 -2.72 3.89 -7.20
N LEU A 30 -2.38 3.85 -5.92
CA LEU A 30 -1.81 5.01 -5.24
C LEU A 30 -0.50 5.39 -5.93
N GLU A 31 0.32 4.39 -6.18
CA GLU A 31 1.61 4.60 -6.83
C GLU A 31 1.39 4.70 -8.34
N ARG A 32 1.09 3.56 -8.95
CA ARG A 32 0.89 3.48 -10.40
C ARG A 32 0.01 2.28 -10.74
N SER A 33 -1.07 2.52 -11.49
CA SER A 33 -1.91 1.46 -12.02
C SER A 33 -2.65 1.96 -13.25
N ALA A 1 5.91 7.15 -8.79
CA ALA A 1 4.95 8.15 -8.30
C ALA A 1 5.39 8.72 -6.95
N SER A 2 5.68 7.83 -6.02
CA SER A 2 6.07 8.23 -4.67
C SER A 2 6.52 6.99 -3.90
N PRO A 3 7.71 6.44 -4.21
CA PRO A 3 8.21 5.19 -3.62
C PRO A 3 8.12 5.16 -2.09
N GLN A 4 8.46 6.27 -1.44
CA GLN A 4 8.50 6.32 0.01
C GLN A 4 7.10 6.34 0.61
N GLN A 5 6.23 7.16 0.06
CA GLN A 5 4.84 7.24 0.54
C GLN A 5 4.09 5.96 0.21
N ALA A 6 4.43 5.36 -0.92
CA ALA A 6 3.83 4.09 -1.30
C ALA A 6 4.24 3.00 -0.33
N LYS A 7 5.51 3.02 0.08
CA LYS A 7 6.00 2.04 1.03
C LYS A 7 5.28 2.19 2.36
N TYR A 8 4.97 3.44 2.72
CA TYR A 8 4.23 3.74 3.94
C TYR A 8 2.83 3.16 3.85
N CYS A 9 2.21 3.32 2.68
CA CYS A 9 0.87 2.81 2.42
C CYS A 9 0.80 1.31 2.67
N TYR A 10 1.75 0.58 2.09
CA TYR A 10 1.80 -0.87 2.23
C TYR A 10 2.20 -1.29 3.65
N GLU A 11 3.09 -0.51 4.26
CA GLU A 11 3.56 -0.79 5.61
C GLU A 11 2.41 -0.67 6.62
N GLN A 12 1.58 0.36 6.49
CA GLN A 12 0.51 0.59 7.43
C GLN A 12 -0.58 -0.47 7.28
N CYS A 13 -0.62 -1.13 6.13
CA CYS A 13 -1.58 -2.19 5.90
C CYS A 13 -1.40 -3.32 6.92
N ASN A 14 -0.20 -3.89 6.99
CA ASN A 14 0.04 -5.00 7.90
C ASN A 14 0.06 -4.52 9.35
N VAL A 15 0.43 -3.26 9.54
CA VAL A 15 0.43 -2.65 10.87
C VAL A 15 -0.98 -2.68 11.47
N ASN A 16 -2.00 -2.44 10.65
CA ASN A 16 -3.37 -2.51 11.14
C ASN A 16 -3.90 -3.93 11.04
N LYS A 17 -4.24 -4.37 9.83
CA LYS A 17 -4.58 -5.76 9.55
C LYS A 17 -5.05 -5.90 8.10
N VAL A 18 -4.11 -6.08 7.17
CA VAL A 18 -4.45 -6.36 5.78
C VAL A 18 -3.24 -6.98 5.06
N PRO A 19 -3.45 -8.13 4.41
CA PRO A 19 -2.40 -8.82 3.61
C PRO A 19 -1.89 -7.97 2.45
N PHE A 20 -0.66 -8.21 2.01
CA PHE A 20 -0.05 -7.41 0.95
C PHE A 20 -0.92 -7.37 -0.32
N ASP A 21 -1.40 -8.54 -0.74
CA ASP A 21 -2.21 -8.62 -1.97
C ASP A 21 -3.48 -7.79 -1.84
N GLN A 22 -4.09 -7.83 -0.66
CA GLN A 22 -5.27 -7.03 -0.37
C GLN A 22 -4.89 -5.56 -0.28
N CYS A 23 -3.70 -5.27 0.21
CA CYS A 23 -3.20 -3.91 0.27
C CYS A 23 -3.02 -3.38 -1.15
N TYR A 24 -2.54 -4.24 -2.04
CA TYR A 24 -2.42 -3.90 -3.46
C TYR A 24 -3.79 -3.54 -4.02
N GLN A 25 -4.83 -4.20 -3.54
CA GLN A 25 -6.17 -3.96 -4.03
C GLN A 25 -6.61 -2.53 -3.70
N MET A 26 -6.28 -2.07 -2.50
CA MET A 26 -6.68 -0.74 -2.05
C MET A 26 -5.65 0.33 -2.43
N CYS A 27 -4.38 -0.01 -2.35
CA CYS A 27 -3.31 0.98 -2.56
C CYS A 27 -2.90 1.06 -4.04
N SER A 28 -3.52 0.24 -4.89
CA SER A 28 -3.21 0.26 -6.32
C SER A 28 -3.39 1.65 -6.97
N PRO A 29 -4.45 2.42 -6.63
CA PRO A 29 -4.61 3.81 -7.13
C PRO A 29 -3.40 4.70 -6.81
N LEU A 30 -2.63 4.32 -5.80
CA LEU A 30 -1.48 5.11 -5.39
C LEU A 30 -0.23 4.65 -6.16
N GLU A 31 0.23 3.45 -5.84
CA GLU A 31 1.48 2.95 -6.39
C GLU A 31 1.30 2.47 -7.82
N ARG A 32 0.63 1.34 -7.98
CA ARG A 32 0.45 0.73 -9.30
C ARG A 32 -0.81 -0.11 -9.34
N SER A 33 -1.52 -0.03 -10.45
CA SER A 33 -2.68 -0.87 -10.67
C SER A 33 -2.38 -1.88 -11.77
N ALA A 1 3.46 12.52 -7.76
CA ALA A 1 4.03 11.23 -7.33
C ALA A 1 4.62 11.36 -5.94
N SER A 2 4.86 10.23 -5.29
CA SER A 2 5.38 10.20 -3.93
C SER A 2 5.72 8.77 -3.51
N PRO A 3 6.93 8.28 -3.86
CA PRO A 3 7.37 6.93 -3.49
C PRO A 3 7.30 6.69 -1.97
N GLN A 4 7.44 7.77 -1.21
CA GLN A 4 7.44 7.68 0.25
C GLN A 4 6.08 7.24 0.77
N GLN A 5 5.02 7.83 0.21
CA GLN A 5 3.66 7.51 0.64
C GLN A 5 3.30 6.07 0.28
N ALA A 6 3.77 5.62 -0.88
CA ALA A 6 3.55 4.25 -1.29
C ALA A 6 4.21 3.28 -0.32
N LYS A 7 5.42 3.60 0.10
CA LYS A 7 6.16 2.75 1.01
C LYS A 7 5.49 2.75 2.38
N TYR A 8 4.79 3.83 2.68
CA TYR A 8 4.02 3.95 3.92
C TYR A 8 2.76 3.09 3.84
N CYS A 9 2.08 3.15 2.69
CA CYS A 9 0.84 2.39 2.49
C CYS A 9 1.11 0.90 2.63
N TYR A 10 2.16 0.42 1.97
CA TYR A 10 2.50 -1.00 2.00
C TYR A 10 3.02 -1.42 3.37
N GLU A 11 3.51 -0.48 4.15
CA GLU A 11 3.96 -0.78 5.50
C GLU A 11 2.74 -0.91 6.42
N GLN A 12 1.96 0.15 6.49
CA GLN A 12 0.88 0.23 7.47
C GLN A 12 -0.27 -0.70 7.13
N CYS A 13 -0.34 -1.17 5.89
CA CYS A 13 -1.44 -2.04 5.49
C CYS A 13 -1.44 -3.32 6.32
N ASN A 14 -0.33 -4.02 6.34
CA ASN A 14 -0.22 -5.25 7.14
C ASN A 14 -0.07 -4.93 8.63
N VAL A 15 0.51 -3.78 8.94
CA VAL A 15 0.67 -3.36 10.33
C VAL A 15 -0.69 -3.08 10.96
N ASN A 16 -1.62 -2.55 10.16
CA ASN A 16 -2.96 -2.29 10.66
C ASN A 16 -3.73 -3.59 10.79
N LYS A 17 -4.16 -4.14 9.64
CA LYS A 17 -4.73 -5.48 9.54
C LYS A 17 -5.24 -5.73 8.12
N VAL A 18 -4.38 -6.16 7.20
CA VAL A 18 -4.83 -6.52 5.86
C VAL A 18 -3.93 -7.61 5.28
N PRO A 19 -4.51 -8.55 4.52
CA PRO A 19 -3.74 -9.52 3.74
C PRO A 19 -2.95 -8.84 2.63
N PHE A 20 -1.85 -9.44 2.19
CA PHE A 20 -1.01 -8.82 1.17
C PHE A 20 -1.81 -8.46 -0.08
N ASP A 21 -2.68 -9.37 -0.51
CA ASP A 21 -3.52 -9.14 -1.68
C ASP A 21 -4.36 -7.88 -1.52
N GLN A 22 -4.96 -7.70 -0.34
CA GLN A 22 -5.72 -6.49 -0.05
C GLN A 22 -4.79 -5.27 -0.03
N CYS A 23 -3.59 -5.47 0.48
CA CYS A 23 -2.60 -4.39 0.52
C CYS A 23 -2.32 -3.89 -0.90
N TYR A 24 -2.18 -4.83 -1.82
CA TYR A 24 -2.02 -4.48 -3.22
C TYR A 24 -3.28 -3.80 -3.76
N GLN A 25 -4.44 -4.25 -3.32
CA GLN A 25 -5.71 -3.70 -3.84
C GLN A 25 -5.83 -2.24 -3.47
N MET A 26 -5.46 -1.91 -2.24
CA MET A 26 -5.64 -0.56 -1.72
C MET A 26 -4.51 0.37 -2.15
N CYS A 27 -3.26 -0.11 -2.07
CA CYS A 27 -2.11 0.75 -2.33
C CYS A 27 -1.77 0.88 -3.82
N SER A 28 -2.29 -0.01 -4.66
CA SER A 28 -1.97 0.04 -6.09
C SER A 28 -2.40 1.35 -6.78
N PRO A 29 -3.65 1.86 -6.56
CA PRO A 29 -4.09 3.13 -7.17
C PRO A 29 -3.20 4.33 -6.82
N LEU A 30 -2.42 4.18 -5.76
CA LEU A 30 -1.51 5.23 -5.31
C LEU A 30 -0.25 5.20 -6.17
N GLU A 31 0.45 4.08 -6.13
CA GLU A 31 1.73 3.96 -6.82
C GLU A 31 1.51 3.78 -8.31
N ARG A 32 0.82 2.72 -8.68
CA ARG A 32 0.69 2.34 -10.09
C ARG A 32 -0.72 2.59 -10.59
N SER A 33 -0.98 3.80 -11.03
CA SER A 33 -2.28 4.17 -11.56
C SER A 33 -2.14 4.51 -13.05
N ALA A 1 4.99 13.41 -7.32
CA ALA A 1 5.72 12.21 -6.85
C ALA A 1 5.79 12.18 -5.33
N SER A 2 5.60 11.00 -4.76
CA SER A 2 5.66 10.84 -3.30
C SER A 2 5.87 9.36 -2.97
N PRO A 3 7.06 8.79 -3.29
CA PRO A 3 7.34 7.36 -3.05
C PRO A 3 7.13 6.93 -1.59
N GLN A 4 7.25 7.87 -0.67
CA GLN A 4 7.13 7.55 0.75
C GLN A 4 5.68 7.19 1.10
N GLN A 5 4.72 7.87 0.48
CA GLN A 5 3.32 7.59 0.76
C GLN A 5 2.95 6.18 0.31
N ALA A 6 3.57 5.73 -0.76
CA ALA A 6 3.37 4.38 -1.26
C ALA A 6 3.98 3.38 -0.31
N LYS A 7 5.20 3.65 0.13
CA LYS A 7 5.91 2.77 1.04
C LYS A 7 5.19 2.69 2.38
N TYR A 8 4.62 3.83 2.79
CA TYR A 8 3.84 3.90 4.02
C TYR A 8 2.59 3.03 3.90
N CYS A 9 1.97 3.05 2.73
CA CYS A 9 0.76 2.28 2.49
C CYS A 9 1.04 0.78 2.59
N TYR A 10 2.09 0.34 1.89
CA TYR A 10 2.46 -1.08 1.89
C TYR A 10 2.97 -1.52 3.26
N GLU A 11 3.56 -0.58 4.00
CA GLU A 11 4.05 -0.89 5.34
C GLU A 11 2.90 -1.02 6.32
N GLN A 12 2.09 0.02 6.41
CA GLN A 12 1.03 0.10 7.42
C GLN A 12 -0.12 -0.84 7.11
N CYS A 13 -0.25 -1.27 5.87
CA CYS A 13 -1.37 -2.12 5.47
C CYS A 13 -1.42 -3.40 6.34
N ASN A 14 -0.30 -4.12 6.37
CA ASN A 14 -0.21 -5.33 7.18
C ASN A 14 -0.05 -5.00 8.66
N VAL A 15 0.57 -3.87 8.96
CA VAL A 15 0.76 -3.43 10.33
C VAL A 15 -0.59 -3.17 11.00
N ASN A 16 -1.50 -2.55 10.28
CA ASN A 16 -2.83 -2.29 10.81
C ASN A 16 -3.60 -3.60 10.90
N LYS A 17 -4.05 -4.10 9.75
CA LYS A 17 -4.57 -5.46 9.62
C LYS A 17 -5.15 -5.68 8.23
N VAL A 18 -4.35 -6.05 7.24
CA VAL A 18 -4.88 -6.40 5.93
C VAL A 18 -4.00 -7.48 5.29
N PRO A 19 -4.62 -8.38 4.51
CA PRO A 19 -3.87 -9.34 3.67
C PRO A 19 -3.06 -8.62 2.61
N PHE A 20 -1.96 -9.24 2.14
CA PHE A 20 -1.10 -8.60 1.14
C PHE A 20 -1.87 -8.26 -0.13
N ASP A 21 -2.79 -9.14 -0.53
CA ASP A 21 -3.63 -8.88 -1.70
C ASP A 21 -4.45 -7.62 -1.48
N GLN A 22 -4.88 -7.38 -0.25
CA GLN A 22 -5.59 -6.17 0.10
C GLN A 22 -4.66 -4.96 0.05
N CYS A 23 -3.40 -5.16 0.48
CA CYS A 23 -2.38 -4.12 0.33
C CYS A 23 -2.25 -3.74 -1.14
N TYR A 24 -2.24 -4.76 -1.99
CA TYR A 24 -2.13 -4.57 -3.43
C TYR A 24 -3.35 -3.83 -3.99
N GLN A 25 -4.51 -4.09 -3.41
CA GLN A 25 -5.75 -3.50 -3.92
C GLN A 25 -5.82 -2.02 -3.59
N MET A 26 -5.28 -1.64 -2.44
CA MET A 26 -5.32 -0.25 -2.01
C MET A 26 -4.07 0.51 -2.47
N CYS A 27 -2.89 -0.03 -2.21
CA CYS A 27 -1.65 0.70 -2.41
C CYS A 27 -1.17 0.71 -3.85
N SER A 28 -1.40 -0.38 -4.59
CA SER A 28 -0.90 -0.48 -5.95
C SER A 28 -1.51 0.58 -6.88
N PRO A 29 -2.85 0.79 -6.90
CA PRO A 29 -3.47 1.89 -7.66
C PRO A 29 -2.86 3.25 -7.31
N LEU A 30 -2.61 3.45 -6.02
CA LEU A 30 -1.93 4.65 -5.53
C LEU A 30 -0.54 4.75 -6.17
N GLU A 31 0.24 3.73 -5.92
CA GLU A 31 1.65 3.68 -6.31
C GLU A 31 1.81 3.85 -7.82
N ARG A 32 1.19 2.98 -8.59
CA ARG A 32 1.26 3.04 -10.05
C ARG A 32 -0.03 2.53 -10.67
N SER A 33 -0.66 3.36 -11.48
CA SER A 33 -1.91 3.00 -12.13
C SER A 33 -2.11 3.87 -13.37
N ALA A 1 4.32 10.23 -9.40
CA ALA A 1 5.12 9.35 -8.52
C ALA A 1 4.92 9.73 -7.06
N SER A 2 5.20 8.78 -6.17
CA SER A 2 5.02 8.98 -4.74
C SER A 2 5.55 7.76 -3.98
N PRO A 3 6.86 7.43 -4.16
CA PRO A 3 7.44 6.20 -3.59
C PRO A 3 7.33 6.14 -2.06
N GLN A 4 7.55 7.26 -1.40
CA GLN A 4 7.53 7.30 0.06
C GLN A 4 6.13 7.01 0.58
N GLN A 5 5.12 7.61 -0.06
CA GLN A 5 3.74 7.41 0.34
C GLN A 5 3.31 5.98 0.04
N ALA A 6 3.78 5.45 -1.08
CA ALA A 6 3.49 4.08 -1.45
C ALA A 6 4.06 3.11 -0.42
N LYS A 7 5.29 3.36 0.01
CA LYS A 7 5.93 2.49 0.98
C LYS A 7 5.22 2.56 2.32
N TYR A 8 4.73 3.75 2.65
CA TYR A 8 3.96 3.94 3.87
C TYR A 8 2.66 3.14 3.82
N CYS A 9 2.03 3.14 2.65
CA CYS A 9 0.77 2.41 2.46
C CYS A 9 0.99 0.92 2.67
N TYR A 10 2.04 0.37 2.06
CA TYR A 10 2.35 -1.06 2.16
C TYR A 10 2.87 -1.42 3.54
N GLU A 11 3.50 -0.47 4.22
CA GLU A 11 4.00 -0.70 5.57
C GLU A 11 2.82 -0.81 6.53
N GLN A 12 2.00 0.21 6.57
CA GLN A 12 0.97 0.34 7.59
C GLN A 12 -0.24 -0.55 7.32
N CYS A 13 -0.41 -0.99 6.08
CA CYS A 13 -1.57 -1.78 5.71
C CYS A 13 -1.62 -3.08 6.53
N ASN A 14 -0.57 -3.89 6.41
CA ASN A 14 -0.51 -5.15 7.15
C ASN A 14 -0.32 -4.89 8.64
N VAL A 15 0.28 -3.76 9.00
CA VAL A 15 0.46 -3.40 10.40
C VAL A 15 -0.90 -3.21 11.07
N ASN A 16 -1.84 -2.59 10.36
CA ASN A 16 -3.19 -2.44 10.88
C ASN A 16 -3.86 -3.80 10.92
N LYS A 17 -4.24 -4.30 9.74
CA LYS A 17 -4.68 -5.69 9.58
C LYS A 17 -5.15 -5.91 8.14
N VAL A 18 -4.23 -6.23 7.22
CA VAL A 18 -4.64 -6.57 5.85
C VAL A 18 -3.64 -7.55 5.23
N PRO A 19 -4.14 -8.55 4.49
CA PRO A 19 -3.30 -9.44 3.68
C PRO A 19 -2.65 -8.70 2.51
N PHE A 20 -1.51 -9.18 2.02
CA PHE A 20 -0.76 -8.47 0.99
C PHE A 20 -1.64 -8.13 -0.22
N ASP A 21 -2.45 -9.10 -0.66
CA ASP A 21 -3.31 -8.91 -1.83
C ASP A 21 -4.31 -7.77 -1.61
N GLN A 22 -4.80 -7.63 -0.38
CA GLN A 22 -5.66 -6.50 -0.04
C GLN A 22 -4.85 -5.21 -0.01
N CYS A 23 -3.62 -5.29 0.50
CA CYS A 23 -2.74 -4.12 0.55
C CYS A 23 -2.49 -3.63 -0.87
N TYR A 24 -2.19 -4.55 -1.77
CA TYR A 24 -2.00 -4.21 -3.17
C TYR A 24 -3.25 -3.56 -3.73
N GLN A 25 -4.42 -4.02 -3.29
CA GLN A 25 -5.68 -3.53 -3.83
C GLN A 25 -5.86 -2.06 -3.52
N MET A 26 -5.51 -1.67 -2.31
CA MET A 26 -5.68 -0.29 -1.86
C MET A 26 -4.52 0.60 -2.32
N CYS A 27 -3.29 0.10 -2.20
CA CYS A 27 -2.13 0.91 -2.50
C CYS A 27 -1.82 0.99 -4.01
N SER A 28 -2.38 0.08 -4.80
CA SER A 28 -2.11 0.08 -6.25
C SER A 28 -2.48 1.40 -6.93
N PRO A 29 -3.69 1.98 -6.71
CA PRO A 29 -4.06 3.28 -7.31
C PRO A 29 -3.05 4.38 -7.01
N LEU A 30 -2.37 4.26 -5.88
CA LEU A 30 -1.36 5.21 -5.45
C LEU A 30 -0.05 4.92 -6.18
N GLU A 31 0.43 3.70 -6.02
CA GLU A 31 1.75 3.30 -6.51
C GLU A 31 1.77 3.19 -8.04
N ARG A 32 0.62 2.90 -8.64
CA ARG A 32 0.54 2.72 -10.07
C ARG A 32 -0.74 3.36 -10.60
N SER A 33 -0.59 4.38 -11.43
CA SER A 33 -1.75 5.11 -11.94
C SER A 33 -1.74 5.12 -13.46
N ALA A 1 5.66 12.98 -7.17
CA ALA A 1 6.96 12.48 -6.68
C ALA A 1 6.96 12.38 -5.15
N SER A 2 6.80 11.15 -4.66
CA SER A 2 6.76 10.89 -3.23
C SER A 2 6.75 9.39 -2.97
N PRO A 3 7.85 8.67 -3.28
CA PRO A 3 7.95 7.22 -3.06
C PRO A 3 7.62 6.83 -1.62
N GLN A 4 7.88 7.75 -0.69
CA GLN A 4 7.62 7.52 0.72
C GLN A 4 6.14 7.24 0.98
N GLN A 5 5.27 7.94 0.27
CA GLN A 5 3.83 7.80 0.48
C GLN A 5 3.37 6.39 0.09
N ALA A 6 4.00 5.83 -0.93
CA ALA A 6 3.71 4.47 -1.36
C ALA A 6 4.28 3.46 -0.37
N LYS A 7 5.49 3.74 0.12
CA LYS A 7 6.14 2.88 1.08
C LYS A 7 5.33 2.83 2.38
N TYR A 8 4.74 3.96 2.73
CA TYR A 8 3.91 4.05 3.93
C TYR A 8 2.64 3.21 3.76
N CYS A 9 2.06 3.27 2.57
CA CYS A 9 0.83 2.54 2.27
C CYS A 9 1.05 1.04 2.43
N TYR A 10 2.16 0.56 1.88
CA TYR A 10 2.47 -0.87 1.91
C TYR A 10 3.01 -1.32 3.26
N GLU A 11 3.60 -0.40 4.02
CA GLU A 11 4.14 -0.75 5.32
C GLU A 11 3.01 -0.92 6.35
N GLN A 12 2.13 0.08 6.44
CA GLN A 12 1.14 0.12 7.51
C GLN A 12 -0.06 -0.78 7.23
N CYS A 13 -0.28 -1.11 5.96
CA CYS A 13 -1.47 -1.88 5.57
C CYS A 13 -1.55 -3.20 6.35
N ASN A 14 -0.51 -4.01 6.26
CA ASN A 14 -0.46 -5.29 6.98
C ASN A 14 -0.31 -5.07 8.48
N VAL A 15 0.33 -3.97 8.86
CA VAL A 15 0.52 -3.65 10.26
C VAL A 15 -0.83 -3.40 10.94
N ASN A 16 -1.74 -2.73 10.23
CA ASN A 16 -3.06 -2.49 10.79
C ASN A 16 -3.82 -3.80 10.86
N LYS A 17 -4.29 -4.28 9.70
CA LYS A 17 -4.85 -5.63 9.56
C LYS A 17 -5.35 -5.85 8.12
N VAL A 18 -4.46 -6.24 7.21
CA VAL A 18 -4.89 -6.58 5.85
C VAL A 18 -3.96 -7.64 5.27
N PRO A 19 -4.52 -8.59 4.52
CA PRO A 19 -3.72 -9.54 3.72
C PRO A 19 -2.97 -8.81 2.61
N PHE A 20 -1.85 -9.37 2.13
CA PHE A 20 -1.03 -8.67 1.14
C PHE A 20 -1.85 -8.30 -0.10
N ASP A 21 -2.67 -9.24 -0.58
CA ASP A 21 -3.48 -9.00 -1.78
C ASP A 21 -4.43 -7.84 -1.55
N GLN A 22 -4.91 -7.69 -0.32
CA GLN A 22 -5.74 -6.56 0.06
C GLN A 22 -4.91 -5.27 0.11
N CYS A 23 -3.66 -5.39 0.57
CA CYS A 23 -2.75 -4.25 0.60
C CYS A 23 -2.52 -3.75 -0.81
N TYR A 24 -2.28 -4.68 -1.73
CA TYR A 24 -2.12 -4.34 -3.13
C TYR A 24 -3.39 -3.69 -3.66
N GLN A 25 -4.53 -4.18 -3.20
CA GLN A 25 -5.81 -3.72 -3.72
C GLN A 25 -6.03 -2.25 -3.38
N MET A 26 -5.55 -1.83 -2.23
CA MET A 26 -5.71 -0.45 -1.80
C MET A 26 -4.60 0.45 -2.34
N CYS A 27 -3.36 -0.01 -2.26
CA CYS A 27 -2.22 0.83 -2.63
C CYS A 27 -1.93 0.78 -4.15
N SER A 28 -2.62 -0.09 -4.88
CA SER A 28 -2.41 -0.19 -6.33
C SER A 28 -2.72 1.13 -7.08
N PRO A 29 -3.87 1.81 -6.82
CA PRO A 29 -4.15 3.12 -7.42
C PRO A 29 -3.03 4.12 -7.16
N LEU A 30 -2.33 3.93 -6.07
CA LEU A 30 -1.25 4.82 -5.68
C LEU A 30 0.03 4.45 -6.45
N GLU A 31 0.55 3.26 -6.16
CA GLU A 31 1.82 2.85 -6.74
C GLU A 31 1.61 2.33 -8.17
N ARG A 32 1.02 1.16 -8.28
CA ARG A 32 0.78 0.56 -9.59
C ARG A 32 -0.34 -0.47 -9.51
N SER A 33 -1.32 -0.33 -10.38
CA SER A 33 -2.44 -1.25 -10.44
C SER A 33 -2.28 -2.21 -11.61
N ALA A 1 3.33 9.14 -9.69
CA ALA A 1 4.25 8.36 -8.82
C ALA A 1 4.26 8.93 -7.43
N SER A 2 4.58 8.10 -6.45
CA SER A 2 4.59 8.51 -5.05
C SER A 2 5.33 7.45 -4.21
N PRO A 3 6.63 7.22 -4.49
CA PRO A 3 7.42 6.15 -3.87
C PRO A 3 7.34 6.11 -2.34
N GLN A 4 7.54 7.26 -1.71
CA GLN A 4 7.57 7.32 -0.25
C GLN A 4 6.20 7.03 0.36
N GLN A 5 5.17 7.65 -0.19
CA GLN A 5 3.82 7.45 0.31
C GLN A 5 3.34 6.03 0.05
N ALA A 6 3.78 5.47 -1.07
CA ALA A 6 3.49 4.08 -1.38
C ALA A 6 4.14 3.16 -0.36
N LYS A 7 5.37 3.49 0.01
CA LYS A 7 6.11 2.70 0.99
C LYS A 7 5.40 2.73 2.35
N TYR A 8 4.82 3.88 2.68
CA TYR A 8 4.04 4.02 3.91
C TYR A 8 2.80 3.13 3.85
N CYS A 9 2.14 3.13 2.70
CA CYS A 9 0.91 2.36 2.52
C CYS A 9 1.17 0.87 2.72
N TYR A 10 2.19 0.36 2.02
CA TYR A 10 2.53 -1.06 2.09
C TYR A 10 3.06 -1.43 3.47
N GLU A 11 3.61 -0.45 4.18
CA GLU A 11 4.10 -0.70 5.52
C GLU A 11 2.95 -0.80 6.52
N GLN A 12 2.05 0.17 6.52
CA GLN A 12 1.00 0.25 7.53
C GLN A 12 -0.17 -0.67 7.24
N CYS A 13 -0.35 -1.05 5.98
CA CYS A 13 -1.51 -1.86 5.57
C CYS A 13 -1.59 -3.15 6.39
N ASN A 14 -0.56 -3.98 6.31
CA ASN A 14 -0.55 -5.23 7.08
C ASN A 14 -0.40 -4.97 8.57
N VAL A 15 0.24 -3.87 8.94
CA VAL A 15 0.39 -3.49 10.34
C VAL A 15 -0.97 -3.30 10.99
N ASN A 16 -1.86 -2.59 10.30
CA ASN A 16 -3.21 -2.39 10.80
C ASN A 16 -3.95 -3.72 10.83
N LYS A 17 -4.34 -4.20 9.65
CA LYS A 17 -4.83 -5.57 9.48
C LYS A 17 -5.29 -5.80 8.04
N VAL A 18 -4.39 -6.16 7.14
CA VAL A 18 -4.78 -6.52 5.78
C VAL A 18 -3.81 -7.57 5.23
N PRO A 19 -4.33 -8.55 4.49
CA PRO A 19 -3.50 -9.49 3.71
C PRO A 19 -2.77 -8.77 2.59
N PHE A 20 -1.64 -9.31 2.13
CA PHE A 20 -0.83 -8.64 1.09
C PHE A 20 -1.68 -8.27 -0.13
N ASP A 21 -2.53 -9.19 -0.57
CA ASP A 21 -3.37 -8.96 -1.74
C ASP A 21 -4.30 -7.77 -1.50
N GLN A 22 -4.84 -7.64 -0.30
CA GLN A 22 -5.64 -6.49 0.06
C GLN A 22 -4.78 -5.23 0.06
N CYS A 23 -3.55 -5.36 0.54
CA CYS A 23 -2.62 -4.23 0.56
C CYS A 23 -2.38 -3.74 -0.85
N TYR A 24 -2.17 -4.68 -1.77
CA TYR A 24 -2.00 -4.33 -3.17
C TYR A 24 -3.23 -3.62 -3.71
N GLN A 25 -4.41 -4.03 -3.28
CA GLN A 25 -5.65 -3.49 -3.82
C GLN A 25 -5.87 -2.05 -3.38
N MET A 26 -5.35 -1.71 -2.21
CA MET A 26 -5.49 -0.35 -1.70
C MET A 26 -4.32 0.52 -2.14
N CYS A 27 -3.10 0.00 -2.05
CA CYS A 27 -1.91 0.81 -2.31
C CYS A 27 -1.58 0.92 -3.81
N SER A 28 -2.01 -0.06 -4.61
CA SER A 28 -1.70 -0.02 -6.05
C SER A 28 -2.30 1.22 -6.73
N PRO A 29 -3.61 1.54 -6.55
CA PRO A 29 -4.22 2.76 -7.12
C PRO A 29 -3.47 4.03 -6.71
N LEU A 30 -2.76 3.97 -5.60
CA LEU A 30 -1.94 5.09 -5.13
C LEU A 30 -0.65 5.13 -5.94
N GLU A 31 0.08 4.03 -5.90
CA GLU A 31 1.39 3.92 -6.51
C GLU A 31 1.29 4.05 -8.04
N ARG A 32 0.67 3.04 -8.66
CA ARG A 32 0.51 3.01 -10.12
C ARG A 32 1.84 3.28 -10.82
N SER A 33 2.89 2.61 -10.37
CA SER A 33 4.22 2.82 -10.91
C SER A 33 4.77 1.51 -11.47
N ALA A 1 6.25 8.53 -9.87
CA ALA A 1 6.42 7.43 -8.90
C ALA A 1 6.70 7.99 -7.51
N SER A 2 6.28 7.26 -6.49
CA SER A 2 6.49 7.67 -5.10
C SER A 2 6.64 6.42 -4.22
N PRO A 3 7.75 5.67 -4.40
CA PRO A 3 8.00 4.43 -3.67
C PRO A 3 7.92 4.58 -2.14
N GLN A 4 8.30 5.75 -1.64
CA GLN A 4 8.32 5.97 -0.19
C GLN A 4 6.91 6.06 0.37
N GLN A 5 6.07 6.83 -0.29
CA GLN A 5 4.70 7.02 0.17
C GLN A 5 3.89 5.74 -0.02
N ALA A 6 4.13 5.05 -1.12
CA ALA A 6 3.47 3.78 -1.38
C ALA A 6 3.91 2.75 -0.34
N LYS A 7 5.19 2.79 0.03
CA LYS A 7 5.71 1.88 1.03
C LYS A 7 5.06 2.15 2.38
N TYR A 8 4.70 3.41 2.62
CA TYR A 8 4.01 3.78 3.85
C TYR A 8 2.60 3.17 3.86
N CYS A 9 1.93 3.22 2.72
CA CYS A 9 0.60 2.64 2.57
C CYS A 9 0.64 1.14 2.86
N TYR A 10 1.63 0.47 2.28
CA TYR A 10 1.81 -0.96 2.47
C TYR A 10 2.26 -1.28 3.90
N GLU A 11 3.05 -0.40 4.48
CA GLU A 11 3.51 -0.56 5.87
C GLU A 11 2.32 -0.59 6.82
N GLN A 12 1.46 0.43 6.72
CA GLN A 12 0.30 0.53 7.59
C GLN A 12 -0.62 -0.67 7.42
N CYS A 13 -0.57 -1.30 6.26
CA CYS A 13 -1.37 -2.49 6.02
C CYS A 13 -1.00 -3.61 6.98
N ASN A 14 0.28 -3.93 7.08
CA ASN A 14 0.73 -4.99 7.97
C ASN A 14 0.69 -4.53 9.42
N VAL A 15 0.84 -3.23 9.63
CA VAL A 15 0.72 -2.66 10.97
C VAL A 15 -0.69 -2.82 11.51
N ASN A 16 -1.70 -2.54 10.70
CA ASN A 16 -3.06 -2.56 11.18
C ASN A 16 -3.66 -3.97 11.08
N LYS A 17 -4.07 -4.36 9.87
CA LYS A 17 -4.58 -5.72 9.60
C LYS A 17 -5.03 -5.87 8.14
N VAL A 18 -4.10 -6.12 7.23
CA VAL A 18 -4.47 -6.37 5.84
C VAL A 18 -3.31 -7.02 5.08
N PRO A 19 -3.56 -8.19 4.48
CA PRO A 19 -2.56 -8.92 3.66
C PRO A 19 -2.04 -8.10 2.48
N PHE A 20 -0.83 -8.38 2.03
CA PHE A 20 -0.20 -7.61 0.95
C PHE A 20 -1.08 -7.58 -0.30
N ASP A 21 -1.65 -8.72 -0.67
CA ASP A 21 -2.47 -8.82 -1.88
C ASP A 21 -3.69 -7.90 -1.81
N GLN A 22 -4.35 -7.88 -0.67
CA GLN A 22 -5.50 -7.01 -0.47
C GLN A 22 -5.04 -5.55 -0.29
N CYS A 23 -3.83 -5.38 0.21
CA CYS A 23 -3.25 -4.03 0.32
C CYS A 23 -2.96 -3.49 -1.07
N TYR A 24 -2.49 -4.36 -1.96
CA TYR A 24 -2.26 -4.01 -3.36
C TYR A 24 -3.53 -3.43 -3.96
N GLN A 25 -4.68 -3.94 -3.53
CA GLN A 25 -5.95 -3.50 -4.07
C GLN A 25 -6.21 -2.04 -3.72
N MET A 26 -5.76 -1.63 -2.54
CA MET A 26 -5.99 -0.27 -2.06
C MET A 26 -4.86 0.68 -2.46
N CYS A 27 -3.62 0.28 -2.25
CA CYS A 27 -2.48 1.19 -2.43
C CYS A 27 -2.02 1.30 -3.89
N SER A 28 -2.46 0.38 -4.75
CA SER A 28 -2.02 0.39 -6.16
C SER A 28 -2.35 1.71 -6.89
N PRO A 29 -3.57 2.29 -6.74
CA PRO A 29 -3.94 3.56 -7.42
C PRO A 29 -2.89 4.67 -7.27
N LEU A 30 -2.43 4.90 -6.04
CA LEU A 30 -1.47 5.96 -5.76
C LEU A 30 -0.10 5.60 -6.34
N GLU A 31 0.17 4.30 -6.40
CA GLU A 31 1.45 3.80 -6.87
C GLU A 31 1.49 3.83 -8.39
N ARG A 32 0.66 2.98 -9.01
CA ARG A 32 0.52 2.93 -10.47
C ARG A 32 -0.85 2.39 -10.82
N SER A 33 -1.65 3.22 -11.49
CA SER A 33 -2.98 2.80 -11.93
C SER A 33 -3.50 3.79 -12.95
N ALA A 1 5.25 10.50 -9.46
CA ALA A 1 5.56 9.22 -8.77
C ALA A 1 5.17 9.31 -7.31
N SER A 2 5.02 8.17 -6.65
CA SER A 2 4.59 8.14 -5.25
C SER A 2 5.34 7.05 -4.47
N PRO A 3 6.68 7.10 -4.43
CA PRO A 3 7.50 6.07 -3.77
C PRO A 3 7.25 5.95 -2.27
N GLN A 4 7.42 7.06 -1.55
CA GLN A 4 7.33 7.05 -0.10
C GLN A 4 5.93 6.71 0.38
N GLN A 5 4.93 7.29 -0.26
CA GLN A 5 3.54 7.06 0.12
C GLN A 5 3.16 5.61 -0.12
N ALA A 6 3.69 5.04 -1.18
CA ALA A 6 3.47 3.62 -1.48
C ALA A 6 4.08 2.77 -0.38
N LYS A 7 5.27 3.15 0.07
CA LYS A 7 5.96 2.43 1.12
C LYS A 7 5.17 2.52 2.42
N TYR A 8 4.67 3.71 2.71
CA TYR A 8 3.85 3.93 3.90
C TYR A 8 2.58 3.09 3.84
N CYS A 9 1.99 3.02 2.66
CA CYS A 9 0.76 2.26 2.45
C CYS A 9 1.00 0.78 2.72
N TYR A 10 2.04 0.22 2.12
CA TYR A 10 2.36 -1.19 2.29
C TYR A 10 2.88 -1.49 3.69
N GLU A 11 3.54 -0.50 4.30
CA GLU A 11 4.03 -0.66 5.66
C GLU A 11 2.87 -0.77 6.64
N GLN A 12 1.95 0.20 6.59
CA GLN A 12 0.90 0.29 7.60
C GLN A 12 -0.24 -0.69 7.32
N CYS A 13 -0.45 -1.05 6.06
CA CYS A 13 -1.56 -1.94 5.69
C CYS A 13 -1.47 -3.26 6.47
N ASN A 14 -0.30 -3.87 6.45
CA ASN A 14 -0.09 -5.14 7.13
C ASN A 14 0.05 -4.93 8.64
N VAL A 15 0.52 -3.75 9.05
CA VAL A 15 0.66 -3.43 10.47
C VAL A 15 -0.70 -3.29 11.13
N ASN A 16 -1.66 -2.67 10.44
CA ASN A 16 -2.98 -2.49 10.99
C ASN A 16 -3.69 -3.84 11.04
N LYS A 17 -4.15 -4.31 9.87
CA LYS A 17 -4.66 -5.66 9.70
C LYS A 17 -5.20 -5.84 8.28
N VAL A 18 -4.33 -6.15 7.33
CA VAL A 18 -4.78 -6.47 5.97
C VAL A 18 -3.76 -7.41 5.31
N PRO A 19 -4.24 -8.38 4.51
CA PRO A 19 -3.37 -9.24 3.70
C PRO A 19 -2.64 -8.45 2.61
N PHE A 20 -1.47 -8.93 2.19
CA PHE A 20 -0.67 -8.23 1.18
C PHE A 20 -1.47 -7.96 -0.11
N ASP A 21 -2.26 -8.94 -0.53
CA ASP A 21 -3.09 -8.78 -1.72
C ASP A 21 -4.07 -7.63 -1.55
N GLN A 22 -4.61 -7.47 -0.35
CA GLN A 22 -5.49 -6.36 -0.06
C GLN A 22 -4.69 -5.07 0.08
N CYS A 23 -3.43 -5.17 0.50
CA CYS A 23 -2.54 -4.02 0.44
C CYS A 23 -2.43 -3.55 -0.99
N TYR A 24 -2.18 -4.49 -1.91
CA TYR A 24 -2.03 -4.18 -3.32
C TYR A 24 -3.27 -3.48 -3.85
N GLN A 25 -4.46 -3.96 -3.47
CA GLN A 25 -5.71 -3.44 -4.03
C GLN A 25 -5.89 -1.96 -3.65
N MET A 26 -5.38 -1.58 -2.49
CA MET A 26 -5.50 -0.21 -2.02
C MET A 26 -4.33 0.65 -2.49
N CYS A 27 -3.12 0.13 -2.36
CA CYS A 27 -1.91 0.92 -2.63
C CYS A 27 -1.60 1.02 -4.12
N SER A 28 -2.16 0.13 -4.94
CA SER A 28 -1.86 0.15 -6.37
C SER A 28 -2.34 1.44 -7.07
N PRO A 29 -3.61 1.89 -6.90
CA PRO A 29 -4.09 3.16 -7.49
C PRO A 29 -3.33 4.37 -6.97
N LEU A 30 -2.60 4.17 -5.88
CA LEU A 30 -1.81 5.21 -5.27
C LEU A 30 -0.48 5.30 -6.02
N GLU A 31 0.24 4.20 -6.03
CA GLU A 31 1.57 4.14 -6.63
C GLU A 31 1.50 4.40 -8.12
N ARG A 32 0.64 3.67 -8.82
CA ARG A 32 0.50 3.81 -10.27
C ARG A 32 -0.97 3.86 -10.64
N SER A 33 -1.25 3.92 -11.95
CA SER A 33 -2.61 3.94 -12.44
C SER A 33 -2.66 3.40 -13.86
N ALA A 1 3.17 10.16 -9.55
CA ALA A 1 3.78 9.04 -8.80
C ALA A 1 3.72 9.31 -7.30
N SER A 2 3.91 8.27 -6.49
CA SER A 2 3.91 8.43 -5.05
C SER A 2 4.64 7.25 -4.37
N PRO A 3 5.93 7.03 -4.71
CA PRO A 3 6.71 5.91 -4.17
C PRO A 3 6.83 5.92 -2.64
N GLN A 4 7.00 7.10 -2.07
CA GLN A 4 7.21 7.22 -0.62
C GLN A 4 5.95 6.89 0.14
N GLN A 5 4.84 7.46 -0.30
CA GLN A 5 3.55 7.19 0.33
C GLN A 5 3.12 5.75 0.13
N ALA A 6 3.52 5.19 -1.01
CA ALA A 6 3.23 3.79 -1.31
C ALA A 6 3.94 2.86 -0.33
N LYS A 7 5.20 3.19 -0.03
CA LYS A 7 5.99 2.38 0.89
C LYS A 7 5.36 2.42 2.28
N TYR A 8 4.83 3.58 2.63
CA TYR A 8 4.12 3.77 3.89
C TYR A 8 2.82 2.97 3.90
N CYS A 9 2.12 2.97 2.77
CA CYS A 9 0.86 2.25 2.64
C CYS A 9 1.09 0.75 2.80
N TYR A 10 2.06 0.21 2.07
CA TYR A 10 2.37 -1.22 2.13
C TYR A 10 2.90 -1.61 3.51
N GLU A 11 3.40 -0.65 4.25
CA GLU A 11 3.86 -0.92 5.59
C GLU A 11 2.68 -1.01 6.56
N GLN A 12 1.93 0.09 6.67
CA GLN A 12 0.87 0.20 7.65
C GLN A 12 -0.31 -0.71 7.34
N CYS A 13 -0.47 -1.08 6.07
CA CYS A 13 -1.60 -1.91 5.66
C CYS A 13 -1.64 -3.20 6.46
N ASN A 14 -0.54 -3.93 6.47
CA ASN A 14 -0.46 -5.19 7.22
C ASN A 14 -0.35 -4.91 8.71
N VAL A 15 0.25 -3.77 9.08
CA VAL A 15 0.41 -3.43 10.48
C VAL A 15 -0.94 -3.17 11.14
N ASN A 16 -1.84 -2.54 10.40
CA ASN A 16 -3.19 -2.32 10.92
C ASN A 16 -3.92 -3.65 11.00
N LYS A 17 -4.33 -4.17 9.84
CA LYS A 17 -4.76 -5.56 9.70
C LYS A 17 -5.28 -5.81 8.27
N VAL A 18 -4.39 -6.10 7.32
CA VAL A 18 -4.80 -6.51 5.99
C VAL A 18 -3.76 -7.47 5.42
N PRO A 19 -4.19 -8.41 4.56
CA PRO A 19 -3.28 -9.24 3.76
C PRO A 19 -2.57 -8.40 2.69
N PHE A 20 -1.38 -8.84 2.27
CA PHE A 20 -0.61 -8.09 1.27
C PHE A 20 -1.37 -7.95 -0.04
N ASP A 21 -2.13 -8.98 -0.42
CA ASP A 21 -2.95 -8.90 -1.62
C ASP A 21 -3.96 -7.77 -1.51
N GLN A 22 -4.42 -7.52 -0.29
CA GLN A 22 -5.31 -6.39 -0.02
C GLN A 22 -4.52 -5.08 -0.07
N CYS A 23 -3.28 -5.10 0.44
CA CYS A 23 -2.40 -3.94 0.33
C CYS A 23 -2.24 -3.55 -1.14
N TYR A 24 -2.10 -4.56 -1.99
CA TYR A 24 -1.93 -4.35 -3.42
C TYR A 24 -3.19 -3.73 -4.03
N GLN A 25 -4.33 -3.93 -3.39
CA GLN A 25 -5.58 -3.40 -3.94
C GLN A 25 -5.79 -1.96 -3.52
N MET A 26 -5.28 -1.59 -2.35
CA MET A 26 -5.41 -0.22 -1.87
C MET A 26 -4.23 0.65 -2.30
N CYS A 27 -3.02 0.16 -2.10
CA CYS A 27 -1.82 0.97 -2.29
C CYS A 27 -1.47 1.16 -3.76
N SER A 28 -1.67 0.13 -4.57
CA SER A 28 -1.30 0.21 -5.99
C SER A 28 -2.05 1.33 -6.73
N PRO A 29 -3.40 1.44 -6.63
CA PRO A 29 -4.16 2.54 -7.26
C PRO A 29 -3.66 3.93 -6.86
N LEU A 30 -3.00 4.00 -5.72
CA LEU A 30 -2.39 5.25 -5.24
C LEU A 30 -1.20 5.62 -6.10
N GLU A 31 -0.27 4.69 -6.23
CA GLU A 31 0.99 4.95 -6.93
C GLU A 31 0.79 4.86 -8.43
N ARG A 32 0.19 3.77 -8.89
CA ARG A 32 0.11 3.49 -10.30
C ARG A 32 -1.33 3.13 -10.70
N SER A 33 -1.96 3.99 -11.48
CA SER A 33 -3.33 3.78 -11.91
C SER A 33 -3.59 4.58 -13.18
N ALA A 1 4.85 8.97 -8.84
CA ALA A 1 4.20 10.12 -8.17
C ALA A 1 4.74 10.30 -6.76
N SER A 2 4.77 9.21 -5.99
CA SER A 2 5.26 9.28 -4.62
C SER A 2 5.67 7.87 -4.15
N PRO A 3 6.87 7.41 -4.54
CA PRO A 3 7.39 6.11 -4.08
C PRO A 3 7.58 6.05 -2.56
N GLN A 4 7.53 7.21 -1.93
CA GLN A 4 7.73 7.32 -0.49
C GLN A 4 6.45 7.01 0.28
N GLN A 5 5.36 7.68 -0.07
CA GLN A 5 4.08 7.43 0.60
C GLN A 5 3.59 6.02 0.29
N ALA A 6 4.00 5.50 -0.86
CA ALA A 6 3.69 4.13 -1.23
C ALA A 6 4.25 3.16 -0.20
N LYS A 7 5.43 3.47 0.31
CA LYS A 7 6.06 2.63 1.33
C LYS A 7 5.20 2.64 2.59
N TYR A 8 4.65 3.81 2.92
CA TYR A 8 3.77 3.95 4.06
C TYR A 8 2.50 3.13 3.86
N CYS A 9 1.95 3.20 2.65
CA CYS A 9 0.72 2.48 2.33
C CYS A 9 0.90 0.98 2.63
N TYR A 10 1.95 0.40 2.07
CA TYR A 10 2.20 -1.03 2.21
C TYR A 10 2.70 -1.41 3.60
N GLU A 11 3.56 -0.56 4.17
CA GLU A 11 4.19 -0.85 5.46
C GLU A 11 3.13 -0.92 6.56
N GLN A 12 2.12 -0.07 6.47
CA GLN A 12 1.07 -0.02 7.49
C GLN A 12 0.05 -1.13 7.29
N CYS A 13 0.03 -1.73 6.09
CA CYS A 13 -0.91 -2.80 5.79
C CYS A 13 -0.86 -3.91 6.83
N ASN A 14 0.33 -4.44 7.08
CA ASN A 14 0.47 -5.55 8.03
C ASN A 14 0.37 -5.03 9.47
N VAL A 15 0.72 -3.77 9.66
CA VAL A 15 0.69 -3.15 10.98
C VAL A 15 -0.74 -2.97 11.46
N ASN A 16 -1.62 -2.51 10.58
CA ASN A 16 -3.01 -2.28 10.97
C ASN A 16 -3.76 -3.61 11.00
N LYS A 17 -4.13 -4.10 9.82
CA LYS A 17 -4.66 -5.45 9.65
C LYS A 17 -5.14 -5.63 8.20
N VAL A 18 -4.25 -5.98 7.28
CA VAL A 18 -4.67 -6.25 5.92
C VAL A 18 -3.59 -7.01 5.15
N PRO A 19 -3.94 -8.17 4.58
CA PRO A 19 -3.04 -8.95 3.74
C PRO A 19 -2.50 -8.13 2.56
N PHE A 20 -1.25 -8.38 2.21
CA PHE A 20 -0.55 -7.62 1.17
C PHE A 20 -1.30 -7.68 -0.16
N ASP A 21 -1.90 -8.82 -0.47
CA ASP A 21 -2.64 -8.99 -1.70
C ASP A 21 -3.88 -8.10 -1.73
N GLN A 22 -4.65 -8.11 -0.65
CA GLN A 22 -5.82 -7.27 -0.53
C GLN A 22 -5.42 -5.81 -0.41
N CYS A 23 -4.29 -5.55 0.23
CA CYS A 23 -3.82 -4.17 0.38
C CYS A 23 -3.33 -3.63 -0.95
N TYR A 24 -2.85 -4.53 -1.80
CA TYR A 24 -2.46 -4.17 -3.16
C TYR A 24 -3.62 -3.50 -3.88
N GLN A 25 -4.84 -3.94 -3.59
CA GLN A 25 -6.02 -3.39 -4.28
C GLN A 25 -6.23 -1.93 -3.91
N MET A 26 -5.75 -1.53 -2.74
CA MET A 26 -5.89 -0.16 -2.27
C MET A 26 -4.70 0.70 -2.70
N CYS A 27 -3.48 0.21 -2.50
CA CYS A 27 -2.28 1.00 -2.80
C CYS A 27 -1.93 1.00 -4.29
N SER A 28 -2.58 0.14 -5.07
CA SER A 28 -2.28 0.04 -6.50
C SER A 28 -2.49 1.36 -7.28
N PRO A 29 -3.66 2.04 -7.17
CA PRO A 29 -3.89 3.33 -7.86
C PRO A 29 -2.91 4.42 -7.41
N LEU A 30 -2.21 4.14 -6.32
CA LEU A 30 -1.22 5.07 -5.78
C LEU A 30 0.14 4.77 -6.40
N GLU A 31 0.63 3.57 -6.16
CA GLU A 31 1.98 3.18 -6.54
C GLU A 31 2.09 2.85 -8.03
N ARG A 32 1.02 2.31 -8.62
CA ARG A 32 1.07 1.86 -9.99
C ARG A 32 0.28 2.80 -10.90
N SER A 33 0.95 3.33 -11.91
CA SER A 33 0.32 4.26 -12.83
C SER A 33 0.08 3.56 -14.17
N ALA A 1 4.04 12.47 -7.33
CA ALA A 1 5.29 11.70 -7.31
C ALA A 1 5.80 11.56 -5.87
N SER A 2 5.76 10.34 -5.36
CA SER A 2 6.15 10.08 -3.98
C SER A 2 6.14 8.57 -3.71
N PRO A 3 7.22 7.85 -4.08
CA PRO A 3 7.32 6.41 -3.80
C PRO A 3 7.23 6.11 -2.30
N GLN A 4 7.60 7.10 -1.48
CA GLN A 4 7.59 6.95 -0.03
C GLN A 4 6.17 6.81 0.50
N GLN A 5 5.25 7.60 -0.04
CA GLN A 5 3.85 7.56 0.43
C GLN A 5 3.24 6.19 0.13
N ALA A 6 3.69 5.57 -0.95
CA ALA A 6 3.26 4.24 -1.30
C ALA A 6 3.87 3.22 -0.35
N LYS A 7 5.15 3.42 -0.03
CA LYS A 7 5.85 2.55 0.89
C LYS A 7 5.20 2.61 2.27
N TYR A 8 4.74 3.80 2.64
CA TYR A 8 4.02 3.99 3.91
C TYR A 8 2.70 3.23 3.89
N CYS A 9 2.02 3.25 2.76
CA CYS A 9 0.77 2.52 2.61
C CYS A 9 1.02 1.02 2.78
N TYR A 10 2.06 0.53 2.10
CA TYR A 10 2.43 -0.88 2.17
C TYR A 10 2.97 -1.26 3.54
N GLU A 11 3.57 -0.31 4.25
CA GLU A 11 4.13 -0.61 5.55
C GLU A 11 3.03 -0.71 6.61
N GLN A 12 2.08 0.22 6.58
CA GLN A 12 1.03 0.26 7.59
C GLN A 12 -0.10 -0.72 7.30
N CYS A 13 -0.30 -1.07 6.04
CA CYS A 13 -1.44 -1.90 5.64
C CYS A 13 -1.46 -3.23 6.41
N ASN A 14 -0.34 -3.95 6.37
CA ASN A 14 -0.26 -5.22 7.10
C ASN A 14 -0.18 -5.00 8.60
N VAL A 15 0.38 -3.86 9.01
CA VAL A 15 0.49 -3.53 10.43
C VAL A 15 -0.89 -3.31 11.03
N ASN A 16 -1.77 -2.65 10.27
CA ASN A 16 -3.12 -2.42 10.74
C ASN A 16 -3.86 -3.76 10.81
N LYS A 17 -4.27 -4.27 9.65
CA LYS A 17 -4.79 -5.62 9.51
C LYS A 17 -5.26 -5.87 8.06
N VAL A 18 -4.36 -6.24 7.16
CA VAL A 18 -4.78 -6.59 5.80
C VAL A 18 -3.84 -7.65 5.22
N PRO A 19 -4.39 -8.62 4.48
CA PRO A 19 -3.60 -9.55 3.68
C PRO A 19 -2.89 -8.83 2.54
N PHE A 20 -1.78 -9.37 2.05
CA PHE A 20 -0.99 -8.69 1.01
C PHE A 20 -1.87 -8.31 -0.18
N ASP A 21 -2.73 -9.22 -0.62
CA ASP A 21 -3.60 -8.96 -1.77
C ASP A 21 -4.46 -7.73 -1.52
N GLN A 22 -4.94 -7.58 -0.30
CA GLN A 22 -5.72 -6.42 0.09
C GLN A 22 -4.86 -5.17 0.07
N CYS A 23 -3.62 -5.30 0.53
CA CYS A 23 -2.68 -4.18 0.54
C CYS A 23 -2.41 -3.75 -0.89
N TYR A 24 -2.27 -4.73 -1.78
CA TYR A 24 -2.03 -4.47 -3.19
C TYR A 24 -3.22 -3.73 -3.81
N GLN A 25 -4.41 -3.99 -3.33
CA GLN A 25 -5.61 -3.41 -3.93
C GLN A 25 -5.79 -1.95 -3.50
N MET A 26 -5.27 -1.60 -2.33
CA MET A 26 -5.36 -0.24 -1.85
C MET A 26 -4.15 0.59 -2.28
N CYS A 27 -2.95 0.06 -2.06
CA CYS A 27 -1.73 0.83 -2.24
C CYS A 27 -1.21 0.82 -3.67
N SER A 28 -1.53 -0.21 -4.45
CA SER A 28 -1.05 -0.26 -5.84
C SER A 28 -1.69 0.83 -6.70
N PRO A 29 -3.04 0.98 -6.72
CA PRO A 29 -3.70 2.08 -7.45
C PRO A 29 -3.23 3.47 -7.02
N LEU A 30 -2.60 3.52 -5.85
CA LEU A 30 -2.03 4.76 -5.33
C LEU A 30 -0.81 5.11 -6.18
N GLU A 31 0.13 4.18 -6.25
CA GLU A 31 1.39 4.40 -6.96
C GLU A 31 1.21 4.19 -8.46
N ARG A 32 0.73 3.02 -8.82
CA ARG A 32 0.68 2.61 -10.22
C ARG A 32 -0.67 2.00 -10.56
N SER A 33 -1.60 2.82 -11.03
CA SER A 33 -2.92 2.35 -11.41
C SER A 33 -2.97 2.08 -12.91
N ALA A 1 2.50 9.68 -9.09
CA ALA A 1 3.73 9.11 -8.49
C ALA A 1 3.89 9.57 -7.05
N SER A 2 4.21 8.65 -6.17
CA SER A 2 4.35 8.95 -4.75
C SER A 2 5.07 7.80 -4.05
N PRO A 3 6.38 7.60 -4.34
CA PRO A 3 7.15 6.46 -3.82
C PRO A 3 7.14 6.36 -2.29
N GLN A 4 7.28 7.49 -1.61
CA GLN A 4 7.39 7.48 -0.15
C GLN A 4 6.06 7.14 0.49
N GLN A 5 4.99 7.74 -0.01
CA GLN A 5 3.65 7.48 0.50
C GLN A 5 3.25 6.04 0.23
N ALA A 6 3.70 5.52 -0.91
CA ALA A 6 3.45 4.13 -1.27
C ALA A 6 4.11 3.19 -0.28
N LYS A 7 5.32 3.54 0.14
CA LYS A 7 6.05 2.72 1.09
C LYS A 7 5.34 2.72 2.44
N TYR A 8 4.71 3.84 2.76
CA TYR A 8 3.90 3.95 3.98
C TYR A 8 2.67 3.06 3.87
N CYS A 9 2.03 3.08 2.70
CA CYS A 9 0.82 2.30 2.45
C CYS A 9 1.11 0.81 2.64
N TYR A 10 2.14 0.32 1.98
CA TYR A 10 2.49 -1.10 2.05
C TYR A 10 3.04 -1.49 3.41
N GLU A 11 3.59 -0.53 4.13
CA GLU A 11 4.14 -0.81 5.45
C GLU A 11 3.02 -0.90 6.49
N GLN A 12 2.13 0.08 6.51
CA GLN A 12 1.13 0.16 7.56
C GLN A 12 -0.06 -0.76 7.30
N CYS A 13 -0.30 -1.11 6.04
CA CYS A 13 -1.47 -1.91 5.68
C CYS A 13 -1.51 -3.21 6.47
N ASN A 14 -0.43 -3.98 6.44
CA ASN A 14 -0.37 -5.23 7.17
C ASN A 14 -0.23 -4.98 8.68
N VAL A 15 0.37 -3.85 9.04
CA VAL A 15 0.52 -3.49 10.44
C VAL A 15 -0.85 -3.24 11.07
N ASN A 16 -1.71 -2.55 10.33
CA ASN A 16 -3.06 -2.30 10.82
C ASN A 16 -3.78 -3.64 10.91
N LYS A 17 -4.19 -4.17 9.75
CA LYS A 17 -4.63 -5.55 9.61
C LYS A 17 -5.17 -5.78 8.20
N VAL A 18 -4.31 -6.10 7.24
CA VAL A 18 -4.79 -6.45 5.90
C VAL A 18 -3.86 -7.51 5.29
N PRO A 19 -4.43 -8.46 4.54
CA PRO A 19 -3.65 -9.42 3.75
C PRO A 19 -2.88 -8.72 2.62
N PHE A 20 -1.76 -9.28 2.18
CA PHE A 20 -0.94 -8.63 1.15
C PHE A 20 -1.76 -8.33 -0.10
N ASP A 21 -2.56 -9.30 -0.53
CA ASP A 21 -3.40 -9.14 -1.71
C ASP A 21 -4.35 -7.96 -1.56
N GLN A 22 -4.84 -7.74 -0.34
CA GLN A 22 -5.67 -6.59 -0.06
C GLN A 22 -4.84 -5.31 -0.07
N CYS A 23 -3.63 -5.40 0.48
CA CYS A 23 -2.72 -4.25 0.51
C CYS A 23 -2.43 -3.78 -0.91
N TYR A 24 -2.21 -4.74 -1.80
CA TYR A 24 -1.97 -4.46 -3.20
C TYR A 24 -3.15 -3.69 -3.80
N GLN A 25 -4.36 -4.02 -3.37
CA GLN A 25 -5.56 -3.45 -3.98
C GLN A 25 -5.76 -2.00 -3.58
N MET A 26 -5.34 -1.66 -2.36
CA MET A 26 -5.49 -0.30 -1.88
C MET A 26 -4.35 0.59 -2.38
N CYS A 27 -3.12 0.09 -2.30
CA CYS A 27 -1.96 0.91 -2.60
C CYS A 27 -1.68 1.00 -4.11
N SER A 28 -2.24 0.09 -4.92
CA SER A 28 -1.99 0.11 -6.37
C SER A 28 -2.44 1.41 -7.05
N PRO A 29 -3.70 1.89 -6.86
CA PRO A 29 -4.17 3.16 -7.46
C PRO A 29 -3.33 4.37 -7.02
N LEU A 30 -2.58 4.19 -5.95
CA LEU A 30 -1.70 5.23 -5.43
C LEU A 30 -0.35 5.21 -6.14
N GLU A 31 0.29 4.06 -6.09
CA GLU A 31 1.64 3.92 -6.65
C GLU A 31 1.59 3.94 -8.17
N ARG A 32 0.56 3.33 -8.75
CA ARG A 32 0.42 3.29 -10.20
C ARG A 32 -0.71 4.20 -10.66
N SER A 33 -0.51 5.50 -10.50
CA SER A 33 -1.49 6.47 -10.93
C SER A 33 -1.13 7.00 -12.33
N ALA A 1 5.11 12.24 -7.49
CA ALA A 1 6.38 11.52 -7.28
C ALA A 1 6.72 11.47 -5.79
N SER A 2 6.42 10.34 -5.16
CA SER A 2 6.65 10.18 -3.74
C SER A 2 6.66 8.70 -3.37
N PRO A 3 7.80 8.00 -3.59
CA PRO A 3 7.93 6.60 -3.17
C PRO A 3 7.73 6.45 -1.66
N GLN A 4 7.89 7.58 -0.96
CA GLN A 4 7.67 7.64 0.48
C GLN A 4 6.23 7.29 0.83
N GLN A 5 5.29 7.80 0.05
CA GLN A 5 3.87 7.53 0.28
C GLN A 5 3.57 6.06 0.05
N ALA A 6 4.09 5.53 -1.05
CA ALA A 6 3.92 4.12 -1.36
C ALA A 6 4.52 3.26 -0.26
N LYS A 7 5.67 3.68 0.24
CA LYS A 7 6.36 2.96 1.29
C LYS A 7 5.53 2.95 2.57
N TYR A 8 4.89 4.07 2.88
CA TYR A 8 4.05 4.19 4.07
C TYR A 8 2.81 3.32 3.91
N CYS A 9 2.24 3.34 2.72
CA CYS A 9 1.02 2.60 2.41
C CYS A 9 1.20 1.09 2.67
N TYR A 10 2.20 0.50 2.02
CA TYR A 10 2.43 -0.95 2.14
C TYR A 10 2.95 -1.30 3.54
N GLU A 11 3.58 -0.34 4.19
CA GLU A 11 4.05 -0.54 5.55
C GLU A 11 2.87 -0.75 6.49
N GLN A 12 2.03 0.28 6.59
CA GLN A 12 0.99 0.28 7.59
C GLN A 12 -0.16 -0.65 7.25
N CYS A 13 -0.36 -0.93 5.97
CA CYS A 13 -1.53 -1.72 5.54
C CYS A 13 -1.57 -3.07 6.26
N ASN A 14 -0.52 -3.88 6.12
CA ASN A 14 -0.48 -5.19 6.79
C ASN A 14 -0.28 -5.02 8.31
N VAL A 15 0.39 -3.94 8.71
CA VAL A 15 0.61 -3.67 10.13
C VAL A 15 -0.72 -3.39 10.83
N ASN A 16 -1.64 -2.70 10.16
CA ASN A 16 -2.95 -2.46 10.72
C ASN A 16 -3.67 -3.79 10.88
N LYS A 17 -4.13 -4.34 9.75
CA LYS A 17 -4.56 -5.73 9.64
C LYS A 17 -5.12 -6.01 8.24
N VAL A 18 -4.26 -6.31 7.28
CA VAL A 18 -4.73 -6.67 5.94
C VAL A 18 -3.78 -7.68 5.31
N PRO A 19 -4.30 -8.63 4.53
CA PRO A 19 -3.50 -9.49 3.67
C PRO A 19 -2.81 -8.69 2.55
N PHE A 20 -1.69 -9.17 2.04
CA PHE A 20 -0.95 -8.41 1.02
C PHE A 20 -1.83 -8.12 -0.20
N ASP A 21 -2.65 -9.10 -0.59
CA ASP A 21 -3.57 -8.92 -1.72
C ASP A 21 -4.49 -7.73 -1.48
N GLN A 22 -5.05 -7.65 -0.27
CA GLN A 22 -5.88 -6.52 0.12
C GLN A 22 -5.09 -5.22 0.05
N CYS A 23 -3.83 -5.28 0.49
CA CYS A 23 -2.97 -4.10 0.45
C CYS A 23 -2.78 -3.65 -0.99
N TYR A 24 -2.50 -4.60 -1.88
CA TYR A 24 -2.32 -4.29 -3.30
C TYR A 24 -3.60 -3.73 -3.89
N GLN A 25 -4.75 -4.23 -3.44
CA GLN A 25 -6.03 -3.84 -4.04
C GLN A 25 -6.28 -2.35 -3.80
N MET A 26 -5.96 -1.88 -2.61
CA MET A 26 -6.17 -0.48 -2.27
C MET A 26 -4.97 0.38 -2.66
N CYS A 27 -3.78 -0.18 -2.57
CA CYS A 27 -2.56 0.61 -2.78
C CYS A 27 -2.16 0.67 -4.26
N SER A 28 -2.74 -0.18 -5.10
CA SER A 28 -2.42 -0.19 -6.52
C SER A 28 -2.68 1.18 -7.19
N PRO A 29 -3.85 1.84 -6.99
CA PRO A 29 -4.09 3.18 -7.55
C PRO A 29 -3.03 4.21 -7.16
N LEU A 30 -2.26 3.90 -6.11
CA LEU A 30 -1.21 4.78 -5.63
C LEU A 30 0.11 4.41 -6.34
N GLU A 31 0.59 3.21 -6.07
CA GLU A 31 1.92 2.81 -6.54
C GLU A 31 1.91 2.37 -8.00
N ARG A 32 1.10 1.35 -8.31
CA ARG A 32 1.08 0.78 -9.66
C ARG A 32 -0.34 0.57 -10.14
N SER A 33 -0.84 1.51 -10.93
CA SER A 33 -2.19 1.42 -11.46
C SER A 33 -2.19 0.78 -12.84
N ALA A 1 2.74 10.90 -8.95
CA ALA A 1 3.35 9.76 -8.23
C ALA A 1 3.44 10.07 -6.75
N SER A 2 3.69 9.06 -5.95
CA SER A 2 3.77 9.22 -4.50
C SER A 2 4.62 8.11 -3.87
N PRO A 3 5.92 8.03 -4.23
CA PRO A 3 6.83 6.96 -3.77
C PRO A 3 6.86 6.81 -2.24
N GLN A 4 6.97 7.94 -1.54
CA GLN A 4 7.09 7.94 -0.10
C GLN A 4 5.81 7.44 0.56
N GLN A 5 4.68 7.97 0.12
CA GLN A 5 3.39 7.59 0.69
C GLN A 5 3.07 6.14 0.35
N ALA A 6 3.53 5.70 -0.82
CA ALA A 6 3.37 4.31 -1.23
C ALA A 6 4.05 3.38 -0.24
N LYS A 7 5.24 3.77 0.21
CA LYS A 7 6.00 2.98 1.15
C LYS A 7 5.26 2.89 2.48
N TYR A 8 4.66 4.00 2.88
CA TYR A 8 3.85 4.04 4.10
C TYR A 8 2.62 3.15 3.95
N CYS A 9 2.02 3.18 2.77
CA CYS A 9 0.81 2.41 2.49
C CYS A 9 1.11 0.91 2.64
N TYR A 10 2.15 0.45 1.97
CA TYR A 10 2.51 -0.97 1.99
C TYR A 10 3.04 -1.39 3.35
N GLU A 11 3.57 -0.45 4.10
CA GLU A 11 4.11 -0.76 5.40
C GLU A 11 2.98 -0.94 6.42
N GLN A 12 2.17 0.08 6.58
CA GLN A 12 1.17 0.10 7.65
C GLN A 12 -0.04 -0.78 7.31
N CYS A 13 -0.23 -1.10 6.04
CA CYS A 13 -1.40 -1.89 5.63
C CYS A 13 -1.43 -3.23 6.37
N ASN A 14 -0.38 -4.01 6.23
CA ASN A 14 -0.32 -5.32 6.88
C ASN A 14 0.00 -5.20 8.36
N VAL A 15 0.68 -4.13 8.76
CA VAL A 15 0.98 -3.90 10.18
C VAL A 15 -0.33 -3.64 10.94
N ASN A 16 -1.22 -2.88 10.33
CA ASN A 16 -2.51 -2.57 10.96
C ASN A 16 -3.38 -3.81 10.97
N LYS A 17 -3.90 -4.19 9.81
CA LYS A 17 -4.59 -5.46 9.62
C LYS A 17 -5.17 -5.55 8.21
N VAL A 18 -4.39 -6.01 7.24
CA VAL A 18 -4.92 -6.29 5.90
C VAL A 18 -4.11 -7.42 5.28
N PRO A 19 -4.77 -8.29 4.49
CA PRO A 19 -4.08 -9.29 3.67
C PRO A 19 -3.22 -8.63 2.59
N PHE A 20 -2.15 -9.28 2.17
CA PHE A 20 -1.26 -8.70 1.16
C PHE A 20 -2.03 -8.30 -0.10
N ASP A 21 -2.97 -9.15 -0.51
CA ASP A 21 -3.78 -8.89 -1.70
C ASP A 21 -4.60 -7.61 -1.52
N GLN A 22 -5.11 -7.38 -0.31
CA GLN A 22 -5.85 -6.15 -0.03
C GLN A 22 -4.90 -4.95 -0.09
N CYS A 23 -3.69 -5.13 0.43
CA CYS A 23 -2.69 -4.06 0.40
C CYS A 23 -2.37 -3.72 -1.05
N TYR A 24 -2.21 -4.74 -1.87
CA TYR A 24 -1.97 -4.57 -3.29
C TYR A 24 -3.19 -3.94 -3.97
N GLN A 25 -4.36 -4.19 -3.43
CA GLN A 25 -5.59 -3.71 -4.02
C GLN A 25 -5.75 -2.21 -3.81
N MET A 26 -5.32 -1.72 -2.65
CA MET A 26 -5.41 -0.30 -2.35
C MET A 26 -4.14 0.46 -2.74
N CYS A 27 -2.98 -0.04 -2.33
CA CYS A 27 -1.73 0.71 -2.48
C CYS A 27 -1.18 0.66 -3.92
N SER A 28 -1.50 -0.39 -4.68
CA SER A 28 -0.96 -0.50 -6.04
C SER A 28 -1.56 0.57 -6.98
N PRO A 29 -2.90 0.78 -7.00
CA PRO A 29 -3.52 1.89 -7.77
C PRO A 29 -3.01 3.27 -7.33
N LEU A 30 -2.31 3.30 -6.21
CA LEU A 30 -1.68 4.50 -5.71
C LEU A 30 -0.29 4.63 -6.34
N GLU A 31 0.51 3.59 -6.13
CA GLU A 31 1.92 3.57 -6.54
C GLU A 31 2.09 3.43 -8.05
N ARG A 32 1.33 2.53 -8.64
CA ARG A 32 1.53 2.19 -10.05
C ARG A 32 0.28 2.48 -10.87
N SER A 33 0.16 3.71 -11.32
CA SER A 33 -0.91 4.10 -12.23
C SER A 33 -0.45 5.26 -13.10
N ALA A 1 4.35 12.43 -7.27
CA ALA A 1 5.74 12.05 -6.94
C ALA A 1 5.93 12.00 -5.42
N SER A 2 5.91 10.80 -4.87
CA SER A 2 6.04 10.61 -3.43
C SER A 2 6.17 9.12 -3.08
N PRO A 3 7.34 8.51 -3.35
CA PRO A 3 7.57 7.09 -3.04
C PRO A 3 7.31 6.74 -1.57
N GLN A 4 7.45 7.73 -0.69
CA GLN A 4 7.28 7.50 0.74
C GLN A 4 5.83 7.22 1.09
N GLN A 5 4.92 7.90 0.42
CA GLN A 5 3.49 7.72 0.69
C GLN A 5 3.05 6.32 0.30
N ALA A 6 3.65 5.81 -0.75
CA ALA A 6 3.38 4.45 -1.21
C ALA A 6 4.02 3.44 -0.26
N LYS A 7 5.25 3.73 0.15
CA LYS A 7 5.96 2.85 1.08
C LYS A 7 5.23 2.81 2.42
N TYR A 8 4.68 3.94 2.83
CA TYR A 8 3.90 4.03 4.06
C TYR A 8 2.65 3.18 3.95
N CYS A 9 2.03 3.21 2.77
CA CYS A 9 0.81 2.44 2.52
C CYS A 9 1.10 0.94 2.62
N TYR A 10 2.12 0.48 1.91
CA TYR A 10 2.47 -0.94 1.91
C TYR A 10 3.02 -1.39 3.26
N GLU A 11 3.53 -0.44 4.03
CA GLU A 11 4.03 -0.75 5.36
C GLU A 11 2.88 -0.95 6.32
N GLN A 12 2.10 0.10 6.52
CA GLN A 12 1.09 0.11 7.56
C GLN A 12 -0.12 -0.75 7.21
N CYS A 13 -0.29 -1.07 5.93
CA CYS A 13 -1.46 -1.85 5.51
C CYS A 13 -1.54 -3.17 6.27
N ASN A 14 -0.50 -4.00 6.15
CA ASN A 14 -0.48 -5.28 6.85
C ASN A 14 -0.21 -5.11 8.34
N VAL A 15 0.49 -4.03 8.71
CA VAL A 15 0.77 -3.76 10.11
C VAL A 15 -0.52 -3.46 10.87
N ASN A 16 -1.42 -2.71 10.24
CA ASN A 16 -2.72 -2.44 10.85
C ASN A 16 -3.51 -3.75 10.93
N LYS A 17 -4.01 -4.19 9.78
CA LYS A 17 -4.54 -5.54 9.60
C LYS A 17 -5.17 -5.70 8.22
N VAL A 18 -4.36 -6.05 7.22
CA VAL A 18 -4.91 -6.39 5.90
C VAL A 18 -4.06 -7.49 5.27
N PRO A 19 -4.69 -8.40 4.53
CA PRO A 19 -3.97 -9.38 3.71
C PRO A 19 -3.15 -8.70 2.62
N PHE A 20 -2.06 -9.33 2.17
CA PHE A 20 -1.19 -8.72 1.18
C PHE A 20 -1.98 -8.35 -0.08
N ASP A 21 -2.87 -9.25 -0.51
CA ASP A 21 -3.69 -9.01 -1.69
C ASP A 21 -4.55 -7.74 -1.52
N GLN A 22 -5.05 -7.53 -0.30
CA GLN A 22 -5.80 -6.32 0.00
C GLN A 22 -4.89 -5.09 -0.06
N CYS A 23 -3.67 -5.24 0.44
CA CYS A 23 -2.70 -4.15 0.38
C CYS A 23 -2.42 -3.78 -1.07
N TYR A 24 -2.32 -4.80 -1.91
CA TYR A 24 -2.12 -4.63 -3.34
C TYR A 24 -3.34 -3.97 -3.99
N GLN A 25 -4.51 -4.14 -3.41
CA GLN A 25 -5.71 -3.57 -3.99
C GLN A 25 -5.84 -2.09 -3.65
N MET A 26 -5.30 -1.70 -2.51
CA MET A 26 -5.38 -0.32 -2.08
C MET A 26 -4.15 0.48 -2.53
N CYS A 27 -2.95 -0.01 -2.23
CA CYS A 27 -1.73 0.78 -2.42
C CYS A 27 -1.20 0.72 -3.86
N SER A 28 -1.48 -0.37 -4.57
CA SER A 28 -0.96 -0.51 -5.93
C SER A 28 -1.58 0.50 -6.91
N PRO A 29 -2.94 0.64 -6.96
CA PRO A 29 -3.57 1.69 -7.79
C PRO A 29 -3.08 3.09 -7.43
N LEU A 30 -2.58 3.24 -6.20
CA LEU A 30 -1.99 4.49 -5.74
C LEU A 30 -0.64 4.69 -6.42
N GLU A 31 0.25 3.73 -6.20
CA GLU A 31 1.62 3.81 -6.68
C GLU A 31 1.66 3.78 -8.20
N ARG A 32 1.00 2.79 -8.79
CA ARG A 32 1.10 2.58 -10.23
C ARG A 32 -0.29 2.56 -10.86
N SER A 33 -0.65 3.67 -11.48
CA SER A 33 -1.94 3.79 -12.15
C SER A 33 -1.77 3.64 -13.66
N ALA A 1 4.62 10.67 -7.75
CA ALA A 1 5.94 11.30 -7.51
C ALA A 1 6.30 11.26 -6.03
N SER A 2 6.26 10.06 -5.45
CA SER A 2 6.54 9.89 -4.03
C SER A 2 6.53 8.40 -3.68
N PRO A 3 7.61 7.65 -4.02
CA PRO A 3 7.73 6.23 -3.65
C PRO A 3 7.59 6.01 -2.15
N GLN A 4 7.95 7.01 -1.37
CA GLN A 4 7.87 6.94 0.09
C GLN A 4 6.44 6.78 0.56
N GLN A 5 5.53 7.56 -0.01
CA GLN A 5 4.13 7.51 0.42
C GLN A 5 3.49 6.16 0.07
N ALA A 6 3.94 5.58 -1.04
CA ALA A 6 3.51 4.24 -1.41
C ALA A 6 4.01 3.23 -0.39
N LYS A 7 5.23 3.42 0.06
CA LYS A 7 5.81 2.56 1.07
C LYS A 7 5.04 2.67 2.38
N TYR A 8 4.55 3.88 2.68
CA TYR A 8 3.75 4.10 3.87
C TYR A 8 2.46 3.29 3.81
N CYS A 9 1.83 3.29 2.64
CA CYS A 9 0.59 2.53 2.42
C CYS A 9 0.85 1.04 2.66
N TYR A 10 1.94 0.54 2.08
CA TYR A 10 2.30 -0.87 2.19
C TYR A 10 2.83 -1.22 3.58
N GLU A 11 3.43 -0.26 4.27
CA GLU A 11 3.95 -0.53 5.60
C GLU A 11 2.81 -0.65 6.60
N GLN A 12 1.90 0.31 6.59
CA GLN A 12 0.87 0.38 7.63
C GLN A 12 -0.27 -0.59 7.38
N CYS A 13 -0.41 -1.06 6.13
CA CYS A 13 -1.52 -1.95 5.79
C CYS A 13 -1.42 -3.26 6.58
N ASN A 14 -0.29 -3.95 6.46
CA ASN A 14 -0.09 -5.21 7.17
C ASN A 14 0.13 -4.97 8.67
N VAL A 15 0.63 -3.79 9.03
CA VAL A 15 0.81 -3.45 10.43
C VAL A 15 -0.53 -3.44 11.16
N ASN A 16 -1.55 -2.84 10.53
CA ASN A 16 -2.87 -2.82 11.14
C ASN A 16 -3.46 -4.22 11.12
N LYS A 17 -3.95 -4.64 9.95
CA LYS A 17 -4.32 -6.02 9.68
C LYS A 17 -4.96 -6.14 8.30
N VAL A 18 -4.16 -6.33 7.26
CA VAL A 18 -4.71 -6.59 5.94
C VAL A 18 -3.86 -7.64 5.23
N PRO A 19 -4.51 -8.53 4.45
CA PRO A 19 -3.80 -9.46 3.59
C PRO A 19 -3.04 -8.74 2.47
N PHE A 20 -1.99 -9.35 1.95
CA PHE A 20 -1.18 -8.72 0.91
C PHE A 20 -2.05 -8.28 -0.27
N ASP A 21 -3.01 -9.12 -0.65
CA ASP A 21 -3.92 -8.82 -1.75
C ASP A 21 -4.65 -7.51 -1.51
N GLN A 22 -5.23 -7.34 -0.32
CA GLN A 22 -5.92 -6.10 0.01
C GLN A 22 -4.94 -4.93 -0.02
N CYS A 23 -3.74 -5.15 0.51
CA CYS A 23 -2.72 -4.10 0.52
C CYS A 23 -2.37 -3.71 -0.91
N TYR A 24 -2.22 -4.71 -1.77
CA TYR A 24 -1.91 -4.45 -3.16
C TYR A 24 -3.07 -3.72 -3.83
N GLN A 25 -4.30 -4.07 -3.47
CA GLN A 25 -5.46 -3.51 -4.15
C GLN A 25 -5.71 -2.07 -3.74
N MET A 26 -5.37 -1.73 -2.51
CA MET A 26 -5.54 -0.38 -2.02
C MET A 26 -4.40 0.54 -2.48
N CYS A 27 -3.18 0.06 -2.37
CA CYS A 27 -2.02 0.90 -2.65
C CYS A 27 -1.63 0.89 -4.15
N SER A 28 -2.21 -0.02 -4.93
CA SER A 28 -1.86 -0.10 -6.36
C SER A 28 -2.17 1.18 -7.13
N PRO A 29 -3.40 1.77 -7.04
CA PRO A 29 -3.72 3.02 -7.74
C PRO A 29 -2.75 4.15 -7.40
N LEU A 30 -2.16 4.06 -6.21
CA LEU A 30 -1.21 5.04 -5.74
C LEU A 30 0.15 4.80 -6.41
N GLU A 31 0.67 3.60 -6.21
CA GLU A 31 2.00 3.24 -6.71
C GLU A 31 2.06 3.27 -8.24
N ARG A 32 1.03 2.74 -8.87
CA ARG A 32 0.96 2.72 -10.33
C ARG A 32 -0.49 2.73 -10.78
N SER A 33 -1.09 1.54 -10.86
CA SER A 33 -2.45 1.38 -11.31
C SER A 33 -2.82 -0.09 -11.30
N ALA A 1 5.54 12.11 -8.31
CA ALA A 1 6.16 11.11 -7.42
C ALA A 1 5.34 10.94 -6.15
N SER A 2 5.38 9.74 -5.58
CA SER A 2 4.68 9.46 -4.33
C SER A 2 5.29 8.21 -3.65
N PRO A 3 6.62 8.18 -3.47
CA PRO A 3 7.31 6.99 -2.97
C PRO A 3 6.99 6.67 -1.51
N GLN A 4 7.05 7.69 -0.66
CA GLN A 4 6.85 7.49 0.78
C GLN A 4 5.44 7.05 1.08
N GLN A 5 4.46 7.62 0.39
CA GLN A 5 3.07 7.23 0.60
C GLN A 5 2.85 5.78 0.22
N ALA A 6 3.45 5.38 -0.89
CA ALA A 6 3.35 4.00 -1.33
C ALA A 6 4.02 3.06 -0.35
N LYS A 7 5.21 3.44 0.10
CA LYS A 7 5.96 2.61 1.04
C LYS A 7 5.24 2.57 2.39
N TYR A 8 4.69 3.72 2.78
CA TYR A 8 3.94 3.81 4.04
C TYR A 8 2.72 2.92 3.99
N CYS A 9 2.03 2.92 2.86
CA CYS A 9 0.85 2.07 2.69
C CYS A 9 1.21 0.60 2.84
N TYR A 10 2.17 0.16 2.04
CA TYR A 10 2.54 -1.26 2.02
C TYR A 10 3.23 -1.68 3.31
N GLU A 11 3.74 -0.70 4.05
CA GLU A 11 4.30 -0.96 5.37
C GLU A 11 3.18 -1.11 6.41
N GLN A 12 2.33 -0.09 6.53
CA GLN A 12 1.36 -0.02 7.60
C GLN A 12 0.12 -0.86 7.32
N CYS A 13 -0.11 -1.21 6.05
CA CYS A 13 -1.33 -1.93 5.67
C CYS A 13 -1.50 -3.21 6.50
N ASN A 14 -0.48 -4.05 6.52
CA ASN A 14 -0.54 -5.27 7.30
C ASN A 14 -0.43 -4.97 8.80
N VAL A 15 0.24 -3.88 9.15
CA VAL A 15 0.40 -3.51 10.55
C VAL A 15 -0.94 -3.12 11.14
N ASN A 16 -1.77 -2.46 10.34
CA ASN A 16 -3.13 -2.13 10.77
C ASN A 16 -3.95 -3.42 10.85
N LYS A 17 -4.32 -3.93 9.67
CA LYS A 17 -4.86 -5.28 9.54
C LYS A 17 -5.29 -5.55 8.09
N VAL A 18 -4.35 -5.94 7.23
CA VAL A 18 -4.71 -6.33 5.86
C VAL A 18 -3.65 -7.28 5.31
N PRO A 19 -4.06 -8.29 4.53
CA PRO A 19 -3.15 -9.13 3.75
C PRO A 19 -2.47 -8.31 2.64
N PHE A 20 -1.28 -8.72 2.21
CA PHE A 20 -0.53 -7.97 1.20
C PHE A 20 -1.35 -7.79 -0.09
N ASP A 21 -2.09 -8.82 -0.48
CA ASP A 21 -2.95 -8.74 -1.65
C ASP A 21 -3.96 -7.61 -1.50
N GLN A 22 -4.46 -7.43 -0.28
CA GLN A 22 -5.37 -6.34 0.02
C GLN A 22 -4.61 -5.00 0.04
N CYS A 23 -3.35 -5.03 0.48
CA CYS A 23 -2.50 -3.84 0.39
C CYS A 23 -2.44 -3.38 -1.06
N TYR A 24 -2.26 -4.34 -1.96
CA TYR A 24 -2.19 -4.06 -3.39
C TYR A 24 -3.53 -3.54 -3.90
N GLN A 25 -4.63 -4.10 -3.44
CA GLN A 25 -5.93 -3.74 -3.97
C GLN A 25 -6.26 -2.28 -3.68
N MET A 26 -5.83 -1.82 -2.52
CA MET A 26 -6.12 -0.45 -2.09
C MET A 26 -5.12 0.54 -2.68
N CYS A 27 -3.84 0.19 -2.66
CA CYS A 27 -2.80 1.14 -3.05
C CYS A 27 -2.22 0.88 -4.44
N SER A 28 -2.81 -0.04 -5.19
CA SER A 28 -2.43 -0.21 -6.60
C SER A 28 -2.60 1.10 -7.40
N PRO A 29 -3.74 1.82 -7.29
CA PRO A 29 -3.91 3.13 -7.95
C PRO A 29 -2.92 4.18 -7.45
N LEU A 30 -2.24 3.86 -6.35
CA LEU A 30 -1.28 4.76 -5.74
C LEU A 30 0.10 4.51 -6.34
N GLU A 31 0.57 3.28 -6.19
CA GLU A 31 1.92 2.91 -6.61
C GLU A 31 1.97 2.64 -8.12
N ARG A 32 0.95 1.98 -8.65
CA ARG A 32 0.94 1.62 -10.06
C ARG A 32 0.18 2.66 -10.87
N SER A 33 0.40 2.68 -12.17
CA SER A 33 -0.26 3.62 -13.05
C SER A 33 -0.56 2.99 -14.41
N ALA A 1 6.33 12.02 -7.97
CA ALA A 1 7.04 10.75 -7.70
C ALA A 1 7.45 10.68 -6.23
N SER A 2 7.11 9.57 -5.58
CA SER A 2 7.38 9.39 -4.16
C SER A 2 7.14 7.95 -3.75
N PRO A 3 8.11 7.04 -4.01
CA PRO A 3 7.99 5.63 -3.61
C PRO A 3 7.80 5.45 -2.10
N GLN A 4 8.13 6.48 -1.34
CA GLN A 4 7.97 6.43 0.12
C GLN A 4 6.50 6.46 0.50
N GLN A 5 5.69 7.15 -0.28
CA GLN A 5 4.25 7.21 -0.04
C GLN A 5 3.63 5.83 -0.19
N ALA A 6 4.08 5.12 -1.21
CA ALA A 6 3.63 3.75 -1.44
C ALA A 6 4.11 2.84 -0.32
N LYS A 7 5.35 3.05 0.09
CA LYS A 7 5.94 2.26 1.16
C LYS A 7 5.17 2.48 2.47
N TYR A 8 4.69 3.70 2.68
CA TYR A 8 3.87 4.01 3.85
C TYR A 8 2.57 3.21 3.81
N CYS A 9 1.96 3.14 2.63
CA CYS A 9 0.70 2.43 2.47
C CYS A 9 0.90 0.94 2.76
N TYR A 10 1.92 0.35 2.15
CA TYR A 10 2.22 -1.07 2.35
C TYR A 10 2.68 -1.34 3.77
N GLU A 11 3.27 -0.35 4.42
CA GLU A 11 3.68 -0.51 5.80
C GLU A 11 2.45 -0.55 6.71
N GLN A 12 1.62 0.48 6.63
CA GLN A 12 0.52 0.63 7.58
C GLN A 12 -0.57 -0.41 7.35
N CYS A 13 -0.71 -0.90 6.13
CA CYS A 13 -1.73 -1.89 5.83
C CYS A 13 -1.47 -3.17 6.61
N ASN A 14 -0.25 -3.68 6.53
CA ASN A 14 0.14 -4.87 7.27
C ASN A 14 0.30 -4.58 8.77
N VAL A 15 0.66 -3.34 9.10
CA VAL A 15 0.77 -2.94 10.50
C VAL A 15 -0.59 -3.01 11.17
N ASN A 16 -1.64 -2.58 10.47
CA ASN A 16 -2.97 -2.64 11.05
C ASN A 16 -3.47 -4.08 11.04
N LYS A 17 -3.90 -4.55 9.88
CA LYS A 17 -4.23 -5.97 9.66
C LYS A 17 -4.84 -6.18 8.27
N VAL A 18 -4.03 -6.36 7.23
CA VAL A 18 -4.57 -6.70 5.91
C VAL A 18 -3.60 -7.65 5.19
N PRO A 19 -4.14 -8.60 4.40
CA PRO A 19 -3.34 -9.46 3.53
C PRO A 19 -2.68 -8.67 2.40
N PHE A 20 -1.57 -9.16 1.87
CA PHE A 20 -0.83 -8.42 0.84
C PHE A 20 -1.72 -8.07 -0.35
N ASP A 21 -2.51 -9.04 -0.81
CA ASP A 21 -3.38 -8.85 -1.98
C ASP A 21 -4.34 -7.68 -1.74
N GLN A 22 -4.90 -7.59 -0.54
CA GLN A 22 -5.77 -6.48 -0.18
C GLN A 22 -4.97 -5.18 -0.10
N CYS A 23 -3.75 -5.26 0.43
CA CYS A 23 -2.88 -4.10 0.50
C CYS A 23 -2.58 -3.60 -0.91
N TYR A 24 -2.32 -4.55 -1.81
CA TYR A 24 -2.08 -4.23 -3.20
C TYR A 24 -3.29 -3.53 -3.79
N GLN A 25 -4.48 -3.96 -3.41
CA GLN A 25 -5.71 -3.41 -3.96
C GLN A 25 -5.84 -1.92 -3.60
N MET A 26 -5.48 -1.59 -2.38
CA MET A 26 -5.61 -0.22 -1.89
C MET A 26 -4.44 0.66 -2.33
N CYS A 27 -3.23 0.14 -2.23
CA CYS A 27 -2.03 0.94 -2.50
C CYS A 27 -1.73 1.06 -3.99
N SER A 28 -2.23 0.14 -4.82
CA SER A 28 -1.93 0.17 -6.25
C SER A 28 -2.39 1.48 -6.93
N PRO A 29 -3.64 1.97 -6.73
CA PRO A 29 -4.11 3.23 -7.33
C PRO A 29 -3.23 4.43 -6.97
N LEU A 30 -2.48 4.29 -5.88
CA LEU A 30 -1.55 5.32 -5.46
C LEU A 30 -0.28 5.23 -6.30
N GLU A 31 0.36 4.08 -6.23
CA GLU A 31 1.65 3.86 -6.87
C GLU A 31 1.51 3.88 -8.40
N ARG A 32 0.40 3.37 -8.91
CA ARG A 32 0.21 3.27 -10.34
C ARG A 32 -1.22 3.64 -10.72
N SER A 33 -1.38 4.29 -11.86
CA SER A 33 -2.70 4.62 -12.35
C SER A 33 -3.17 3.56 -13.35
N ALA A 1 4.03 9.71 -8.17
CA ALA A 1 3.18 10.54 -7.30
C ALA A 1 3.89 10.87 -5.99
N SER A 2 4.22 9.82 -5.25
CA SER A 2 4.88 9.97 -3.96
C SER A 2 5.35 8.59 -3.47
N PRO A 3 6.54 8.14 -3.91
CA PRO A 3 7.07 6.82 -3.55
C PRO A 3 7.11 6.58 -2.04
N GLN A 4 7.27 7.65 -1.27
CA GLN A 4 7.33 7.55 0.19
C GLN A 4 5.98 7.13 0.76
N GLN A 5 4.92 7.82 0.36
CA GLN A 5 3.60 7.53 0.90
C GLN A 5 3.14 6.13 0.49
N ALA A 6 3.54 5.73 -0.71
CA ALA A 6 3.25 4.39 -1.19
C ALA A 6 4.00 3.35 -0.38
N LYS A 7 5.27 3.65 -0.09
CA LYS A 7 6.09 2.76 0.70
C LYS A 7 5.50 2.60 2.10
N TYR A 8 4.97 3.70 2.63
CA TYR A 8 4.33 3.69 3.93
C TYR A 8 3.01 2.93 3.87
N CYS A 9 2.28 3.08 2.77
CA CYS A 9 1.02 2.35 2.57
C CYS A 9 1.26 0.85 2.66
N TYR A 10 2.29 0.38 1.95
CA TYR A 10 2.62 -1.04 1.95
C TYR A 10 3.17 -1.48 3.31
N GLU A 11 3.64 -0.53 4.09
CA GLU A 11 4.12 -0.83 5.43
C GLU A 11 2.94 -0.93 6.42
N GLN A 12 2.08 0.08 6.43
CA GLN A 12 1.05 0.17 7.45
C GLN A 12 -0.15 -0.72 7.15
N CYS A 13 -0.29 -1.16 5.90
CA CYS A 13 -1.45 -1.94 5.50
C CYS A 13 -1.57 -3.20 6.35
N ASN A 14 -0.53 -4.02 6.38
CA ASN A 14 -0.53 -5.23 7.21
C ASN A 14 -0.43 -4.86 8.69
N VAL A 15 0.19 -3.72 8.99
CA VAL A 15 0.32 -3.25 10.36
C VAL A 15 -1.05 -2.99 10.96
N ASN A 16 -1.93 -2.38 10.18
CA ASN A 16 -3.29 -2.12 10.63
C ASN A 16 -4.05 -3.43 10.74
N LYS A 17 -4.42 -4.00 9.59
CA LYS A 17 -4.92 -5.36 9.52
C LYS A 17 -5.37 -5.69 8.09
N VAL A 18 -4.45 -6.13 7.23
CA VAL A 18 -4.83 -6.56 5.89
C VAL A 18 -3.88 -7.64 5.40
N PRO A 19 -4.38 -8.60 4.60
CA PRO A 19 -3.53 -9.54 3.87
C PRO A 19 -2.79 -8.85 2.72
N PHE A 20 -1.65 -9.38 2.29
CA PHE A 20 -0.84 -8.71 1.27
C PHE A 20 -1.65 -8.35 0.03
N ASP A 21 -2.52 -9.27 -0.39
CA ASP A 21 -3.34 -9.06 -1.59
C ASP A 21 -4.21 -7.82 -1.45
N GLN A 22 -4.79 -7.62 -0.27
CA GLN A 22 -5.58 -6.42 -0.01
C GLN A 22 -4.67 -5.20 0.00
N CYS A 23 -3.47 -5.37 0.54
CA CYS A 23 -2.48 -4.29 0.58
C CYS A 23 -2.19 -3.81 -0.84
N TYR A 24 -2.02 -4.75 -1.75
CA TYR A 24 -1.81 -4.43 -3.14
C TYR A 24 -3.00 -3.68 -3.72
N GLN A 25 -4.20 -4.13 -3.39
CA GLN A 25 -5.40 -3.59 -4.03
C GLN A 25 -5.75 -2.20 -3.52
N MET A 26 -5.28 -1.87 -2.33
CA MET A 26 -5.50 -0.54 -1.79
C MET A 26 -4.37 0.41 -2.19
N CYS A 27 -3.12 -0.03 -2.06
CA CYS A 27 -1.99 0.85 -2.30
C CYS A 27 -1.62 0.95 -3.79
N SER A 28 -1.94 -0.06 -4.59
CA SER A 28 -1.58 -0.03 -6.01
C SER A 28 -2.25 1.14 -6.76
N PRO A 29 -3.60 1.32 -6.67
CA PRO A 29 -4.28 2.47 -7.30
C PRO A 29 -3.67 3.81 -6.90
N LEU A 30 -3.18 3.88 -5.67
CA LEU A 30 -2.49 5.06 -5.16
C LEU A 30 -1.19 5.30 -5.91
N GLU A 31 -0.39 4.24 -5.99
CA GLU A 31 0.95 4.32 -6.55
C GLU A 31 0.89 4.40 -8.09
N ARG A 32 0.12 3.51 -8.69
CA ARG A 32 0.03 3.46 -10.15
C ARG A 32 -0.89 4.55 -10.67
N SER A 33 -0.31 5.65 -11.09
CA SER A 33 -1.07 6.77 -11.61
C SER A 33 -0.67 7.02 -13.07
N ALA A 1 5.81 13.26 -6.79
CA ALA A 1 6.47 11.96 -6.65
C ALA A 1 6.97 11.76 -5.22
N SER A 2 6.70 10.59 -4.66
CA SER A 2 7.11 10.26 -3.31
C SER A 2 6.88 8.78 -3.04
N PRO A 3 7.79 7.90 -3.54
CA PRO A 3 7.71 6.45 -3.28
C PRO A 3 7.58 6.13 -1.78
N GLN A 4 8.11 7.03 -0.96
CA GLN A 4 8.05 6.91 0.49
C GLN A 4 6.59 6.85 0.97
N GLN A 5 5.72 7.60 0.30
CA GLN A 5 4.32 7.64 0.67
C GLN A 5 3.64 6.32 0.33
N ALA A 6 3.97 5.77 -0.83
CA ALA A 6 3.44 4.48 -1.23
C ALA A 6 3.93 3.40 -0.29
N LYS A 7 5.20 3.50 0.10
CA LYS A 7 5.79 2.55 1.03
C LYS A 7 5.09 2.64 2.39
N TYR A 8 4.64 3.83 2.73
CA TYR A 8 3.92 4.04 3.99
C TYR A 8 2.63 3.24 3.99
N CYS A 9 1.89 3.27 2.88
CA CYS A 9 0.67 2.50 2.76
C CYS A 9 0.94 1.02 2.94
N TYR A 10 1.90 0.51 2.18
CA TYR A 10 2.22 -0.91 2.18
C TYR A 10 2.85 -1.35 3.50
N GLU A 11 3.54 -0.43 4.16
CA GLU A 11 4.11 -0.73 5.47
C GLU A 11 3.00 -0.85 6.52
N GLN A 12 2.13 0.15 6.59
CA GLN A 12 1.16 0.24 7.67
C GLN A 12 -0.06 -0.65 7.43
N CYS A 13 -0.32 -1.02 6.18
CA CYS A 13 -1.53 -1.78 5.85
C CYS A 13 -1.54 -3.12 6.59
N ASN A 14 -0.44 -3.87 6.49
CA ASN A 14 -0.34 -5.15 7.19
C ASN A 14 -0.18 -4.93 8.69
N VAL A 15 0.41 -3.82 9.07
CA VAL A 15 0.61 -3.50 10.48
C VAL A 15 -0.74 -3.26 11.16
N ASN A 16 -1.67 -2.65 10.44
CA ASN A 16 -3.02 -2.49 10.97
C ASN A 16 -3.74 -3.82 10.96
N LYS A 17 -4.17 -4.25 9.76
CA LYS A 17 -4.67 -5.60 9.54
C LYS A 17 -5.13 -5.79 8.09
N VAL A 18 -4.22 -6.11 7.18
CA VAL A 18 -4.61 -6.48 5.82
C VAL A 18 -3.62 -7.49 5.23
N PRO A 19 -4.11 -8.47 4.48
CA PRO A 19 -3.27 -9.34 3.66
C PRO A 19 -2.62 -8.58 2.50
N PHE A 20 -1.48 -9.06 2.00
CA PHE A 20 -0.77 -8.36 0.92
C PHE A 20 -1.70 -8.09 -0.27
N ASP A 21 -2.49 -9.10 -0.65
CA ASP A 21 -3.41 -8.95 -1.78
C ASP A 21 -4.36 -7.79 -1.56
N GLN A 22 -4.86 -7.65 -0.33
CA GLN A 22 -5.73 -6.54 0.03
C GLN A 22 -4.98 -5.22 -0.04
N CYS A 23 -3.73 -5.23 0.41
CA CYS A 23 -2.90 -4.02 0.40
C CYS A 23 -2.68 -3.56 -1.04
N TYR A 24 -2.47 -4.53 -1.92
CA TYR A 24 -2.31 -4.26 -3.34
C TYR A 24 -3.60 -3.69 -3.92
N GLN A 25 -4.74 -4.19 -3.49
CA GLN A 25 -6.01 -3.81 -4.10
C GLN A 25 -6.38 -2.37 -3.75
N MET A 26 -5.82 -1.88 -2.65
CA MET A 26 -6.08 -0.51 -2.22
C MET A 26 -5.07 0.48 -2.81
N CYS A 27 -3.78 0.21 -2.64
CA CYS A 27 -2.76 1.21 -3.00
C CYS A 27 -2.04 0.92 -4.32
N SER A 28 -2.47 -0.09 -5.07
CA SER A 28 -1.90 -0.28 -6.40
C SER A 28 -2.12 0.96 -7.30
N PRO A 29 -3.34 1.57 -7.33
CA PRO A 29 -3.57 2.81 -8.10
C PRO A 29 -2.60 3.93 -7.69
N LEU A 30 -2.07 3.81 -6.49
CA LEU A 30 -1.10 4.76 -5.98
C LEU A 30 0.29 4.42 -6.53
N GLU A 31 0.75 3.22 -6.21
CA GLU A 31 2.11 2.80 -6.53
C GLU A 31 2.21 2.35 -7.99
N ARG A 32 1.63 1.21 -8.29
CA ARG A 32 1.66 0.66 -9.64
C ARG A 32 0.39 -0.12 -9.93
N SER A 33 -0.35 0.35 -10.93
CA SER A 33 -1.60 -0.28 -11.31
C SER A 33 -1.71 -0.27 -12.82
#